data_5E30
#
_entry.id   5E30
#
_cell.length_a   69.901
_cell.length_b   228.524
_cell.length_c   70.682
_cell.angle_alpha   90.00
_cell.angle_beta   114.29
_cell.angle_gamma   90.00
#
_symmetry.space_group_name_H-M   'P 1 21 1'
#
loop_
_entity.id
_entity.type
_entity.pdbx_description
1 polymer Hemagglutinin
2 polymer Hemagglutinin
3 branched beta-L-fucopyranose-(1-3)-[2-acetamido-2-deoxy-beta-D-glucopyranose-(1-4)][alpha-L-fucopyranose-(1-6)]2-acetamido-2-deoxy-beta-D-glucopyranose
4 branched 'N-acetyl-alpha-neuraminic acid-(2-6)-beta-D-galactopyranose-(1-4)-2-acetamido-2-deoxy-beta-D-glucopyranose-(1-3)-beta-D-galactopyranose'
5 branched beta-L-fucopyranose-(1-3)-[2-acetamido-2-deoxy-beta-D-glucopyranose-(1-4)]2-acetamido-2-deoxy-beta-D-glucopyranose
6 non-polymer 2-acetamido-2-deoxy-beta-D-glucopyranose
7 water water
#
loop_
_entity_poly.entity_id
_entity_poly.type
_entity_poly.pdbx_seq_one_letter_code
_entity_poly.pdbx_strand_id
1 'polypeptide(L)'
;ADPGDQICIGYHANNSTEQVDTIMEKNVTVTHAQDILEKTHNGKLCNLDGVKPLILRDCSVAGWLLGNPMCDEFLNVPEW
SYIVEKINPANDLCYPGNFNDYEELKHLLSRINHFEKIQITPKNSWSDHEASGVSSACPYQGRSSFFRNVVWLTKKDNAY
PTIKRSYNNTNQEDLLVLWGIHHPNDATEQTRLYQNPTTYISVGTSTLNQKLVPKIATRSKVKGLSGRMEFFWTILKSND
AINFESNGNFIAPENAYKIVKKGDSTIMKSELEYGDCNTKCQTPIGAINSSMPFHNIHPLTIGECPKYVKSNRLVLATGL
RNSPQGERRRKKR
;
C,A,E
2 'polypeptide(L)'
;GLFGAIAGFIEGGWQGMVDGWYGYHHSNEQGSGYAADKESTQKAIDGVTNKVNSIIDKMNTQFEAVGREFNNLERRIENL
NKKMEDGFLDVWTYNAELLVLMENERTLDFHDSNVKNLYDKVRLQLRDNAKELGNGCFEFYHRCDNECMESVRNGTYDYP
QYSEEARLKREEISGRLVPR
;
D,B,F
#
loop_
_chem_comp.id
_chem_comp.type
_chem_comp.name
_chem_comp.formula
FUC L-saccharide, alpha linking alpha-L-fucopyranose 'C6 H12 O5'
FUL L-saccharide, beta linking beta-L-fucopyranose 'C6 H12 O5'
GAL D-saccharide, beta linking beta-D-galactopyranose 'C6 H12 O6'
NAG D-saccharide, beta linking 2-acetamido-2-deoxy-beta-D-glucopyranose 'C8 H15 N O6'
SIA D-saccharide, alpha linking 'N-acetyl-alpha-neuraminic acid' 'C11 H19 N O9'
#
# COMPACT_ATOMS: atom_id res chain seq x y z
N ASP A 2 38.57 15.08 -57.92
CA ASP A 2 38.69 15.99 -56.78
C ASP A 2 37.39 16.09 -55.97
N PRO A 3 37.52 16.32 -54.64
CA PRO A 3 36.40 16.41 -53.70
C PRO A 3 35.21 17.26 -54.19
N GLY A 4 34.03 16.63 -54.25
CA GLY A 4 32.81 17.27 -54.72
C GLY A 4 31.83 17.71 -53.66
N ASP A 5 30.55 17.37 -53.89
CA ASP A 5 29.44 17.80 -53.06
C ASP A 5 29.19 16.87 -51.85
N GLN A 6 28.63 17.43 -50.78
CA GLN A 6 28.49 16.72 -49.49
C GLN A 6 27.15 16.93 -48.78
N ILE A 7 26.65 15.86 -48.16
CA ILE A 7 25.51 15.92 -47.23
C ILE A 7 25.92 15.23 -45.93
N CYS A 8 25.46 15.76 -44.79
CA CYS A 8 25.76 15.16 -43.48
C CYS A 8 24.51 15.00 -42.62
N ILE A 9 24.51 13.97 -41.78
CA ILE A 9 23.44 13.75 -40.81
C ILE A 9 23.93 14.10 -39.42
N GLY A 10 23.21 14.96 -38.73
CA GLY A 10 23.65 15.39 -37.42
C GLY A 10 22.48 15.79 -36.55
N TYR A 11 22.79 16.06 -35.29
CA TYR A 11 21.74 16.34 -34.33
C TYR A 11 22.03 17.62 -33.57
N HIS A 12 21.03 18.09 -32.83
CA HIS A 12 21.10 19.38 -32.16
C HIS A 12 21.97 19.34 -30.91
N ALA A 13 22.52 20.50 -30.57
CA ALA A 13 23.25 20.65 -29.33
C ALA A 13 23.02 22.08 -28.86
N ASN A 14 23.37 22.36 -27.61
CA ASN A 14 23.26 23.71 -27.07
C ASN A 14 24.08 23.91 -25.80
N ASN A 15 23.80 25.00 -25.08
CA ASN A 15 24.57 25.37 -23.90
C ASN A 15 23.85 24.95 -22.62
N SER A 16 23.13 23.83 -22.70
CA SER A 16 22.33 23.34 -21.59
C SER A 16 23.16 22.58 -20.56
N THR A 17 22.85 22.79 -19.29
CA THR A 17 23.57 22.13 -18.22
C THR A 17 22.62 21.26 -17.39
N GLU A 18 21.36 21.20 -17.83
CA GLU A 18 20.40 20.34 -17.17
C GLU A 18 20.81 18.88 -17.25
N GLN A 19 20.87 18.24 -16.08
CA GLN A 19 21.25 16.85 -15.99
C GLN A 19 20.02 16.00 -15.64
N VAL A 20 19.98 14.78 -16.14
CA VAL A 20 18.95 13.82 -15.73
C VAL A 20 19.63 12.54 -15.30
N ASP A 21 18.86 11.62 -14.74
CA ASP A 21 19.39 10.31 -14.36
C ASP A 21 18.64 9.23 -15.13
N THR A 22 19.30 8.09 -15.31
CA THR A 22 18.67 6.86 -15.78
C THR A 22 19.12 5.74 -14.85
N ILE A 23 18.72 4.50 -15.13
CA ILE A 23 19.09 3.38 -14.26
C ILE A 23 20.58 3.09 -14.34
N MET A 24 21.13 3.30 -15.53
CA MET A 24 22.50 2.92 -15.81
C MET A 24 23.48 4.10 -15.67
N GLU A 25 22.98 5.30 -15.93
CA GLU A 25 23.85 6.47 -16.02
C GLU A 25 23.35 7.63 -15.15
N LYS A 26 24.25 8.26 -14.41
CA LYS A 26 23.91 9.40 -13.54
C LYS A 26 24.40 10.77 -14.08
N ASN A 27 23.71 11.83 -13.68
CA ASN A 27 24.10 13.21 -14.02
C ASN A 27 24.38 13.44 -15.50
N VAL A 28 23.53 12.90 -16.36
CA VAL A 28 23.68 13.05 -17.80
C VAL A 28 23.15 14.37 -18.30
N THR A 29 23.98 15.12 -19.00
CA THR A 29 23.55 16.41 -19.51
C THR A 29 22.80 16.29 -20.85
N VAL A 30 21.63 16.92 -20.91
CA VAL A 30 20.73 16.83 -22.06
C VAL A 30 20.46 18.23 -22.63
N THR A 31 19.91 18.29 -23.83
CA THR A 31 19.60 19.57 -24.49
C THR A 31 18.32 20.21 -23.96
N HIS A 32 17.30 19.40 -23.70
CA HIS A 32 16.05 19.89 -23.12
C HIS A 32 15.53 18.94 -22.06
N ALA A 33 15.21 19.47 -20.89
CA ALA A 33 14.62 18.66 -19.82
C ALA A 33 13.38 19.31 -19.26
N GLN A 34 12.65 18.55 -18.47
CA GLN A 34 11.45 19.09 -17.84
C GLN A 34 11.36 18.67 -16.40
N ASP A 35 11.59 19.63 -15.52
CA ASP A 35 11.37 19.44 -14.11
C ASP A 35 9.89 19.20 -13.90
N ILE A 36 9.53 18.13 -13.20
CA ILE A 36 8.12 17.87 -13.00
C ILE A 36 7.77 17.92 -11.52
N LEU A 37 8.70 18.43 -10.71
CA LEU A 37 8.55 18.43 -9.25
C LEU A 37 8.61 19.82 -8.63
N GLU A 38 7.48 20.26 -8.10
CA GLU A 38 7.41 21.53 -7.39
C GLU A 38 8.12 21.40 -6.05
N LYS A 39 8.99 22.35 -5.74
CA LYS A 39 9.79 22.27 -4.53
C LYS A 39 9.61 23.50 -3.66
N THR A 40 8.73 24.40 -4.07
CA THR A 40 8.62 25.63 -3.32
C THR A 40 7.18 25.90 -2.97
N HIS A 41 7.01 26.56 -1.83
CA HIS A 41 5.72 27.00 -1.33
C HIS A 41 5.90 28.40 -0.75
N ASN A 42 4.80 29.06 -0.43
CA ASN A 42 4.89 30.42 0.03
C ASN A 42 5.04 30.58 1.53
N GLY A 43 5.10 29.48 2.28
CA GLY A 43 5.28 29.58 3.72
C GLY A 43 4.12 30.22 4.49
N LYS A 44 2.92 30.18 3.90
CA LYS A 44 1.74 30.83 4.47
C LYS A 44 0.52 29.91 4.56
N LEU A 45 -0.37 30.23 5.48
CA LEU A 45 -1.70 29.62 5.49
C LEU A 45 -2.67 30.54 4.76
N CYS A 46 -3.24 30.05 3.65
CA CYS A 46 -4.05 30.91 2.80
C CYS A 46 -5.51 30.55 2.74
N ASN A 47 -6.26 31.35 2.01
CA ASN A 47 -7.61 30.96 1.69
C ASN A 47 -7.57 29.81 0.70
N LEU A 48 -8.62 29.00 0.74
CA LEU A 48 -8.80 27.91 -0.21
C LEU A 48 -9.97 28.29 -1.12
N ASP A 49 -9.67 28.47 -2.41
CA ASP A 49 -10.49 29.25 -3.34
C ASP A 49 -10.89 30.51 -2.59
N GLY A 50 -12.16 30.84 -2.58
CA GLY A 50 -12.47 32.10 -1.92
C GLY A 50 -12.37 32.10 -0.40
N VAL A 51 -12.18 30.92 0.20
CA VAL A 51 -12.61 30.74 1.58
C VAL A 51 -11.49 30.71 2.64
N LYS A 52 -11.62 31.57 3.64
CA LYS A 52 -10.65 31.62 4.70
C LYS A 52 -10.71 30.38 5.63
N PRO A 53 -9.53 29.91 6.06
CA PRO A 53 -9.50 28.87 7.08
C PRO A 53 -9.99 29.40 8.41
N LEU A 54 -10.39 28.48 9.29
CA LEU A 54 -10.61 28.81 10.70
C LEU A 54 -9.28 28.59 11.39
N ILE A 55 -8.59 29.70 11.64
CA ILE A 55 -7.33 29.63 12.33
C ILE A 55 -7.58 29.91 13.80
N LEU A 56 -7.56 28.82 14.57
CA LEU A 56 -7.57 28.89 16.02
C LEU A 56 -6.21 29.41 16.34
N ARG A 57 -6.07 30.24 17.35
CA ARG A 57 -4.70 30.69 17.57
C ARG A 57 -4.10 29.79 18.57
N ASP A 58 -4.27 30.15 19.83
CA ASP A 58 -3.75 29.38 20.92
C ASP A 58 -4.89 28.58 21.53
N CYS A 59 -5.95 28.43 20.75
CA CYS A 59 -7.11 27.68 21.17
C CYS A 59 -7.15 26.32 20.50
N SER A 60 -7.54 25.33 21.29
CA SER A 60 -7.82 24.00 20.75
C SER A 60 -9.27 23.92 20.29
N VAL A 61 -9.56 22.89 19.50
CA VAL A 61 -10.93 22.61 19.07
C VAL A 61 -11.89 22.51 20.29
N ALA A 62 -11.43 21.80 21.32
CA ALA A 62 -12.20 21.66 22.53
C ALA A 62 -12.51 22.99 23.19
N GLY A 63 -11.49 23.85 23.34
CA GLY A 63 -11.64 25.16 23.95
C GLY A 63 -12.65 26.00 23.18
N TRP A 64 -12.48 26.00 21.87
CA TRP A 64 -13.38 26.70 20.97
C TRP A 64 -14.82 26.24 21.17
N LEU A 65 -15.07 24.95 21.05
CA LEU A 65 -16.43 24.47 21.07
C LEU A 65 -17.07 24.62 22.45
N LEU A 66 -16.30 24.34 23.50
CA LEU A 66 -16.83 24.42 24.86
C LEU A 66 -16.96 25.88 25.29
N GLY A 67 -16.17 26.75 24.66
CA GLY A 67 -16.24 28.16 24.98
C GLY A 67 -15.35 28.55 26.14
N ASN A 68 -14.11 28.05 26.11
CA ASN A 68 -13.04 28.54 26.96
C ASN A 68 -13.00 30.07 26.81
N PRO A 69 -12.97 30.79 27.95
CA PRO A 69 -13.07 32.26 27.96
C PRO A 69 -11.93 32.96 27.18
N MET A 70 -10.77 32.30 27.12
CA MET A 70 -9.65 32.84 26.37
C MET A 70 -9.83 32.69 24.87
N CYS A 71 -10.98 32.18 24.41
CA CYS A 71 -11.17 31.87 23.00
C CYS A 71 -12.35 32.65 22.44
N ASP A 72 -12.73 33.72 23.15
CA ASP A 72 -13.93 34.48 22.81
C ASP A 72 -13.93 35.02 21.39
N GLU A 73 -12.77 35.00 20.76
CA GLU A 73 -12.64 35.32 19.36
C GLU A 73 -13.52 34.41 18.49
N PHE A 74 -13.77 33.20 18.97
CA PHE A 74 -14.44 32.21 18.15
C PHE A 74 -15.89 31.90 18.53
N LEU A 75 -16.57 32.77 19.29
CA LEU A 75 -17.93 32.45 19.68
C LEU A 75 -18.83 32.19 18.49
N ASN A 76 -18.57 32.83 17.35
CA ASN A 76 -19.44 32.65 16.19
C ASN A 76 -18.68 32.75 14.88
N VAL A 77 -18.04 31.66 14.47
CA VAL A 77 -17.18 31.72 13.29
C VAL A 77 -17.94 31.54 11.99
N PRO A 78 -17.47 32.21 10.92
CA PRO A 78 -18.02 32.11 9.57
C PRO A 78 -17.73 30.75 8.97
N GLU A 79 -18.32 30.42 7.82
CA GLU A 79 -17.98 29.22 7.09
C GLU A 79 -16.49 29.19 6.83
N TRP A 80 -15.82 28.05 7.08
CA TRP A 80 -14.39 27.91 6.86
C TRP A 80 -14.11 26.92 5.73
N SER A 81 -12.90 26.98 5.22
CA SER A 81 -12.49 26.06 4.19
C SER A 81 -11.78 24.86 4.80
N TYR A 82 -10.94 25.11 5.80
CA TYR A 82 -10.26 24.07 6.55
C TYR A 82 -9.94 24.66 7.92
N ILE A 83 -9.52 23.83 8.87
CA ILE A 83 -9.28 24.31 10.23
C ILE A 83 -7.82 24.21 10.62
N VAL A 84 -7.29 25.22 11.28
CA VAL A 84 -5.91 25.08 11.69
C VAL A 84 -5.78 25.09 13.20
N GLU A 85 -5.09 24.10 13.69
CA GLU A 85 -4.87 24.00 15.11
C GLU A 85 -3.37 23.93 15.33
N LYS A 86 -2.92 24.55 16.41
CA LYS A 86 -1.52 24.49 16.80
C LYS A 86 -1.24 23.11 17.37
N ILE A 87 0.03 22.73 17.43
CA ILE A 87 0.36 21.37 17.84
C ILE A 87 -0.01 21.17 19.32
N ASN A 88 0.26 22.15 20.15
CA ASN A 88 -0.09 22.07 21.55
C ASN A 88 -0.74 23.36 22.01
N PRO A 89 -2.02 23.54 21.69
CA PRO A 89 -2.73 24.75 22.07
C PRO A 89 -2.70 24.97 23.57
N ALA A 90 -2.56 26.22 24.00
CA ALA A 90 -2.52 26.56 25.41
C ALA A 90 -3.93 26.64 25.99
N ASN A 91 -4.87 27.10 25.18
CA ASN A 91 -6.25 27.23 25.65
C ASN A 91 -7.09 26.08 25.17
N ASP A 92 -7.10 25.01 25.98
CA ASP A 92 -7.79 23.77 25.74
C ASP A 92 -8.96 23.68 26.75
N LEU A 93 -8.94 22.68 27.63
CA LEU A 93 -9.87 22.64 28.75
C LEU A 93 -9.31 23.41 29.93
N CYS A 94 -9.77 24.64 30.15
CA CYS A 94 -9.25 25.44 31.26
C CYS A 94 -9.49 24.71 32.58
N TYR A 95 -10.72 24.31 32.86
CA TYR A 95 -10.92 23.44 34.02
C TYR A 95 -10.40 22.04 33.70
N PRO A 96 -9.56 21.48 34.56
CA PRO A 96 -8.93 20.18 34.27
C PRO A 96 -9.95 19.05 34.08
N GLY A 97 -9.62 18.12 33.19
CA GLY A 97 -10.51 17.00 32.89
C GLY A 97 -10.29 16.40 31.50
N ASN A 98 -11.37 15.91 30.89
CA ASN A 98 -11.27 15.32 29.55
C ASN A 98 -12.54 15.48 28.71
N PHE A 99 -12.36 15.34 27.39
CA PHE A 99 -13.42 15.36 26.40
C PHE A 99 -13.61 13.94 25.86
N ASN A 100 -14.78 13.38 26.06
CA ASN A 100 -15.09 12.03 25.60
C ASN A 100 -15.19 11.90 24.08
N ASP A 101 -14.61 10.85 23.53
CA ASP A 101 -14.63 10.63 22.09
C ASP A 101 -14.17 11.85 21.31
N TYR A 102 -13.09 12.48 21.79
CA TYR A 102 -12.58 13.73 21.23
C TYR A 102 -12.05 13.59 19.82
N GLU A 103 -11.29 12.54 19.56
CA GLU A 103 -10.73 12.31 18.25
C GLU A 103 -11.85 11.96 17.25
N GLU A 104 -12.92 11.35 17.70
CA GLU A 104 -14.06 11.10 16.84
C GLU A 104 -14.84 12.37 16.51
N LEU A 105 -14.97 13.24 17.51
CA LEU A 105 -15.60 14.52 17.29
C LEU A 105 -14.76 15.32 16.30
N LYS A 106 -13.45 15.30 16.52
CA LYS A 106 -12.53 16.00 15.66
C LYS A 106 -12.69 15.47 14.24
N HIS A 107 -12.87 14.15 14.09
CA HIS A 107 -12.94 13.57 12.75
C HIS A 107 -14.22 14.00 12.11
N LEU A 108 -15.28 14.07 12.91
CA LEU A 108 -16.53 14.62 12.41
C LEU A 108 -16.36 16.04 11.91
N LEU A 109 -15.64 16.82 12.70
CA LEU A 109 -15.41 18.20 12.45
C LEU A 109 -14.68 18.43 11.12
N SER A 110 -13.90 17.45 10.72
CA SER A 110 -13.15 17.54 9.49
C SER A 110 -14.07 17.29 8.30
N ARG A 111 -15.36 17.09 8.57
CA ARG A 111 -16.31 16.81 7.50
C ARG A 111 -17.36 17.93 7.51
N ILE A 112 -17.04 19.00 8.22
CA ILE A 112 -17.93 20.15 8.40
C ILE A 112 -17.27 21.50 8.00
N ASN A 113 -18.01 22.32 7.25
CA ASN A 113 -17.51 23.64 6.84
C ASN A 113 -18.18 24.79 7.55
N HIS A 114 -19.29 24.53 8.24
CA HIS A 114 -20.03 25.63 8.89
C HIS A 114 -20.97 25.21 10.03
N PHE A 115 -20.77 25.82 11.21
CA PHE A 115 -21.70 25.73 12.33
C PHE A 115 -22.50 27.00 12.43
N GLU A 116 -23.71 26.92 12.95
CA GLU A 116 -24.42 28.10 13.40
C GLU A 116 -24.76 27.89 14.87
N LYS A 117 -24.17 28.69 15.74
CA LYS A 117 -24.37 28.51 17.16
C LYS A 117 -25.67 29.14 17.57
N ILE A 118 -26.44 28.42 18.38
CA ILE A 118 -27.69 28.91 18.93
C ILE A 118 -27.80 28.61 20.40
N GLN A 119 -28.63 29.38 21.08
CA GLN A 119 -28.87 29.22 22.49
C GLN A 119 -30.01 28.21 22.61
N ILE A 120 -29.81 27.11 23.32
CA ILE A 120 -30.90 26.14 23.43
C ILE A 120 -31.57 26.26 24.81
N THR A 121 -30.80 26.76 25.79
CA THR A 121 -31.35 27.04 27.12
C THR A 121 -30.81 28.39 27.63
N PRO A 122 -31.70 29.40 27.80
CA PRO A 122 -31.27 30.66 28.40
C PRO A 122 -30.81 30.52 29.85
N LYS A 123 -29.73 31.21 30.24
CA LYS A 123 -29.23 31.16 31.62
C LYS A 123 -30.23 31.73 32.65
N ASN A 124 -31.19 32.51 32.18
CA ASN A 124 -32.18 33.08 33.07
C ASN A 124 -33.39 32.13 33.21
N SER A 125 -33.14 30.85 32.91
CA SER A 125 -34.15 29.80 33.02
C SER A 125 -33.90 28.89 34.22
N TRP A 126 -32.78 29.09 34.91
CA TRP A 126 -32.48 28.29 36.09
C TRP A 126 -32.90 29.01 37.35
N SER A 127 -34.17 28.87 37.71
CA SER A 127 -34.75 29.63 38.81
C SER A 127 -34.62 28.95 40.19
N ASP A 128 -34.37 27.64 40.21
CA ASP A 128 -34.18 26.92 41.47
C ASP A 128 -32.75 26.43 41.70
N HIS A 129 -31.83 26.87 40.84
CA HIS A 129 -30.42 26.49 40.95
C HIS A 129 -29.53 27.70 40.70
N GLU A 130 -28.33 27.66 41.24
CA GLU A 130 -27.33 28.67 40.93
C GLU A 130 -26.59 28.37 39.63
N ALA A 131 -26.57 29.36 38.72
CA ALA A 131 -25.97 29.19 37.39
C ALA A 131 -24.81 30.16 37.16
N SER A 132 -23.95 30.29 38.16
CA SER A 132 -22.88 31.30 38.11
C SER A 132 -21.58 30.66 38.52
N GLY A 133 -21.55 29.34 38.45
CA GLY A 133 -20.37 28.58 38.80
C GLY A 133 -19.19 29.04 38.00
N VAL A 134 -18.07 29.18 38.68
CA VAL A 134 -16.94 29.83 38.07
C VAL A 134 -15.68 29.20 38.64
N SER A 135 -14.51 29.38 38.00
CA SER A 135 -13.30 28.78 38.54
C SER A 135 -12.01 29.53 38.14
N SER A 136 -11.01 29.49 39.03
CA SER A 136 -9.72 30.15 38.81
C SER A 136 -8.93 29.53 37.65
N ALA A 137 -9.22 28.27 37.37
CA ALA A 137 -8.57 27.57 36.27
C ALA A 137 -9.10 28.10 34.96
N CYS A 138 -10.23 28.81 35.03
CA CYS A 138 -10.88 29.38 33.85
C CYS A 138 -11.03 30.91 33.86
N PRO A 139 -9.90 31.64 33.84
CA PRO A 139 -9.90 33.11 33.96
C PRO A 139 -10.29 33.81 32.68
N TYR A 140 -10.96 34.95 32.82
CA TYR A 140 -11.32 35.78 31.66
C TYR A 140 -10.40 37.01 31.60
N GLN A 141 -10.71 38.04 32.39
CA GLN A 141 -9.90 39.25 32.39
C GLN A 141 -9.23 39.39 33.74
N GLY A 142 -8.46 38.37 34.12
CA GLY A 142 -7.81 38.38 35.41
C GLY A 142 -8.64 37.71 36.49
N ARG A 143 -9.97 37.83 36.38
CA ARG A 143 -10.86 37.26 37.39
C ARG A 143 -11.45 35.90 36.95
N SER A 144 -12.06 35.19 37.88
CA SER A 144 -12.55 33.82 37.64
C SER A 144 -13.83 33.75 36.85
N SER A 145 -13.78 32.93 35.80
CA SER A 145 -14.86 32.80 34.86
C SER A 145 -15.16 31.32 34.64
N PHE A 146 -15.72 31.00 33.47
CA PHE A 146 -16.11 29.64 33.13
C PHE A 146 -16.31 29.51 31.65
N PHE A 147 -16.45 28.28 31.15
CA PHE A 147 -16.85 28.04 29.78
C PHE A 147 -18.09 28.85 29.43
N ARG A 148 -18.20 29.32 28.19
CA ARG A 148 -19.33 30.13 27.78
C ARG A 148 -20.49 29.34 27.18
N ASN A 149 -20.23 28.12 26.75
CA ASN A 149 -21.28 27.39 26.08
C ASN A 149 -21.97 26.38 26.97
N VAL A 150 -21.48 26.25 28.21
CA VAL A 150 -22.11 25.42 29.23
C VAL A 150 -22.18 26.16 30.58
N VAL A 151 -23.02 25.67 31.47
CA VAL A 151 -23.26 26.31 32.77
C VAL A 151 -22.97 25.40 33.96
N TRP A 152 -22.26 25.92 34.95
CA TRP A 152 -22.02 25.17 36.19
C TRP A 152 -23.17 25.39 37.20
N LEU A 153 -24.04 24.39 37.33
CA LEU A 153 -25.19 24.51 38.22
C LEU A 153 -24.86 23.96 39.58
N THR A 154 -25.14 24.77 40.59
CA THR A 154 -24.91 24.41 41.99
C THR A 154 -26.20 24.61 42.78
N LYS A 155 -26.22 24.12 44.02
CA LYS A 155 -27.41 24.23 44.85
C LYS A 155 -27.78 25.69 45.11
N LYS A 156 -29.08 25.96 45.20
CA LYS A 156 -29.58 27.27 45.55
C LYS A 156 -30.19 27.14 46.92
N ASP A 157 -29.92 28.14 47.78
CA ASP A 157 -30.15 28.00 49.23
C ASP A 157 -29.33 26.81 49.70
N ASN A 158 -30.00 25.76 50.15
CA ASN A 158 -29.26 24.54 50.44
C ASN A 158 -29.94 23.33 49.85
N ALA A 159 -30.44 23.48 48.63
CA ALA A 159 -31.18 22.41 47.95
C ALA A 159 -30.81 22.31 46.48
N TYR A 160 -30.89 21.08 45.96
CA TYR A 160 -30.70 20.81 44.55
C TYR A 160 -31.88 19.97 44.07
N PRO A 161 -32.94 20.64 43.63
CA PRO A 161 -34.10 19.93 43.08
C PRO A 161 -33.65 19.08 41.89
N THR A 162 -34.32 17.96 41.65
CA THR A 162 -34.02 17.19 40.46
C THR A 162 -34.38 18.02 39.23
N ILE A 163 -33.39 18.17 38.35
CA ILE A 163 -33.55 18.89 37.10
C ILE A 163 -34.09 17.93 36.07
N LYS A 164 -35.19 18.30 35.43
CA LYS A 164 -35.69 17.55 34.29
C LYS A 164 -35.90 18.54 33.18
N ARG A 165 -34.97 18.62 32.25
CA ARG A 165 -35.14 19.61 31.18
C ARG A 165 -34.94 18.94 29.82
N SER A 166 -35.74 19.35 28.85
CA SER A 166 -35.82 18.63 27.60
C SER A 166 -35.79 19.63 26.47
N TYR A 167 -35.20 19.26 25.34
CA TYR A 167 -35.09 20.18 24.22
C TYR A 167 -35.25 19.50 22.89
N ASN A 168 -36.22 19.98 22.10
CA ASN A 168 -36.55 19.37 20.82
C ASN A 168 -35.88 20.14 19.69
N ASN A 169 -35.10 19.46 18.85
CA ASN A 169 -34.47 20.15 17.74
C ASN A 169 -35.45 20.39 16.62
N THR A 170 -36.07 21.56 16.67
CA THR A 170 -37.03 21.95 15.65
C THR A 170 -36.32 22.45 14.41
N ASN A 171 -35.03 22.71 14.51
CA ASN A 171 -34.28 23.11 13.31
C ASN A 171 -34.14 21.97 12.31
N GLN A 172 -33.88 22.32 11.06
CA GLN A 172 -33.79 21.30 10.02
C GLN A 172 -32.44 20.60 10.10
N GLU A 173 -31.45 21.32 10.63
CA GLU A 173 -30.11 20.78 10.62
C GLU A 173 -29.80 20.06 11.94
N ASP A 174 -28.77 19.22 11.92
CA ASP A 174 -28.37 18.51 13.13
C ASP A 174 -27.67 19.44 14.12
N LEU A 175 -27.88 19.18 15.39
CA LEU A 175 -27.22 19.92 16.45
C LEU A 175 -26.07 19.12 17.06
N LEU A 176 -24.89 19.73 17.14
CA LEU A 176 -23.82 19.20 18.01
C LEU A 176 -24.15 19.72 19.42
N VAL A 177 -24.48 18.82 20.34
CA VAL A 177 -24.83 19.27 21.71
C VAL A 177 -23.77 18.83 22.72
N LEU A 178 -23.37 19.74 23.60
CA LEU A 178 -22.29 19.46 24.57
C LEU A 178 -22.73 19.56 26.02
N TRP A 179 -22.22 18.66 26.85
CA TRP A 179 -22.48 18.78 28.27
C TRP A 179 -21.37 18.13 29.07
N GLY A 180 -21.48 18.18 30.38
CA GLY A 180 -20.44 17.61 31.20
C GLY A 180 -20.90 17.21 32.59
N ILE A 181 -20.00 16.54 33.30
CA ILE A 181 -20.26 16.11 34.66
C ILE A 181 -19.07 16.56 35.47
N HIS A 182 -19.35 17.05 36.68
CA HIS A 182 -18.25 17.45 37.54
C HIS A 182 -17.94 16.37 38.57
N HIS A 183 -16.66 15.99 38.64
CA HIS A 183 -16.20 15.04 39.65
C HIS A 183 -15.47 15.73 40.77
N PRO A 184 -16.15 15.96 41.93
CA PRO A 184 -15.48 16.55 43.11
C PRO A 184 -14.43 15.62 43.72
N ASN A 185 -13.66 16.14 44.69
CA ASN A 185 -12.55 15.38 45.30
C ASN A 185 -13.02 14.61 46.53
N ASP A 186 -14.03 15.13 47.22
CA ASP A 186 -14.48 14.50 48.47
C ASP A 186 -15.95 14.77 48.74
N ALA A 187 -16.52 13.99 49.65
CA ALA A 187 -17.94 14.08 49.94
C ALA A 187 -18.35 15.45 50.43
N THR A 188 -17.40 16.17 51.00
CA THR A 188 -17.70 17.44 51.62
C THR A 188 -17.91 18.50 50.54
N GLU A 189 -17.04 18.48 49.53
CA GLU A 189 -17.16 19.32 48.35
C GLU A 189 -18.51 19.07 47.65
N GLN A 190 -18.89 17.80 47.61
CA GLN A 190 -20.14 17.36 47.01
C GLN A 190 -21.34 18.10 47.60
N THR A 191 -21.42 18.16 48.93
CA THR A 191 -22.54 18.82 49.58
C THR A 191 -22.44 20.33 49.49
N ARG A 192 -21.22 20.85 49.51
CA ARG A 192 -21.03 22.28 49.40
C ARG A 192 -21.59 22.79 48.06
N LEU A 193 -21.54 21.94 47.05
CA LEU A 193 -21.86 22.38 45.69
C LEU A 193 -23.26 21.99 45.24
N TYR A 194 -23.64 20.75 45.56
CA TYR A 194 -24.86 20.19 45.02
C TYR A 194 -25.77 19.54 46.10
N GLN A 195 -25.36 19.71 47.36
CA GLN A 195 -26.12 19.23 48.52
C GLN A 195 -26.23 17.70 48.59
N ASN A 196 -26.94 17.13 47.63
CA ASN A 196 -27.20 15.69 47.61
C ASN A 196 -25.91 14.87 47.47
N PRO A 197 -25.80 13.80 48.28
CA PRO A 197 -24.59 12.97 48.33
C PRO A 197 -24.46 12.02 47.14
N THR A 198 -25.59 11.42 46.76
CA THR A 198 -25.59 10.45 45.68
C THR A 198 -26.39 10.98 44.49
N THR A 199 -25.67 11.35 43.45
CA THR A 199 -26.22 12.04 42.29
C THR A 199 -26.00 11.28 41.00
N TYR A 200 -26.73 11.71 39.97
CA TYR A 200 -26.65 11.05 38.67
C TYR A 200 -26.98 12.05 37.59
N ILE A 201 -26.65 11.71 36.36
CA ILE A 201 -27.10 12.45 35.17
C ILE A 201 -27.61 11.49 34.13
N SER A 202 -28.85 11.67 33.70
CA SER A 202 -29.40 10.85 32.61
C SER A 202 -29.50 11.70 31.41
N VAL A 203 -29.06 11.17 30.27
CA VAL A 203 -29.22 11.91 29.04
C VAL A 203 -29.79 11.01 27.98
N GLY A 204 -30.93 11.45 27.44
CA GLY A 204 -31.64 10.66 26.47
C GLY A 204 -32.06 11.28 25.16
N THR A 205 -32.08 10.42 24.15
CA THR A 205 -32.23 10.78 22.75
C THR A 205 -32.86 9.63 22.02
N SER A 206 -33.13 9.74 20.73
CA SER A 206 -33.63 8.58 20.02
C SER A 206 -32.54 7.52 19.92
N THR A 207 -31.26 7.93 19.96
CA THR A 207 -30.16 6.96 19.90
C THR A 207 -29.26 6.89 21.15
N LEU A 208 -29.30 7.90 22.01
CA LEU A 208 -28.43 7.98 23.19
C LEU A 208 -29.15 7.57 24.47
N ASN A 209 -28.52 6.73 25.28
CA ASN A 209 -29.09 6.30 26.55
C ASN A 209 -27.99 6.28 27.60
N GLN A 210 -27.58 7.48 28.00
CA GLN A 210 -26.45 7.67 28.89
C GLN A 210 -26.88 7.86 30.35
N LYS A 211 -26.18 7.22 31.27
CA LYS A 211 -26.30 7.51 32.71
C LYS A 211 -24.95 7.78 33.31
N LEU A 212 -24.78 8.95 33.88
CA LEU A 212 -23.48 9.29 34.47
C LEU A 212 -23.57 9.41 36.00
N VAL A 213 -22.54 8.94 36.68
CA VAL A 213 -22.44 9.16 38.11
C VAL A 213 -21.06 9.71 38.41
N PRO A 214 -20.99 10.74 39.25
CA PRO A 214 -19.72 11.39 39.60
C PRO A 214 -18.78 10.45 40.27
N LYS A 215 -17.50 10.58 39.98
CA LYS A 215 -16.52 9.76 40.65
C LYS A 215 -15.81 10.60 41.72
N ILE A 216 -16.30 10.49 42.94
CA ILE A 216 -15.76 11.30 44.03
C ILE A 216 -14.62 10.60 44.72
N ALA A 217 -13.42 11.12 44.49
CA ALA A 217 -12.20 10.48 44.96
C ALA A 217 -11.08 11.52 45.00
N THR A 218 -10.00 11.24 45.72
CA THR A 218 -8.87 12.18 45.75
C THR A 218 -7.96 11.97 44.55
N ARG A 219 -7.57 13.07 43.91
CA ARG A 219 -6.65 13.04 42.76
C ARG A 219 -5.58 14.10 42.87
N SER A 220 -4.56 13.97 42.04
CA SER A 220 -3.52 14.97 41.93
C SER A 220 -4.08 16.36 41.59
N LYS A 221 -3.46 17.39 42.15
CA LYS A 221 -3.80 18.77 41.77
C LYS A 221 -3.39 19.07 40.34
N VAL A 222 -4.32 19.62 39.57
CA VAL A 222 -4.01 20.13 38.25
C VAL A 222 -4.53 21.58 38.21
N LYS A 223 -3.65 22.52 37.94
CA LYS A 223 -3.95 23.95 38.05
C LYS A 223 -4.57 24.32 39.42
N GLY A 224 -4.06 23.68 40.47
CA GLY A 224 -4.57 23.91 41.82
C GLY A 224 -5.90 23.27 42.14
N LEU A 225 -6.45 22.51 41.19
CA LEU A 225 -7.73 21.88 41.37
C LEU A 225 -7.56 20.39 41.38
N SER A 226 -8.27 19.74 42.28
CA SER A 226 -8.20 18.29 42.37
C SER A 226 -9.44 17.71 41.69
N GLY A 227 -10.43 18.58 41.50
CA GLY A 227 -11.64 18.25 40.77
C GLY A 227 -11.39 18.01 39.29
N ARG A 228 -12.37 17.41 38.63
CA ARG A 228 -12.30 17.12 37.22
C ARG A 228 -13.60 17.46 36.52
N MET A 229 -13.53 17.73 35.24
CA MET A 229 -14.75 18.00 34.50
C MET A 229 -14.70 17.08 33.30
N GLU A 230 -15.71 16.24 33.14
CA GLU A 230 -15.67 15.28 32.04
C GLU A 230 -16.74 15.68 31.02
N PHE A 231 -16.39 15.82 29.74
CA PHE A 231 -17.36 16.34 28.76
C PHE A 231 -17.81 15.33 27.71
N PHE A 232 -19.07 15.45 27.33
CA PHE A 232 -19.68 14.52 26.39
C PHE A 232 -20.31 15.33 25.27
N TRP A 233 -20.50 14.68 24.12
CA TRP A 233 -21.13 15.33 22.98
C TRP A 233 -22.00 14.35 22.24
N THR A 234 -22.96 14.89 21.49
CA THR A 234 -23.78 14.04 20.65
C THR A 234 -24.30 14.85 19.49
N ILE A 235 -24.73 14.14 18.45
CA ILE A 235 -25.41 14.75 17.33
C ILE A 235 -26.90 14.50 17.49
N LEU A 236 -27.65 15.57 17.77
CA LEU A 236 -29.10 15.50 17.84
C LEU A 236 -29.69 15.71 16.47
N LYS A 237 -30.21 14.66 15.83
CA LYS A 237 -30.83 14.77 14.50
C LYS A 237 -32.03 15.71 14.56
N SER A 238 -32.40 16.28 13.41
CA SER A 238 -33.59 17.09 13.30
C SER A 238 -34.83 16.32 13.76
N ASN A 239 -35.66 17.03 14.52
CA ASN A 239 -36.92 16.52 15.04
C ASN A 239 -36.78 15.55 16.19
N ASP A 240 -35.56 15.31 16.64
CA ASP A 240 -35.34 14.51 17.83
C ASP A 240 -35.23 15.45 19.01
N ALA A 241 -35.42 14.93 20.20
CA ALA A 241 -35.26 15.74 21.42
C ALA A 241 -34.20 15.11 22.30
N ILE A 242 -33.60 15.90 23.17
CA ILE A 242 -32.63 15.39 24.13
C ILE A 242 -33.19 15.65 25.55
N ASN A 243 -33.13 14.62 26.39
CA ASN A 243 -33.69 14.70 27.71
C ASN A 243 -32.62 14.60 28.79
N PHE A 244 -32.56 15.62 29.64
CA PHE A 244 -31.63 15.68 30.73
C PHE A 244 -32.35 15.53 32.06
N GLU A 245 -31.88 14.59 32.86
CA GLU A 245 -32.32 14.52 34.24
C GLU A 245 -31.09 14.41 35.10
N SER A 246 -30.99 15.33 36.04
CA SER A 246 -29.85 15.36 36.93
C SER A 246 -30.23 15.81 38.32
N ASN A 247 -29.44 15.30 39.24
CA ASN A 247 -29.59 15.48 40.64
C ASN A 247 -28.36 16.20 41.20
N GLY A 248 -27.47 16.63 40.30
CA GLY A 248 -26.27 17.36 40.70
C GLY A 248 -25.08 17.02 39.81
N ASN A 249 -24.01 17.81 39.92
CA ASN A 249 -22.73 17.58 39.19
C ASN A 249 -22.87 17.75 37.68
N PHE A 250 -24.00 18.30 37.26
CA PHE A 250 -24.36 18.54 35.89
C PHE A 250 -23.76 19.86 35.35
N ILE A 251 -22.92 19.77 34.32
CA ILE A 251 -22.51 20.97 33.58
C ILE A 251 -23.41 21.09 32.34
N ALA A 252 -24.42 21.95 32.43
CA ALA A 252 -25.52 21.95 31.50
C ALA A 252 -25.20 22.70 30.21
N PRO A 253 -25.85 22.32 29.10
CA PRO A 253 -25.74 23.04 27.83
C PRO A 253 -26.34 24.41 27.93
N GLU A 254 -25.69 25.42 27.35
CA GLU A 254 -26.34 26.69 27.10
C GLU A 254 -26.48 26.91 25.58
N ASN A 255 -25.38 26.70 24.86
CA ASN A 255 -25.39 26.91 23.42
C ASN A 255 -25.04 25.62 22.72
N ALA A 256 -25.55 25.43 21.51
CA ALA A 256 -25.24 24.25 20.76
C ALA A 256 -25.02 24.65 19.32
N TYR A 257 -24.56 23.73 18.47
CA TYR A 257 -24.17 24.09 17.11
C TYR A 257 -25.00 23.41 16.01
N LYS A 258 -25.58 24.23 15.14
CA LYS A 258 -26.26 23.73 13.94
C LYS A 258 -25.21 23.34 12.90
N ILE A 259 -25.28 22.11 12.38
CA ILE A 259 -24.38 21.70 11.30
C ILE A 259 -25.01 22.19 9.99
N VAL A 260 -24.47 23.31 9.52
CA VAL A 260 -25.03 24.07 8.40
C VAL A 260 -24.56 23.51 7.06
N LYS A 261 -23.27 23.18 7.00
CA LYS A 261 -22.66 22.70 5.78
C LYS A 261 -21.63 21.60 6.04
N LYS A 262 -21.76 20.49 5.32
CA LYS A 262 -20.71 19.45 5.33
C LYS A 262 -19.85 19.52 4.07
N GLY A 263 -18.62 19.02 4.13
CA GLY A 263 -17.79 18.99 2.94
C GLY A 263 -16.42 18.39 3.13
N ASP A 264 -15.58 18.50 2.11
CA ASP A 264 -14.17 18.13 2.24
C ASP A 264 -13.48 19.26 2.98
N SER A 265 -12.84 18.86 4.07
CA SER A 265 -12.22 19.81 4.96
C SER A 265 -11.21 18.97 5.71
N THR A 266 -10.41 19.63 6.53
CA THR A 266 -9.47 18.90 7.34
C THR A 266 -9.17 19.76 8.55
N ILE A 267 -8.42 19.20 9.49
CA ILE A 267 -7.89 19.98 10.59
C ILE A 267 -6.39 19.93 10.47
N MET A 268 -5.78 21.00 9.96
CA MET A 268 -4.34 20.98 9.82
C MET A 268 -3.63 21.31 11.11
N LYS A 269 -2.52 20.61 11.31
CA LYS A 269 -1.64 20.90 12.42
C LYS A 269 -0.50 21.78 11.92
N SER A 270 -0.54 23.05 12.27
CA SER A 270 0.44 24.01 11.81
C SER A 270 0.68 25.14 12.80
N GLU A 271 1.91 25.59 12.88
CA GLU A 271 2.26 26.70 13.76
C GLU A 271 2.19 28.00 12.99
N LEU A 272 1.88 27.88 11.71
CA LEU A 272 1.75 29.06 10.89
C LEU A 272 0.50 29.81 11.25
N GLU A 273 0.39 31.03 10.72
CA GLU A 273 -0.87 31.77 10.82
C GLU A 273 -1.24 32.40 9.50
N TYR A 274 -2.37 33.06 9.48
CA TYR A 274 -2.89 33.62 8.25
C TYR A 274 -1.91 34.58 7.55
N GLY A 275 -1.70 34.35 6.26
CA GLY A 275 -0.76 35.15 5.49
C GLY A 275 -1.43 36.01 4.42
N ASP A 276 -2.75 36.20 4.58
CA ASP A 276 -3.58 37.11 3.75
C ASP A 276 -3.42 36.89 2.25
N CYS A 277 -3.28 35.61 1.90
CA CYS A 277 -3.10 35.14 0.53
C CYS A 277 -4.27 34.21 0.15
N ASN A 278 -4.18 33.61 -1.03
CA ASN A 278 -5.16 32.68 -1.56
C ASN A 278 -4.49 31.61 -2.39
N THR A 279 -4.97 30.37 -2.26
CA THR A 279 -4.35 29.25 -2.97
C THR A 279 -5.39 28.18 -3.35
N LYS A 280 -5.00 27.30 -4.25
CA LYS A 280 -5.86 26.19 -4.59
C LYS A 280 -5.30 24.89 -3.99
N CYS A 281 -4.23 25.03 -3.21
CA CYS A 281 -3.51 23.92 -2.57
C CYS A 281 -2.79 24.35 -1.28
N GLN A 282 -3.22 23.85 -0.13
CA GLN A 282 -2.63 24.26 1.14
C GLN A 282 -1.94 23.10 1.83
N THR A 283 -0.75 23.35 2.36
CA THR A 283 -0.04 22.38 3.19
C THR A 283 0.22 23.00 4.56
N PRO A 284 0.49 22.17 5.58
CA PRO A 284 0.68 22.69 6.94
C PRO A 284 1.83 23.68 7.04
N ILE A 285 2.72 23.66 6.05
CA ILE A 285 3.90 24.50 6.15
C ILE A 285 3.91 25.60 5.08
N GLY A 286 2.88 25.65 4.21
CA GLY A 286 2.78 26.70 3.21
C GLY A 286 1.93 26.33 2.00
N ALA A 287 1.50 27.34 1.23
CA ALA A 287 0.62 27.09 0.08
C ALA A 287 1.44 26.89 -1.20
N ILE A 288 0.80 26.29 -2.19
CA ILE A 288 1.43 25.84 -3.44
C ILE A 288 0.65 26.39 -4.66
N ASN A 289 1.32 27.07 -5.59
CA ASN A 289 0.73 27.48 -6.88
C ASN A 289 1.59 26.91 -7.98
N SER A 290 1.25 25.74 -8.51
CA SER A 290 2.17 25.06 -9.42
C SER A 290 1.50 24.30 -10.55
N SER A 291 2.18 24.24 -11.69
CA SER A 291 1.69 23.46 -12.83
C SER A 291 2.39 22.11 -12.87
N MET A 292 3.39 21.94 -12.01
CA MET A 292 4.06 20.65 -11.84
C MET A 292 3.05 19.57 -11.47
N PRO A 293 3.25 18.32 -11.96
CA PRO A 293 2.40 17.18 -11.59
C PRO A 293 2.73 16.60 -10.22
N PHE A 294 3.90 16.95 -9.69
CA PHE A 294 4.39 16.45 -8.41
C PHE A 294 4.85 17.58 -7.50
N HIS A 295 4.90 17.32 -6.20
CA HIS A 295 5.53 18.24 -5.24
C HIS A 295 6.05 17.38 -4.08
N ASN A 296 6.93 17.94 -3.25
CA ASN A 296 7.54 17.19 -2.16
C ASN A 296 7.54 18.01 -0.90
N ILE A 297 6.56 18.90 -0.81
CA ILE A 297 6.54 19.86 0.29
C ILE A 297 6.13 19.26 1.61
N HIS A 298 5.00 18.55 1.60
CA HIS A 298 4.41 17.97 2.79
C HIS A 298 3.35 16.99 2.33
N PRO A 299 3.23 15.82 2.97
CA PRO A 299 2.24 14.82 2.51
C PRO A 299 0.80 15.25 2.79
N LEU A 300 0.56 16.01 3.86
CA LEU A 300 -0.80 16.34 4.28
C LEU A 300 -1.34 17.64 3.67
N THR A 301 -1.94 17.54 2.49
CA THR A 301 -2.39 18.71 1.74
C THR A 301 -3.91 18.74 1.66
N ILE A 302 -4.49 19.88 1.29
CA ILE A 302 -5.92 19.96 0.96
C ILE A 302 -6.04 20.88 -0.22
N GLY A 303 -6.89 20.53 -1.17
CA GLY A 303 -7.09 21.35 -2.34
C GLY A 303 -6.77 20.60 -3.61
N GLU A 304 -6.69 21.36 -4.70
CA GLU A 304 -6.32 20.81 -5.98
C GLU A 304 -4.81 20.80 -6.08
N CYS A 305 -4.18 19.75 -5.57
CA CYS A 305 -2.72 19.72 -5.46
C CYS A 305 -2.03 18.80 -6.46
N PRO A 306 -0.72 19.00 -6.64
CA PRO A 306 0.07 17.99 -7.33
C PRO A 306 0.20 16.74 -6.45
N LYS A 307 0.77 15.68 -6.98
CA LYS A 307 0.89 14.45 -6.21
C LYS A 307 2.17 14.47 -5.41
N TYR A 308 2.10 14.03 -4.16
CA TYR A 308 3.27 14.07 -3.30
C TYR A 308 4.20 12.87 -3.53
N VAL A 309 5.49 13.16 -3.55
CA VAL A 309 6.55 12.16 -3.55
C VAL A 309 7.60 12.64 -2.58
N LYS A 310 8.43 11.72 -2.10
CA LYS A 310 9.49 12.09 -1.16
C LYS A 310 10.75 12.54 -1.89
N SER A 311 10.76 12.50 -3.23
CA SER A 311 11.96 12.81 -4.04
C SER A 311 12.46 14.25 -3.88
N ASN A 312 13.77 14.41 -4.02
CA ASN A 312 14.39 15.73 -4.03
C ASN A 312 14.46 16.27 -5.43
N ARG A 313 14.42 15.36 -6.40
CA ARG A 313 14.56 15.73 -7.80
C ARG A 313 13.82 14.74 -8.66
N LEU A 314 13.02 15.27 -9.58
CA LEU A 314 12.35 14.48 -10.59
C LEU A 314 12.48 15.24 -11.90
N VAL A 315 13.46 14.87 -12.71
CA VAL A 315 13.67 15.62 -13.95
C VAL A 315 13.54 14.68 -15.13
N LEU A 316 12.59 15.00 -16.02
CA LEU A 316 12.42 14.25 -17.25
C LEU A 316 13.30 14.85 -18.33
N ALA A 317 14.02 13.99 -19.03
CA ALA A 317 14.74 14.39 -20.22
C ALA A 317 13.73 14.53 -21.35
N THR A 318 13.75 15.66 -22.06
CA THR A 318 12.87 15.77 -23.22
C THR A 318 13.71 15.78 -24.50
N GLY A 319 14.84 16.47 -24.46
CA GLY A 319 15.75 16.53 -25.60
C GLY A 319 16.78 15.41 -25.58
N LEU A 320 17.88 15.58 -26.32
CA LEU A 320 18.86 14.51 -26.45
C LEU A 320 20.13 14.78 -25.69
N ARG A 321 21.03 13.80 -25.67
CA ARG A 321 22.28 13.93 -24.94
C ARG A 321 23.11 15.05 -25.55
N ASN A 322 23.67 15.90 -24.70
CA ASN A 322 24.38 17.05 -25.22
C ASN A 322 25.87 16.72 -25.32
N SER A 323 26.48 17.06 -26.44
CA SER A 323 27.89 16.78 -26.65
C SER A 323 28.76 17.87 -26.01
N PRO A 324 29.69 17.47 -25.11
CA PRO A 324 30.60 18.40 -24.40
C PRO A 324 31.48 19.24 -25.35
N GLY B 1 27.03 2.75 -26.07
CA GLY B 1 25.66 2.50 -25.63
C GLY B 1 24.88 1.61 -26.59
N LEU B 2 23.56 1.82 -26.63
CA LEU B 2 22.64 1.04 -27.48
C LEU B 2 22.64 1.52 -28.93
N PHE B 3 23.71 2.18 -29.35
CA PHE B 3 23.69 2.90 -30.62
C PHE B 3 24.97 3.07 -31.46
N GLY B 4 25.90 3.84 -30.92
CA GLY B 4 27.15 4.17 -31.57
C GLY B 4 26.84 5.32 -32.51
N ALA B 5 25.88 6.17 -32.12
CA ALA B 5 25.44 7.32 -32.93
C ALA B 5 25.63 8.71 -32.28
N ILE B 6 24.82 9.01 -31.26
CA ILE B 6 24.99 10.25 -30.48
C ILE B 6 26.31 10.15 -29.74
N ALA B 7 27.25 11.04 -30.10
CA ALA B 7 28.66 10.90 -29.70
C ALA B 7 29.14 9.50 -30.14
N GLY B 8 28.83 9.18 -31.39
CA GLY B 8 29.13 7.89 -32.00
C GLY B 8 29.90 8.07 -33.29
N PHE B 9 29.24 7.86 -34.44
CA PHE B 9 29.93 8.05 -35.72
C PHE B 9 29.90 9.52 -36.14
N ILE B 10 28.82 10.22 -35.79
CA ILE B 10 28.81 11.67 -35.91
C ILE B 10 29.15 12.21 -34.52
N GLU B 11 30.45 12.33 -34.26
CA GLU B 11 30.93 12.74 -32.96
C GLU B 11 30.61 14.21 -32.72
N GLY B 12 29.61 14.45 -31.89
CA GLY B 12 29.25 15.81 -31.52
C GLY B 12 27.97 16.23 -32.21
N GLY B 13 27.25 17.14 -31.56
CA GLY B 13 26.06 17.71 -32.15
C GLY B 13 26.36 19.07 -32.73
N TRP B 14 25.41 19.58 -33.52
CA TRP B 14 25.61 20.83 -34.23
C TRP B 14 24.93 21.99 -33.52
N GLN B 15 25.76 22.81 -32.88
CA GLN B 15 25.31 23.97 -32.16
C GLN B 15 24.71 25.02 -33.10
N GLY B 16 25.14 24.99 -34.36
CA GLY B 16 24.63 25.93 -35.35
C GLY B 16 23.22 25.65 -35.80
N MET B 17 22.80 24.39 -35.70
CA MET B 17 21.46 23.99 -36.11
C MET B 17 20.45 24.11 -34.98
N VAL B 18 19.60 25.13 -35.04
CA VAL B 18 18.69 25.45 -33.95
C VAL B 18 17.23 25.40 -34.40
N ASP B 19 17.01 24.80 -35.56
CA ASP B 19 15.66 24.71 -36.10
C ASP B 19 14.97 23.42 -35.70
N GLY B 20 15.75 22.44 -35.27
CA GLY B 20 15.19 21.16 -34.90
C GLY B 20 16.12 20.29 -34.07
N TRP B 21 15.82 19.00 -34.09
CA TRP B 21 16.54 18.02 -33.32
C TRP B 21 17.42 17.17 -34.24
N TYR B 22 16.83 16.77 -35.36
CA TYR B 22 17.55 16.02 -36.38
C TYR B 22 17.49 16.77 -37.71
N GLY B 23 18.62 16.84 -38.42
CA GLY B 23 18.65 17.50 -39.71
C GLY B 23 19.91 17.28 -40.52
N TYR B 24 20.20 18.25 -41.38
CA TYR B 24 21.25 18.11 -42.38
C TYR B 24 22.17 19.33 -42.44
N HIS B 25 23.42 19.05 -42.80
CA HIS B 25 24.42 20.04 -43.18
C HIS B 25 24.65 19.79 -44.67
N HIS B 26 24.62 20.84 -45.49
CA HIS B 26 24.82 20.61 -46.92
C HIS B 26 25.94 21.49 -47.44
N SER B 27 26.76 20.93 -48.33
CA SER B 27 27.88 21.64 -48.91
C SER B 27 28.05 21.30 -50.38
N ASN B 28 27.74 22.26 -51.26
CA ASN B 28 28.00 22.06 -52.68
C ASN B 28 28.75 23.28 -53.21
N GLU B 29 28.51 23.63 -54.45
CA GLU B 29 29.14 24.80 -55.05
C GLU B 29 28.54 26.08 -54.46
N GLN B 30 27.31 25.96 -53.96
CA GLN B 30 26.59 27.10 -53.39
C GLN B 30 26.65 27.16 -51.86
N GLY B 31 27.84 27.45 -51.34
CA GLY B 31 28.06 27.64 -49.91
C GLY B 31 27.58 26.54 -48.99
N SER B 32 27.49 26.84 -47.70
CA SER B 32 26.99 25.87 -46.73
C SER B 32 25.72 26.38 -46.05
N GLY B 33 25.14 25.55 -45.18
CA GLY B 33 23.94 25.90 -44.44
C GLY B 33 23.23 24.74 -43.78
N TYR B 34 22.55 25.01 -42.66
CA TYR B 34 21.82 23.99 -41.92
C TYR B 34 20.34 23.92 -42.26
N ALA B 35 19.78 22.72 -42.21
CA ALA B 35 18.36 22.50 -42.48
C ALA B 35 17.82 21.36 -41.62
N ALA B 36 16.89 21.69 -40.73
CA ALA B 36 16.33 20.72 -39.81
C ALA B 36 15.39 19.78 -40.56
N ASP B 37 15.52 18.48 -40.31
CA ASP B 37 14.61 17.50 -40.90
C ASP B 37 13.22 17.65 -40.30
N LYS B 38 12.26 18.04 -41.13
CA LYS B 38 10.91 18.35 -40.66
C LYS B 38 10.17 17.11 -40.16
N GLU B 39 10.29 16.01 -40.90
CA GLU B 39 9.50 14.82 -40.62
C GLU B 39 9.89 14.13 -39.31
N SER B 40 11.17 13.85 -39.13
CA SER B 40 11.61 13.07 -37.97
C SER B 40 11.75 13.90 -36.70
N THR B 41 11.69 15.22 -36.81
CA THR B 41 11.81 16.09 -35.63
C THR B 41 10.43 16.28 -35.01
N GLN B 42 9.41 16.38 -35.87
CA GLN B 42 8.03 16.46 -35.40
C GLN B 42 7.55 15.14 -34.78
N LYS B 43 7.90 14.02 -35.42
CA LYS B 43 7.52 12.70 -34.94
C LYS B 43 8.22 12.40 -33.60
N ALA B 44 9.32 13.10 -33.36
CA ALA B 44 10.05 12.94 -32.10
C ALA B 44 9.53 13.88 -31.01
N ILE B 45 9.09 15.09 -31.37
CA ILE B 45 8.57 16.01 -30.36
C ILE B 45 7.21 15.54 -29.86
N ASP B 46 6.37 15.08 -30.78
CA ASP B 46 5.06 14.54 -30.43
C ASP B 46 5.17 13.32 -29.52
N GLY B 47 6.03 12.38 -29.90
CA GLY B 47 6.18 11.15 -29.16
C GLY B 47 6.68 11.41 -27.76
N VAL B 48 7.67 12.29 -27.66
CA VAL B 48 8.22 12.66 -26.35
C VAL B 48 7.19 13.45 -25.54
N THR B 49 6.45 14.35 -26.18
CA THR B 49 5.42 15.13 -25.49
C THR B 49 4.32 14.22 -24.94
N ASN B 50 3.94 13.26 -25.77
CA ASN B 50 2.92 12.29 -25.42
C ASN B 50 3.37 11.50 -24.17
N LYS B 51 4.64 11.10 -24.16
CA LYS B 51 5.21 10.38 -23.02
C LYS B 51 5.08 11.13 -21.70
N VAL B 52 5.37 12.44 -21.72
CA VAL B 52 5.30 13.23 -20.49
C VAL B 52 3.86 13.46 -20.07
N ASN B 53 2.93 13.44 -21.03
CA ASN B 53 1.52 13.61 -20.69
C ASN B 53 0.88 12.29 -20.24
N SER B 54 1.38 11.19 -20.76
CA SER B 54 0.89 9.88 -20.35
C SER B 54 1.34 9.60 -18.93
N ILE B 55 2.57 9.99 -18.62
CA ILE B 55 3.13 9.67 -17.32
C ILE B 55 2.50 10.51 -16.21
N ILE B 56 2.13 11.75 -16.51
CA ILE B 56 1.50 12.59 -15.51
C ILE B 56 0.04 12.11 -15.30
N ASP B 57 -0.61 11.71 -16.39
CA ASP B 57 -2.02 11.31 -16.33
C ASP B 57 -2.18 9.97 -15.62
N LYS B 58 -1.14 9.15 -15.67
CA LYS B 58 -1.15 7.84 -15.01
C LYS B 58 -0.93 7.95 -13.49
N MET B 59 -0.66 9.16 -13.01
CA MET B 59 -0.43 9.37 -11.59
C MET B 59 -1.52 10.21 -10.90
N ASN B 60 -2.52 10.68 -11.65
CA ASN B 60 -3.57 11.54 -11.08
C ASN B 60 -4.32 10.83 -9.95
N THR B 61 -4.75 9.60 -10.20
CA THR B 61 -5.37 8.80 -9.14
C THR B 61 -4.27 8.06 -8.40
N GLN B 62 -3.87 8.67 -7.28
CA GLN B 62 -2.74 8.22 -6.47
C GLN B 62 -3.08 8.54 -5.01
N PHE B 63 -2.52 7.75 -4.09
CA PHE B 63 -2.85 7.84 -2.66
C PHE B 63 -2.78 9.25 -2.08
N GLU B 64 -3.74 9.57 -1.20
CA GLU B 64 -3.75 10.86 -0.51
C GLU B 64 -3.76 10.74 1.00
N ALA B 65 -2.69 11.21 1.65
CA ALA B 65 -2.60 11.07 3.10
C ALA B 65 -3.52 12.07 3.77
N VAL B 66 -4.11 11.68 4.89
CA VAL B 66 -4.98 12.57 5.65
C VAL B 66 -4.58 12.51 7.11
N GLY B 67 -4.56 13.63 7.81
CA GLY B 67 -4.21 13.59 9.22
C GLY B 67 -5.31 12.92 10.04
N ARG B 68 -4.97 11.88 10.79
CA ARG B 68 -5.92 11.27 11.73
C ARG B 68 -5.29 11.30 13.10
N GLU B 69 -6.08 11.63 14.11
CA GLU B 69 -5.59 11.67 15.47
C GLU B 69 -6.07 10.47 16.28
N PHE B 70 -5.27 10.04 17.27
CA PHE B 70 -5.63 8.91 18.12
C PHE B 70 -5.30 9.23 19.56
N ASN B 71 -6.01 8.69 20.52
CA ASN B 71 -5.65 9.00 21.89
C ASN B 71 -4.51 8.09 22.39
N ASN B 72 -4.10 8.25 23.63
CA ASN B 72 -2.88 7.57 24.08
C ASN B 72 -3.09 6.09 24.38
N LEU B 73 -4.34 5.65 24.34
CA LEU B 73 -4.66 4.22 24.44
C LEU B 73 -5.11 3.65 23.11
N GLU B 74 -4.65 4.27 22.03
CA GLU B 74 -4.89 3.84 20.66
C GLU B 74 -3.57 3.79 19.90
N ARG B 75 -2.50 3.34 20.56
CA ARG B 75 -1.17 3.47 19.96
C ARG B 75 -0.92 2.39 18.89
N ARG B 76 -1.50 1.21 19.04
CA ARG B 76 -1.45 0.17 18.00
C ARG B 76 -2.05 0.68 16.69
N ILE B 77 -3.25 1.25 16.77
CA ILE B 77 -3.98 1.70 15.60
C ILE B 77 -3.37 2.98 15.02
N GLU B 78 -2.82 3.82 15.89
CA GLU B 78 -2.06 4.96 15.41
C GLU B 78 -0.80 4.52 14.68
N ASN B 79 -0.15 3.49 15.20
CA ASN B 79 1.03 2.99 14.52
C ASN B 79 0.65 2.36 13.19
N LEU B 80 -0.45 1.60 13.18
CA LEU B 80 -1.03 1.07 11.95
C LEU B 80 -1.29 2.18 10.93
N ASN B 81 -1.91 3.27 11.39
CA ASN B 81 -2.23 4.32 10.47
C ASN B 81 -0.98 4.95 9.87
N LYS B 82 0.05 5.13 10.71
CA LYS B 82 1.28 5.74 10.26
C LYS B 82 1.96 4.85 9.23
N LYS B 83 2.09 3.57 9.52
CA LYS B 83 2.75 2.65 8.59
C LYS B 83 2.03 2.54 7.25
N MET B 84 0.71 2.57 7.27
CA MET B 84 -0.05 2.48 6.03
C MET B 84 0.19 3.70 5.12
N GLU B 85 0.17 4.88 5.70
CA GLU B 85 0.39 6.10 4.94
C GLU B 85 1.83 6.25 4.45
N ASP B 86 2.81 5.96 5.28
CA ASP B 86 4.17 5.97 4.77
C ASP B 86 4.34 4.90 3.68
N GLY B 87 3.64 3.79 3.84
CA GLY B 87 3.74 2.72 2.87
C GLY B 87 3.30 3.20 1.52
N PHE B 88 2.14 3.83 1.46
CA PHE B 88 1.67 4.29 0.15
C PHE B 88 2.51 5.46 -0.38
N LEU B 89 3.05 6.32 0.49
CA LEU B 89 3.88 7.44 0.04
C LEU B 89 5.18 6.92 -0.54
N ASP B 90 5.72 5.87 0.08
CA ASP B 90 6.90 5.22 -0.45
C ASP B 90 6.61 4.50 -1.74
N VAL B 91 5.51 3.76 -1.80
CA VAL B 91 5.21 3.00 -3.00
C VAL B 91 5.08 3.95 -4.21
N TRP B 92 4.36 5.07 -4.04
CA TRP B 92 4.19 5.98 -5.16
C TRP B 92 5.47 6.77 -5.42
N THR B 93 6.28 7.00 -4.41
CA THR B 93 7.55 7.63 -4.69
C THR B 93 8.38 6.70 -5.57
N TYR B 94 8.46 5.42 -5.21
CA TYR B 94 9.16 4.43 -6.02
C TYR B 94 8.58 4.48 -7.42
N ASN B 95 7.27 4.43 -7.54
CA ASN B 95 6.67 4.46 -8.85
C ASN B 95 7.06 5.68 -9.66
N ALA B 96 7.18 6.83 -8.99
CA ALA B 96 7.43 8.06 -9.72
C ALA B 96 8.87 8.11 -10.16
N GLU B 97 9.78 7.81 -9.23
CA GLU B 97 11.20 7.88 -9.50
C GLU B 97 11.60 6.87 -10.56
N LEU B 98 11.15 5.63 -10.38
CA LEU B 98 11.58 4.54 -11.24
C LEU B 98 11.08 4.70 -12.66
N LEU B 99 9.88 5.25 -12.82
CA LEU B 99 9.34 5.45 -14.15
C LEU B 99 10.10 6.57 -14.87
N VAL B 100 10.50 7.59 -14.12
CA VAL B 100 11.23 8.70 -14.71
C VAL B 100 12.60 8.22 -15.21
N LEU B 101 13.31 7.44 -14.38
CA LEU B 101 14.57 6.83 -14.75
C LEU B 101 14.43 5.95 -15.97
N MET B 102 13.40 5.12 -15.96
CA MET B 102 13.21 4.15 -17.01
C MET B 102 12.85 4.83 -18.31
N GLU B 103 12.06 5.92 -18.25
CA GLU B 103 11.68 6.57 -19.49
C GLU B 103 12.76 7.52 -20.00
N ASN B 104 13.57 8.04 -19.09
CA ASN B 104 14.69 8.88 -19.49
C ASN B 104 15.65 8.10 -20.38
N GLU B 105 16.03 6.91 -19.95
CA GLU B 105 16.98 6.13 -20.73
C GLU B 105 16.35 5.72 -22.04
N ARG B 106 15.06 5.38 -22.02
CA ARG B 106 14.38 5.10 -23.27
C ARG B 106 14.29 6.35 -24.15
N THR B 107 14.18 7.54 -23.54
CA THR B 107 14.05 8.76 -24.31
C THR B 107 15.36 9.12 -25.02
N LEU B 108 16.48 8.88 -24.34
CA LEU B 108 17.78 9.14 -24.90
C LEU B 108 18.11 8.18 -26.02
N ASP B 109 17.70 6.92 -25.86
CA ASP B 109 17.91 5.91 -26.88
C ASP B 109 16.95 6.11 -28.04
N PHE B 110 15.92 6.90 -27.80
CA PHE B 110 14.93 7.21 -28.81
C PHE B 110 15.41 8.26 -29.79
N HIS B 111 16.03 9.32 -29.26
CA HIS B 111 16.65 10.38 -30.07
C HIS B 111 17.75 9.79 -30.90
N ASP B 112 18.43 8.89 -30.23
CA ASP B 112 19.52 8.12 -30.71
C ASP B 112 19.24 7.30 -31.96
N SER B 113 18.14 6.56 -31.93
CA SER B 113 17.73 5.72 -33.06
C SER B 113 17.37 6.62 -34.23
N ASN B 114 16.64 7.69 -33.94
CA ASN B 114 16.23 8.66 -34.95
C ASN B 114 17.42 9.27 -35.71
N VAL B 115 18.58 9.33 -35.06
CA VAL B 115 19.81 9.77 -35.72
C VAL B 115 20.33 8.68 -36.68
N LYS B 116 20.22 7.42 -36.27
CA LYS B 116 20.63 6.28 -37.10
C LYS B 116 19.60 5.93 -38.19
N ASN B 117 18.32 6.11 -37.88
CA ASN B 117 17.24 5.87 -38.85
C ASN B 117 17.21 6.94 -39.95
N LEU B 118 17.67 8.13 -39.59
CA LEU B 118 17.75 9.24 -40.54
C LEU B 118 18.99 9.13 -41.42
N TYR B 119 20.03 8.52 -40.85
CA TYR B 119 21.30 8.30 -41.54
C TYR B 119 21.13 7.17 -42.54
N ASP B 120 20.45 6.11 -42.10
CA ASP B 120 20.17 4.99 -42.98
C ASP B 120 19.07 5.35 -43.99
N LYS B 121 18.27 6.35 -43.67
CA LYS B 121 17.25 6.81 -44.62
C LYS B 121 17.94 7.37 -45.84
N VAL B 122 18.98 8.16 -45.59
CA VAL B 122 19.78 8.77 -46.66
C VAL B 122 20.76 7.78 -47.30
N ARG B 123 21.43 6.97 -46.49
CA ARG B 123 22.42 6.03 -47.01
C ARG B 123 21.81 5.00 -47.95
N LEU B 124 20.52 4.74 -47.79
CA LEU B 124 19.84 3.76 -48.63
C LEU B 124 19.38 4.43 -49.91
N GLN B 125 19.19 5.74 -49.85
CA GLN B 125 18.77 6.53 -50.99
C GLN B 125 19.96 6.86 -51.90
N LEU B 126 21.12 7.08 -51.29
CA LEU B 126 22.32 7.50 -52.00
C LEU B 126 23.01 6.33 -52.68
N ARG B 127 23.29 5.27 -51.89
CA ARG B 127 23.96 4.07 -52.39
C ARG B 127 25.32 4.39 -53.00
N ASP B 128 25.52 3.97 -54.24
CA ASP B 128 26.81 4.13 -54.92
C ASP B 128 27.01 5.50 -55.59
N ASN B 129 26.06 6.41 -55.38
CA ASN B 129 26.18 7.78 -55.88
C ASN B 129 26.91 8.70 -54.90
N ALA B 130 27.34 8.14 -53.77
CA ALA B 130 28.05 8.91 -52.78
C ALA B 130 29.05 8.07 -52.00
N LYS B 131 30.07 8.72 -51.43
CA LYS B 131 31.06 8.03 -50.62
C LYS B 131 30.69 8.20 -49.15
N GLU B 132 30.68 7.10 -48.42
CA GLU B 132 30.34 7.11 -47.00
C GLU B 132 31.60 7.37 -46.17
N LEU B 133 31.75 8.60 -45.68
CA LEU B 133 32.97 9.00 -44.98
C LEU B 133 33.13 8.38 -43.59
N GLY B 134 32.02 8.04 -42.95
CA GLY B 134 32.07 7.39 -41.65
C GLY B 134 32.17 8.40 -40.51
N ASN B 135 31.77 9.63 -40.79
CA ASN B 135 31.71 10.66 -39.77
C ASN B 135 30.32 11.29 -39.75
N GLY B 136 29.37 10.61 -40.40
CA GLY B 136 28.02 11.10 -40.50
C GLY B 136 27.77 11.85 -41.80
N CYS B 137 28.81 11.98 -42.61
CA CYS B 137 28.72 12.73 -43.86
C CYS B 137 28.72 11.79 -45.07
N PHE B 138 28.20 12.29 -46.18
CA PHE B 138 28.27 11.60 -47.46
C PHE B 138 28.90 12.52 -48.51
N GLU B 139 29.89 12.01 -49.25
CA GLU B 139 30.52 12.79 -50.32
C GLU B 139 30.04 12.34 -51.68
N PHE B 140 29.31 13.23 -52.36
CA PHE B 140 28.68 12.89 -53.63
C PHE B 140 29.68 12.52 -54.71
N TYR B 141 29.31 11.51 -55.51
CA TYR B 141 30.04 11.15 -56.71
C TYR B 141 29.45 11.90 -57.90
N HIS B 142 28.61 12.88 -57.62
CA HIS B 142 28.05 13.72 -58.66
C HIS B 142 27.82 15.12 -58.13
N ARG B 143 27.26 15.99 -58.97
CA ARG B 143 26.98 17.34 -58.54
C ARG B 143 25.53 17.42 -58.06
N CYS B 144 25.35 18.01 -56.88
CA CYS B 144 24.05 18.10 -56.23
C CYS B 144 23.71 19.54 -55.88
N ASP B 145 22.88 20.18 -56.70
CA ASP B 145 22.51 21.57 -56.44
C ASP B 145 21.58 21.65 -55.23
N ASN B 146 21.27 22.88 -54.81
CA ASN B 146 20.45 23.09 -53.61
C ASN B 146 18.99 22.66 -53.76
N GLU B 147 18.67 22.04 -54.90
CA GLU B 147 17.34 21.48 -55.14
C GLU B 147 17.44 19.96 -55.23
N CYS B 148 18.64 19.47 -55.51
CA CYS B 148 18.94 18.04 -55.49
C CYS B 148 18.94 17.52 -54.07
N MET B 149 19.48 18.33 -53.17
CA MET B 149 19.59 17.98 -51.76
C MET B 149 18.23 18.08 -51.07
N GLU B 150 17.32 18.85 -51.65
CA GLU B 150 15.95 18.90 -51.18
C GLU B 150 15.28 17.53 -51.38
N SER B 151 15.75 16.78 -52.37
CA SER B 151 15.17 15.47 -52.70
C SER B 151 15.61 14.41 -51.71
N VAL B 152 16.80 14.60 -51.13
CA VAL B 152 17.32 13.65 -50.16
C VAL B 152 16.66 13.87 -48.81
N ARG B 153 16.29 15.12 -48.55
CA ARG B 153 15.66 15.49 -47.29
C ARG B 153 14.23 14.97 -47.19
N ASN B 154 13.49 14.98 -48.30
CA ASN B 154 12.10 14.52 -48.26
C ASN B 154 11.86 13.17 -48.97
N GLY B 155 12.93 12.43 -49.22
CA GLY B 155 12.82 11.06 -49.72
C GLY B 155 12.27 10.85 -51.11
N THR B 156 12.32 11.88 -51.94
CA THR B 156 11.79 11.82 -53.31
C THR B 156 12.93 11.50 -54.27
N TYR B 157 14.16 11.65 -53.76
CA TYR B 157 15.41 11.51 -54.52
C TYR B 157 15.35 10.51 -55.66
N ASP B 158 15.67 10.98 -56.86
CA ASP B 158 15.70 10.13 -58.05
C ASP B 158 17.15 9.71 -58.32
N TYR B 159 17.40 8.42 -58.17
CA TYR B 159 18.74 7.85 -58.26
C TYR B 159 19.32 7.72 -59.67
N PRO B 160 18.55 7.19 -60.66
CA PRO B 160 19.17 7.03 -61.98
C PRO B 160 19.56 8.34 -62.67
N GLN B 161 18.88 9.43 -62.33
CA GLN B 161 19.15 10.73 -62.93
C GLN B 161 20.57 11.21 -62.59
N TYR B 162 21.21 10.54 -61.64
CA TYR B 162 22.56 10.92 -61.25
C TYR B 162 23.50 9.72 -61.26
N SER B 163 23.00 8.57 -61.69
CA SER B 163 23.77 7.32 -61.68
C SER B 163 25.03 7.43 -62.54
N GLU B 164 24.84 7.89 -63.77
CA GLU B 164 25.93 7.94 -64.73
C GLU B 164 26.98 8.96 -64.32
N GLU B 165 26.55 10.16 -63.92
CA GLU B 165 27.50 11.17 -63.44
C GLU B 165 28.37 10.55 -62.36
N ALA B 166 27.72 9.76 -61.51
CA ALA B 166 28.38 9.06 -60.40
C ALA B 166 29.18 7.85 -60.85
N ARG B 167 28.62 7.07 -61.79
CA ARG B 167 29.32 5.89 -62.30
C ARG B 167 30.66 6.29 -62.92
N LEU B 168 30.61 7.35 -63.73
CA LEU B 168 31.79 7.86 -64.41
C LEU B 168 32.82 8.46 -63.44
N LYS B 169 32.35 9.17 -62.43
CA LYS B 169 33.26 9.77 -61.46
C LYS B 169 33.98 8.67 -60.67
N ARG B 170 33.30 7.54 -60.52
CA ARG B 170 33.87 6.36 -59.87
C ARG B 170 34.89 5.71 -60.78
N GLU B 171 34.74 5.95 -62.10
CA GLU B 171 35.64 5.39 -63.09
C GLU B 171 36.95 6.17 -63.15
N GLU B 172 36.87 7.49 -62.91
CA GLU B 172 38.04 8.36 -62.93
C GLU B 172 39.05 8.05 -61.83
N ILE B 173 38.56 7.94 -60.60
CA ILE B 173 39.42 7.63 -59.46
C ILE B 173 39.81 6.15 -59.40
N SER B 174 38.96 5.27 -59.93
CA SER B 174 39.29 3.85 -60.03
C SER B 174 39.93 3.56 -61.39
N GLY B 175 40.62 4.56 -61.93
CA GLY B 175 41.31 4.44 -63.21
C GLY B 175 42.56 5.29 -63.29
N ASP C 2 19.33 -7.68 -68.48
CA ASP C 2 17.93 -7.67 -68.07
C ASP C 2 17.79 -8.09 -66.61
N PRO C 3 16.76 -7.56 -65.91
CA PRO C 3 16.47 -7.84 -64.50
C PRO C 3 16.60 -9.30 -64.10
N GLY C 4 17.42 -9.58 -63.09
CA GLY C 4 17.65 -10.95 -62.67
C GLY C 4 16.84 -11.33 -61.45
N ASP C 5 17.46 -12.01 -60.51
CA ASP C 5 16.75 -12.54 -59.35
C ASP C 5 16.70 -11.55 -58.20
N GLN C 6 15.63 -11.64 -57.40
CA GLN C 6 15.36 -10.67 -56.34
C GLN C 6 14.87 -11.35 -55.05
N ILE C 7 15.37 -10.90 -53.91
CA ILE C 7 14.89 -11.33 -52.59
C ILE C 7 14.52 -10.10 -51.74
N CYS C 8 13.46 -10.21 -50.96
CA CYS C 8 13.01 -9.11 -50.12
C CYS C 8 12.77 -9.55 -48.67
N ILE C 9 12.95 -8.64 -47.72
CA ILE C 9 12.64 -8.91 -46.31
C ILE C 9 11.36 -8.23 -45.86
N GLY C 10 10.44 -9.00 -45.30
CA GLY C 10 9.16 -8.44 -44.89
C GLY C 10 8.47 -9.14 -43.73
N TYR C 11 7.37 -8.53 -43.30
CA TYR C 11 6.64 -8.97 -42.13
C TYR C 11 5.13 -9.10 -42.39
N HIS C 12 4.43 -9.66 -41.42
CA HIS C 12 3.03 -10.03 -41.55
C HIS C 12 2.06 -8.84 -41.44
N ALA C 13 0.93 -8.93 -42.14
CA ALA C 13 -0.13 -7.93 -42.06
C ALA C 13 -1.50 -8.55 -42.33
N ASN C 14 -2.55 -7.79 -42.04
CA ASN C 14 -3.92 -8.20 -42.33
C ASN C 14 -4.85 -7.01 -42.26
N ASN C 15 -6.15 -7.27 -42.19
CA ASN C 15 -7.15 -6.22 -42.12
C ASN C 15 -7.70 -6.07 -40.71
N SER C 16 -6.84 -6.26 -39.72
CA SER C 16 -7.21 -6.20 -38.30
C SER C 16 -7.29 -4.75 -37.83
N THR C 17 -8.23 -4.47 -36.92
CA THR C 17 -8.44 -3.11 -36.43
C THR C 17 -8.16 -2.96 -34.94
N GLU C 18 -7.60 -4.01 -34.35
CA GLU C 18 -7.24 -4.02 -32.93
C GLU C 18 -6.19 -2.98 -32.56
N GLN C 19 -6.54 -2.14 -31.58
CA GLN C 19 -5.66 -1.08 -31.13
C GLN C 19 -5.12 -1.30 -29.71
N VAL C 20 -3.88 -0.90 -29.47
CA VAL C 20 -3.29 -0.92 -28.15
C VAL C 20 -2.68 0.45 -27.86
N ASP C 21 -2.26 0.69 -26.62
CA ASP C 21 -1.61 1.95 -26.31
C ASP C 21 -0.22 1.72 -25.77
N THR C 22 0.66 2.70 -25.95
CA THR C 22 1.97 2.70 -25.31
C THR C 22 2.23 4.06 -24.66
N ILE C 23 3.41 4.24 -24.10
CA ILE C 23 3.74 5.48 -23.41
C ILE C 23 3.86 6.64 -24.38
N MET C 24 4.37 6.36 -25.58
CA MET C 24 4.62 7.40 -26.58
C MET C 24 3.51 7.50 -27.63
N GLU C 25 2.79 6.41 -27.85
CA GLU C 25 1.81 6.34 -28.94
C GLU C 25 0.43 5.83 -28.50
N LYS C 26 -0.62 6.52 -28.96
CA LYS C 26 -2.00 6.12 -28.68
C LYS C 26 -2.70 5.56 -29.93
N ASN C 27 -3.71 4.73 -29.72
CA ASN C 27 -4.54 4.17 -30.79
C ASN C 27 -3.73 3.54 -31.96
N VAL C 28 -2.70 2.79 -31.62
CA VAL C 28 -1.88 2.10 -32.61
C VAL C 28 -2.57 0.83 -33.06
N THR C 29 -2.77 0.68 -34.37
CA THR C 29 -3.44 -0.50 -34.90
C THR C 29 -2.44 -1.63 -35.04
N VAL C 30 -2.81 -2.80 -34.52
CA VAL C 30 -1.89 -3.94 -34.46
C VAL C 30 -2.47 -5.13 -35.22
N THR C 31 -1.62 -6.09 -35.59
CA THR C 31 -2.12 -7.25 -36.32
C THR C 31 -2.81 -8.19 -35.34
N HIS C 32 -2.19 -8.34 -34.16
CA HIS C 32 -2.73 -9.22 -33.12
C HIS C 32 -2.65 -8.61 -31.73
N ALA C 33 -3.78 -8.59 -31.03
CA ALA C 33 -3.80 -8.15 -29.63
C ALA C 33 -4.57 -9.16 -28.80
N GLN C 34 -4.46 -9.05 -27.48
CA GLN C 34 -5.16 -9.97 -26.58
C GLN C 34 -5.78 -9.23 -25.41
N ASP C 35 -7.12 -9.09 -25.43
CA ASP C 35 -7.86 -8.50 -24.32
C ASP C 35 -7.73 -9.37 -23.09
N ILE C 36 -7.33 -8.77 -21.98
CA ILE C 36 -7.11 -9.47 -20.73
C ILE C 36 -8.03 -8.96 -19.61
N LEU C 37 -9.03 -8.15 -19.97
CA LEU C 37 -9.91 -7.51 -19.00
C LEU C 37 -11.38 -7.88 -19.21
N GLU C 38 -11.93 -8.67 -18.29
CA GLU C 38 -13.35 -9.01 -18.31
C GLU C 38 -14.21 -7.80 -17.90
N LYS C 39 -15.24 -7.47 -18.68
CA LYS C 39 -16.04 -6.28 -18.39
C LYS C 39 -17.54 -6.56 -18.26
N THR C 40 -17.93 -7.83 -18.28
CA THR C 40 -19.36 -8.17 -18.24
C THR C 40 -19.74 -9.20 -17.16
N HIS C 41 -20.95 -9.04 -16.62
CA HIS C 41 -21.51 -9.92 -15.61
C HIS C 41 -22.97 -10.25 -15.92
N ASN C 42 -23.52 -11.26 -15.24
CA ASN C 42 -24.87 -11.64 -15.59
C ASN C 42 -25.92 -10.84 -14.83
N GLY C 43 -25.49 -9.91 -13.99
CA GLY C 43 -26.39 -9.05 -13.25
C GLY C 43 -27.28 -9.80 -12.26
N LYS C 44 -26.88 -11.00 -11.87
CA LYS C 44 -27.68 -11.86 -11.00
C LYS C 44 -26.89 -12.44 -9.81
N LEU C 45 -27.61 -12.81 -8.75
CA LEU C 45 -27.04 -13.55 -7.60
C LEU C 45 -27.16 -15.06 -7.82
N CYS C 46 -26.03 -15.74 -7.86
CA CYS C 46 -26.00 -17.16 -8.23
C CYS C 46 -25.54 -18.01 -7.08
N ASN C 47 -25.61 -19.31 -7.27
CA ASN C 47 -24.99 -20.21 -6.33
C ASN C 47 -23.49 -20.12 -6.50
N LEU C 48 -22.77 -20.50 -5.47
CA LEU C 48 -21.32 -20.51 -5.53
C LEU C 48 -20.85 -21.95 -5.53
N ASP C 49 -20.33 -22.41 -6.67
CA ASP C 49 -20.30 -23.84 -6.93
C ASP C 49 -21.65 -24.49 -6.66
N GLY C 50 -21.66 -25.54 -5.85
CA GLY C 50 -22.93 -26.24 -5.66
C GLY C 50 -23.93 -25.51 -4.77
N VAL C 51 -23.46 -24.49 -4.08
CA VAL C 51 -24.14 -24.01 -2.88
C VAL C 51 -24.87 -22.67 -2.99
N LYS C 52 -26.16 -22.69 -2.66
CA LYS C 52 -26.99 -21.51 -2.71
C LYS C 52 -26.60 -20.50 -1.61
N PRO C 53 -26.64 -19.20 -1.93
CA PRO C 53 -26.44 -18.18 -0.90
C PRO C 53 -27.61 -18.12 0.08
N LEU C 54 -27.34 -17.59 1.27
CA LEU C 54 -28.39 -17.14 2.17
C LEU C 54 -28.67 -15.68 1.87
N ILE C 55 -29.79 -15.45 1.19
CA ILE C 55 -30.23 -14.10 0.89
C ILE C 55 -31.24 -13.66 1.94
N LEU C 56 -30.83 -12.83 2.90
CA LEU C 56 -31.86 -12.21 3.74
C LEU C 56 -32.60 -11.28 2.83
N ARG C 57 -33.90 -11.12 3.03
CA ARG C 57 -34.58 -10.27 2.07
C ARG C 57 -34.59 -8.90 2.63
N ASP C 58 -35.60 -8.63 3.45
CA ASP C 58 -35.67 -7.38 4.15
C ASP C 58 -35.23 -7.51 5.61
N CYS C 59 -34.49 -8.57 5.90
CA CYS C 59 -34.03 -8.76 7.25
C CYS C 59 -32.54 -8.48 7.33
N SER C 60 -32.11 -7.84 8.41
CA SER C 60 -30.69 -7.72 8.71
C SER C 60 -30.18 -8.97 9.42
N VAL C 61 -28.86 -9.11 9.49
CA VAL C 61 -28.33 -10.24 10.25
C VAL C 61 -28.90 -10.21 11.69
N ALA C 62 -28.95 -9.05 12.33
CA ALA C 62 -29.55 -8.98 13.66
C ALA C 62 -31.00 -9.47 13.68
N GLY C 63 -31.81 -9.05 12.72
CA GLY C 63 -33.21 -9.46 12.66
C GLY C 63 -33.32 -10.98 12.59
N TRP C 64 -32.52 -11.55 11.70
CA TRP C 64 -32.40 -12.99 11.57
C TRP C 64 -31.97 -13.66 12.86
N LEU C 65 -30.85 -13.23 13.44
CA LEU C 65 -30.28 -13.98 14.56
C LEU C 65 -31.13 -13.85 15.81
N LEU C 66 -31.68 -12.67 16.05
CA LEU C 66 -32.52 -12.48 17.20
C LEU C 66 -33.92 -13.08 16.98
N GLY C 67 -34.34 -13.14 15.72
CA GLY C 67 -35.66 -13.67 15.40
C GLY C 67 -36.73 -12.58 15.42
N ASN C 68 -36.48 -11.46 14.75
CA ASN C 68 -37.52 -10.49 14.45
C ASN C 68 -38.67 -11.27 13.82
N PRO C 69 -39.89 -11.06 14.31
CA PRO C 69 -41.04 -11.88 13.86
C PRO C 69 -41.24 -11.81 12.34
N MET C 70 -40.81 -10.71 11.73
CA MET C 70 -40.90 -10.58 10.30
C MET C 70 -39.83 -11.40 9.59
N CYS C 71 -39.09 -12.21 10.33
CA CYS C 71 -37.98 -12.91 9.73
C CYS C 71 -38.11 -14.43 9.83
N ASP C 72 -39.31 -14.90 10.10
CA ASP C 72 -39.50 -16.33 10.35
C ASP C 72 -39.05 -17.21 9.17
N GLU C 73 -38.91 -16.62 8.00
CA GLU C 73 -38.38 -17.33 6.84
C GLU C 73 -37.03 -17.89 7.16
N PHE C 74 -36.30 -17.24 8.06
CA PHE C 74 -34.93 -17.61 8.29
C PHE C 74 -34.72 -18.33 9.63
N LEU C 75 -35.81 -18.87 10.19
CA LEU C 75 -35.74 -19.54 11.49
C LEU C 75 -34.76 -20.70 11.51
N ASN C 76 -34.66 -21.40 10.41
CA ASN C 76 -33.80 -22.55 10.34
C ASN C 76 -33.28 -22.69 8.92
N VAL C 77 -32.26 -21.90 8.59
CA VAL C 77 -31.76 -21.85 7.20
C VAL C 77 -30.79 -22.98 6.93
N PRO C 78 -30.76 -23.44 5.70
CA PRO C 78 -29.75 -24.42 5.30
C PRO C 78 -28.35 -23.82 5.20
N GLU C 79 -27.36 -24.69 5.03
CA GLU C 79 -26.00 -24.26 4.76
C GLU C 79 -25.92 -23.27 3.58
N TRP C 80 -25.18 -22.17 3.76
CA TRP C 80 -25.01 -21.18 2.69
C TRP C 80 -23.56 -21.12 2.24
N SER C 81 -23.34 -20.53 1.07
CA SER C 81 -22.01 -20.31 0.52
C SER C 81 -21.52 -18.92 0.92
N TYR C 82 -22.44 -17.95 0.81
CA TYR C 82 -22.18 -16.59 1.23
C TYR C 82 -23.52 -15.97 1.64
N ILE C 83 -23.47 -14.79 2.25
CA ILE C 83 -24.67 -14.13 2.76
C ILE C 83 -24.91 -12.79 2.04
N VAL C 84 -26.14 -12.54 1.62
CA VAL C 84 -26.54 -11.29 0.99
C VAL C 84 -27.51 -10.56 1.90
N GLU C 85 -27.19 -9.31 2.20
CA GLU C 85 -28.02 -8.47 3.05
C GLU C 85 -28.26 -7.24 2.21
N LYS C 86 -29.44 -6.65 2.31
CA LYS C 86 -29.75 -5.40 1.62
C LYS C 86 -29.05 -4.27 2.34
N ILE C 87 -28.96 -3.11 1.69
CA ILE C 87 -28.19 -2.00 2.23
C ILE C 87 -28.82 -1.48 3.51
N ASN C 88 -30.13 -1.30 3.53
CA ASN C 88 -30.82 -0.89 4.76
C ASN C 88 -32.06 -1.73 5.02
N PRO C 89 -31.89 -2.96 5.52
CA PRO C 89 -32.99 -3.92 5.73
C PRO C 89 -34.09 -3.33 6.61
N ALA C 90 -35.36 -3.59 6.32
CA ALA C 90 -36.45 -2.94 7.07
C ALA C 90 -36.61 -3.61 8.42
N ASN C 91 -36.44 -4.92 8.44
CA ASN C 91 -36.61 -5.72 9.64
C ASN C 91 -35.33 -6.01 10.35
N ASP C 92 -34.99 -5.09 11.26
CA ASP C 92 -33.75 -5.12 12.01
C ASP C 92 -34.04 -5.43 13.48
N LEU C 93 -33.72 -4.52 14.39
CA LEU C 93 -34.17 -4.66 15.76
C LEU C 93 -35.54 -4.04 15.83
N CYS C 94 -36.57 -4.89 15.93
CA CYS C 94 -37.91 -4.38 15.95
C CYS C 94 -38.11 -3.45 17.13
N TYR C 95 -37.77 -3.93 18.31
CA TYR C 95 -37.82 -3.08 19.50
C TYR C 95 -36.60 -2.15 19.50
N PRO C 96 -36.83 -0.85 19.69
CA PRO C 96 -35.72 0.12 19.54
C PRO C 96 -34.58 -0.18 20.53
N GLY C 97 -33.32 0.04 20.12
CA GLY C 97 -32.17 -0.25 20.97
C GLY C 97 -30.94 -0.54 20.13
N ASN C 98 -30.02 -1.36 20.64
CA ASN C 98 -28.81 -1.65 19.87
C ASN C 98 -28.29 -3.05 20.13
N PHE C 99 -27.50 -3.54 19.19
CA PHE C 99 -26.86 -4.83 19.27
C PHE C 99 -25.37 -4.58 19.53
N ASN C 100 -24.89 -4.92 20.71
CA ASN C 100 -23.51 -4.63 21.11
C ASN C 100 -22.50 -5.45 20.34
N ASP C 101 -21.43 -4.80 19.90
CA ASP C 101 -20.37 -5.46 19.13
C ASP C 101 -20.93 -6.18 17.94
N TYR C 102 -21.85 -5.49 17.26
CA TYR C 102 -22.55 -6.04 16.12
C TYR C 102 -21.64 -6.28 14.94
N GLU C 103 -20.78 -5.31 14.63
CA GLU C 103 -19.94 -5.45 13.46
C GLU C 103 -18.94 -6.55 13.70
N GLU C 104 -18.53 -6.73 14.96
CA GLU C 104 -17.64 -7.85 15.32
C GLU C 104 -18.35 -9.21 15.16
N LEU C 105 -19.63 -9.27 15.53
CA LEU C 105 -20.36 -10.50 15.29
C LEU C 105 -20.50 -10.82 13.79
N LYS C 106 -20.88 -9.81 13.01
CA LYS C 106 -21.03 -9.93 11.56
C LYS C 106 -19.72 -10.38 10.88
N HIS C 107 -18.59 -9.93 11.41
CA HIS C 107 -17.30 -10.37 10.86
C HIS C 107 -17.04 -11.84 11.19
N LEU C 108 -17.45 -12.21 12.39
CA LEU C 108 -17.34 -13.59 12.85
C LEU C 108 -18.13 -14.46 11.88
N LEU C 109 -19.27 -13.91 11.48
CA LEU C 109 -20.19 -14.57 10.58
C LEU C 109 -19.59 -14.88 9.21
N SER C 110 -18.58 -14.13 8.80
CA SER C 110 -17.99 -14.32 7.48
C SER C 110 -17.09 -15.55 7.40
N ARG C 111 -16.89 -16.24 8.52
CA ARG C 111 -16.12 -17.48 8.52
C ARG C 111 -16.97 -18.71 8.92
N ILE C 112 -18.29 -18.54 8.82
CA ILE C 112 -19.25 -19.58 9.16
C ILE C 112 -20.17 -19.80 7.97
N ASN C 113 -20.40 -21.07 7.64
CA ASN C 113 -21.26 -21.45 6.53
C ASN C 113 -22.59 -22.07 7.01
N HIS C 114 -22.66 -22.48 8.27
CA HIS C 114 -23.87 -23.12 8.75
C HIS C 114 -24.05 -23.09 10.27
N PHE C 115 -25.25 -22.66 10.68
CA PHE C 115 -25.72 -22.75 12.06
C PHE C 115 -26.66 -23.93 12.16
N GLU C 116 -26.76 -24.53 13.32
CA GLU C 116 -27.91 -25.36 13.58
C GLU C 116 -28.45 -24.90 14.92
N LYS C 117 -29.66 -24.37 14.88
CA LYS C 117 -30.26 -23.75 16.06
C LYS C 117 -30.72 -24.80 17.08
N ILE C 118 -30.51 -24.52 18.37
CA ILE C 118 -30.93 -25.42 19.41
C ILE C 118 -31.65 -24.66 20.54
N GLN C 119 -32.43 -25.40 21.33
CA GLN C 119 -33.16 -24.80 22.42
C GLN C 119 -32.38 -24.82 23.69
N ILE C 120 -32.21 -23.67 24.30
CA ILE C 120 -31.40 -23.62 25.48
C ILE C 120 -32.33 -23.52 26.68
N THR C 121 -33.50 -22.90 26.48
CA THR C 121 -34.48 -22.81 27.56
C THR C 121 -35.90 -22.93 27.01
N PRO C 122 -36.65 -23.96 27.45
CA PRO C 122 -38.05 -24.09 27.03
C PRO C 122 -38.87 -22.89 27.51
N LYS C 123 -39.82 -22.44 26.71
CA LYS C 123 -40.61 -21.31 27.16
C LYS C 123 -41.38 -21.65 28.42
N ASN C 124 -41.75 -22.93 28.61
CA ASN C 124 -42.58 -23.25 29.77
C ASN C 124 -41.75 -23.56 31.01
N SER C 125 -40.54 -23.04 31.07
CA SER C 125 -39.70 -23.28 32.23
C SER C 125 -39.77 -22.07 33.14
N TRP C 126 -40.39 -21.01 32.68
CA TRP C 126 -40.45 -19.84 33.53
C TRP C 126 -41.75 -19.91 34.33
N SER C 127 -41.65 -20.61 35.46
CA SER C 127 -42.80 -20.88 36.31
C SER C 127 -42.97 -19.80 37.36
N ASP C 128 -41.93 -19.02 37.60
CA ASP C 128 -42.01 -17.93 38.57
C ASP C 128 -41.92 -16.56 37.94
N HIS C 129 -41.93 -16.55 36.62
CA HIS C 129 -41.89 -15.31 35.88
C HIS C 129 -42.84 -15.40 34.72
N GLU C 130 -43.37 -14.28 34.31
CA GLU C 130 -44.15 -14.23 33.09
C GLU C 130 -43.18 -14.12 31.92
N ALA C 131 -43.31 -15.02 30.95
CA ALA C 131 -42.39 -15.13 29.85
C ALA C 131 -43.09 -14.82 28.56
N SER C 132 -43.93 -13.78 28.57
CA SER C 132 -44.81 -13.53 27.43
C SER C 132 -44.76 -12.06 27.05
N GLY C 133 -43.69 -11.39 27.43
CA GLY C 133 -43.48 -10.01 27.08
C GLY C 133 -43.48 -9.77 25.58
N VAL C 134 -44.19 -8.74 25.19
CA VAL C 134 -44.52 -8.53 23.80
C VAL C 134 -44.52 -7.00 23.52
N SER C 135 -44.49 -6.58 22.27
CA SER C 135 -44.49 -5.14 21.98
C SER C 135 -45.06 -4.77 20.62
N SER C 136 -45.69 -3.59 20.56
CA SER C 136 -46.25 -3.10 19.30
C SER C 136 -45.14 -2.80 18.28
N ALA C 137 -43.95 -2.52 18.77
CA ALA C 137 -42.83 -2.28 17.89
C ALA C 137 -42.39 -3.57 17.22
N CYS C 138 -42.85 -4.70 17.74
CA CYS C 138 -42.46 -6.01 17.23
C CYS C 138 -43.66 -6.74 16.70
N PRO C 139 -44.28 -6.26 15.61
CA PRO C 139 -45.55 -6.83 15.14
C PRO C 139 -45.41 -8.17 14.43
N TYR C 140 -46.36 -9.07 14.61
CA TYR C 140 -46.30 -10.33 13.87
C TYR C 140 -47.34 -10.36 12.78
N GLN C 141 -48.55 -10.78 13.11
CA GLN C 141 -49.56 -10.80 12.07
C GLN C 141 -50.70 -9.88 12.49
N GLY C 142 -50.39 -8.59 12.60
CA GLY C 142 -51.37 -7.66 13.08
C GLY C 142 -51.33 -7.37 14.55
N ARG C 143 -50.94 -8.36 15.35
CA ARG C 143 -50.87 -8.17 16.79
C ARG C 143 -49.43 -7.90 17.27
N SER C 144 -49.31 -7.62 18.57
CA SER C 144 -48.02 -7.38 19.20
C SER C 144 -47.26 -8.69 19.48
N SER C 145 -45.99 -8.75 19.07
CA SER C 145 -45.19 -9.96 19.22
C SER C 145 -43.84 -9.66 19.86
N PHE C 146 -42.85 -10.49 19.53
CA PHE C 146 -41.51 -10.33 20.08
C PHE C 146 -40.50 -11.15 19.32
N PHE C 147 -39.21 -10.90 19.56
CA PHE C 147 -38.14 -11.74 19.08
C PHE C 147 -38.40 -13.21 19.43
N ARG C 148 -38.01 -14.13 18.56
CA ARG C 148 -38.35 -15.51 18.79
C ARG C 148 -37.28 -16.29 19.55
N ASN C 149 -36.04 -15.78 19.51
CA ASN C 149 -34.92 -16.50 20.05
C ASN C 149 -34.54 -16.01 21.45
N VAL C 150 -35.22 -14.97 21.91
CA VAL C 150 -34.97 -14.50 23.27
C VAL C 150 -36.33 -14.27 23.94
N VAL C 151 -36.39 -14.22 25.26
CA VAL C 151 -37.68 -14.10 25.94
C VAL C 151 -37.78 -12.93 26.92
N TRP C 152 -38.86 -12.17 26.82
CA TRP C 152 -39.10 -11.06 27.74
C TRP C 152 -39.83 -11.53 29.02
N LEU C 153 -39.07 -11.61 30.10
CA LEU C 153 -39.56 -12.05 31.38
C LEU C 153 -39.98 -10.81 32.16
N THR C 154 -41.16 -10.89 32.76
CA THR C 154 -41.69 -9.83 33.59
C THR C 154 -42.09 -10.45 34.92
N LYS C 155 -42.43 -9.63 35.89
CA LYS C 155 -42.80 -10.13 37.20
C LYS C 155 -44.00 -11.05 37.08
N LYS C 156 -44.05 -12.06 37.94
CA LYS C 156 -45.25 -12.90 38.01
C LYS C 156 -45.89 -12.72 39.37
N ASP C 157 -47.23 -12.63 39.38
CA ASP C 157 -47.94 -12.18 40.56
C ASP C 157 -47.36 -10.82 40.92
N ASN C 158 -46.68 -10.72 42.05
CA ASN C 158 -46.01 -9.47 42.32
C ASN C 158 -44.58 -9.66 42.75
N ALA C 159 -43.93 -10.57 42.06
CA ALA C 159 -42.58 -10.91 42.41
C ALA C 159 -41.77 -11.19 41.15
N TYR C 160 -40.49 -10.94 41.29
CA TYR C 160 -39.51 -11.34 40.32
C TYR C 160 -38.46 -12.04 41.15
N PRO C 161 -38.65 -13.33 41.39
CA PRO C 161 -37.61 -14.06 42.10
C PRO C 161 -36.27 -13.97 41.35
N THR C 162 -35.14 -14.01 42.06
CA THR C 162 -33.86 -14.00 41.40
C THR C 162 -33.71 -15.26 40.55
N ILE C 163 -33.43 -15.06 39.26
CA ILE C 163 -33.22 -16.11 38.28
C ILE C 163 -31.78 -16.54 38.27
N LYS C 164 -31.55 -17.84 38.39
CA LYS C 164 -30.24 -18.45 38.26
C LYS C 164 -30.43 -19.58 37.25
N ARG C 165 -29.88 -19.42 36.07
CA ARG C 165 -30.12 -20.36 34.99
C ARG C 165 -28.69 -20.71 34.53
N SER C 166 -28.46 -21.94 34.10
CA SER C 166 -27.10 -22.39 33.78
C SER C 166 -27.07 -23.30 32.57
N TYR C 167 -26.02 -23.26 31.75
CA TYR C 167 -26.00 -24.20 30.62
C TYR C 167 -24.57 -24.56 30.25
N ASN C 168 -24.30 -25.86 30.17
CA ASN C 168 -22.99 -26.35 29.75
C ASN C 168 -23.03 -26.81 28.30
N ASN C 169 -22.13 -26.28 27.46
CA ASN C 169 -22.08 -26.69 26.08
C ASN C 169 -21.41 -28.04 25.92
N THR C 170 -22.24 -29.09 25.94
CA THR C 170 -21.81 -30.49 25.87
C THR C 170 -21.57 -30.93 24.43
N ASN C 171 -22.02 -30.11 23.49
CA ASN C 171 -21.82 -30.39 22.05
C ASN C 171 -20.37 -30.31 21.60
N GLN C 172 -20.09 -30.83 20.42
CA GLN C 172 -18.73 -30.81 19.92
C GLN C 172 -18.38 -29.41 19.45
N GLU C 173 -19.39 -28.72 18.94
CA GLU C 173 -19.20 -27.39 18.37
C GLU C 173 -19.50 -26.26 19.34
N ASP C 174 -18.95 -25.08 19.03
CA ASP C 174 -19.13 -23.87 19.84
C ASP C 174 -20.53 -23.27 19.63
N LEU C 175 -21.07 -22.66 20.69
CA LEU C 175 -22.38 -21.99 20.63
C LEU C 175 -22.31 -20.49 20.58
N LEU C 176 -23.00 -19.89 19.60
CA LEU C 176 -23.32 -18.46 19.66
C LEU C 176 -24.54 -18.24 20.56
N VAL C 177 -24.34 -17.56 21.68
CA VAL C 177 -25.46 -17.34 22.60
C VAL C 177 -25.84 -15.87 22.68
N LEU C 178 -27.14 -15.58 22.61
CA LEU C 178 -27.68 -14.20 22.59
C LEU C 178 -28.59 -13.88 23.77
N TRP C 179 -28.48 -12.66 24.29
CA TRP C 179 -29.35 -12.26 25.38
C TRP C 179 -29.46 -10.78 25.36
N GLY C 180 -30.24 -10.23 26.27
CA GLY C 180 -30.40 -8.80 26.29
C GLY C 180 -30.86 -8.26 27.62
N ILE C 181 -30.88 -6.94 27.72
CA ILE C 181 -31.34 -6.22 28.91
C ILE C 181 -32.34 -5.14 28.44
N HIS C 182 -33.41 -4.90 29.20
CA HIS C 182 -34.37 -3.84 28.89
C HIS C 182 -34.15 -2.61 29.78
N HIS C 183 -34.08 -1.44 29.13
CA HIS C 183 -33.99 -0.13 29.78
C HIS C 183 -35.33 0.57 29.74
N PRO C 184 -36.04 0.58 30.88
CA PRO C 184 -37.35 1.25 31.04
C PRO C 184 -37.27 2.77 30.99
N ASN C 185 -38.42 3.43 31.06
CA ASN C 185 -38.43 4.88 30.94
C ASN C 185 -38.37 5.59 32.30
N ASP C 186 -39.02 5.02 33.31
CA ASP C 186 -39.12 5.60 34.65
C ASP C 186 -39.32 4.53 35.72
N ALA C 187 -39.08 4.89 36.98
CA ALA C 187 -39.08 3.93 38.08
C ALA C 187 -40.40 3.18 38.18
N THR C 188 -41.45 3.79 37.67
CA THR C 188 -42.77 3.22 37.78
C THR C 188 -42.88 2.04 36.82
N GLU C 189 -42.45 2.25 35.59
CA GLU C 189 -42.41 1.18 34.59
C GLU C 189 -41.56 0.04 35.12
N GLN C 190 -40.43 0.39 35.74
CA GLN C 190 -39.53 -0.60 36.29
C GLN C 190 -40.24 -1.53 37.30
N THR C 191 -40.97 -0.97 38.27
CA THR C 191 -41.66 -1.83 39.26
C THR C 191 -42.87 -2.46 38.61
N ARG C 192 -43.50 -1.74 37.70
CA ARG C 192 -44.66 -2.24 36.98
C ARG C 192 -44.32 -3.53 36.22
N LEU C 193 -43.05 -3.66 35.81
CA LEU C 193 -42.65 -4.78 34.95
C LEU C 193 -41.87 -5.90 35.66
N TYR C 194 -40.98 -5.52 36.58
CA TYR C 194 -40.03 -6.44 37.19
C TYR C 194 -40.05 -6.38 38.71
N GLN C 195 -41.02 -5.65 39.25
CA GLN C 195 -41.24 -5.51 40.69
C GLN C 195 -40.07 -4.82 41.38
N ASN C 196 -38.90 -5.44 41.32
CA ASN C 196 -37.69 -4.88 41.93
C ASN C 196 -37.23 -3.59 41.27
N PRO C 197 -36.91 -2.57 42.08
CA PRO C 197 -36.43 -1.29 41.55
C PRO C 197 -34.97 -1.35 41.14
N THR C 198 -34.15 -2.06 41.91
CA THR C 198 -32.73 -2.08 41.62
C THR C 198 -32.28 -3.44 41.17
N THR C 199 -32.03 -3.57 39.86
CA THR C 199 -31.79 -4.87 39.27
C THR C 199 -30.46 -4.97 38.53
N TYR C 200 -30.10 -6.20 38.15
CA TYR C 200 -28.83 -6.47 37.48
C TYR C 200 -28.98 -7.72 36.62
N ILE C 201 -28.02 -7.91 35.71
CA ILE C 201 -27.87 -9.15 34.98
C ILE C 201 -26.44 -9.60 34.99
N SER C 202 -26.18 -10.81 35.46
CA SER C 202 -24.82 -11.30 35.48
C SER C 202 -24.66 -12.38 34.42
N VAL C 203 -23.60 -12.34 33.62
CA VAL C 203 -23.41 -13.45 32.69
C VAL C 203 -21.97 -13.93 32.84
N GLY C 204 -21.82 -15.24 33.11
CA GLY C 204 -20.52 -15.80 33.39
C GLY C 204 -20.15 -16.94 32.49
N THR C 205 -18.85 -17.05 32.24
CA THR C 205 -18.32 -18.04 31.33
C THR C 205 -16.87 -18.23 31.82
N SER C 206 -16.06 -19.04 31.15
CA SER C 206 -14.65 -19.09 31.53
C SER C 206 -13.92 -17.79 31.11
N THR C 207 -14.46 -17.09 30.12
CA THR C 207 -13.83 -15.88 29.61
C THR C 207 -14.69 -14.64 29.85
N LEU C 208 -15.99 -14.82 30.06
CA LEU C 208 -16.88 -13.68 30.15
C LEU C 208 -17.28 -13.42 31.58
N ASN C 209 -17.23 -12.17 32.02
CA ASN C 209 -17.65 -11.81 33.37
C ASN C 209 -18.40 -10.51 33.31
N GLN C 210 -19.63 -10.58 32.83
CA GLN C 210 -20.44 -9.40 32.54
C GLN C 210 -21.43 -9.02 33.65
N LYS C 211 -21.50 -7.75 34.02
CA LYS C 211 -22.59 -7.29 34.85
C LYS C 211 -23.31 -6.09 34.22
N LEU C 212 -24.62 -6.25 33.99
CA LEU C 212 -25.49 -5.25 33.39
C LEU C 212 -26.42 -4.66 34.41
N VAL C 213 -26.65 -3.37 34.29
CA VAL C 213 -27.60 -2.67 35.11
C VAL C 213 -28.39 -1.76 34.16
N PRO C 214 -29.73 -1.76 34.30
CA PRO C 214 -30.61 -0.98 33.44
C PRO C 214 -30.30 0.50 33.60
N LYS C 215 -30.45 1.27 32.53
CA LYS C 215 -30.30 2.71 32.57
C LYS C 215 -31.65 3.30 32.42
N ILE C 216 -32.25 3.71 33.54
CA ILE C 216 -33.62 4.24 33.55
C ILE C 216 -33.68 5.74 33.39
N ALA C 217 -34.18 6.19 32.25
CA ALA C 217 -34.08 7.59 31.90
C ALA C 217 -35.13 7.97 30.88
N THR C 218 -35.35 9.27 30.73
CA THR C 218 -36.27 9.80 29.75
C THR C 218 -35.60 9.84 28.38
N ARG C 219 -36.26 9.29 27.35
CA ARG C 219 -35.77 9.26 25.97
C ARG C 219 -36.85 9.58 24.96
N SER C 220 -36.39 9.85 23.75
CA SER C 220 -37.26 10.06 22.62
C SER C 220 -38.11 8.84 22.36
N LYS C 221 -39.35 9.05 21.94
CA LYS C 221 -40.18 7.98 21.46
C LYS C 221 -39.57 7.50 20.16
N VAL C 222 -39.38 6.21 20.00
CA VAL C 222 -39.02 5.66 18.70
C VAL C 222 -40.02 4.57 18.39
N LYS C 223 -40.75 4.65 17.28
CA LYS C 223 -41.91 3.75 17.03
C LYS C 223 -42.85 3.84 18.24
N GLY C 224 -43.01 5.05 18.76
CA GLY C 224 -43.86 5.30 19.92
C GLY C 224 -43.29 4.83 21.25
N LEU C 225 -42.07 4.28 21.23
CA LEU C 225 -41.53 3.73 22.46
C LEU C 225 -40.37 4.47 23.02
N SER C 226 -40.38 4.64 24.32
CA SER C 226 -39.27 5.26 24.97
C SER C 226 -38.36 4.21 25.61
N GLY C 227 -38.85 3.00 25.81
CA GLY C 227 -38.01 1.94 26.30
C GLY C 227 -37.00 1.57 25.24
N ARG C 228 -35.91 0.93 25.65
CA ARG C 228 -34.82 0.51 24.76
C ARG C 228 -34.44 -0.89 25.13
N MET C 229 -33.89 -1.63 24.18
CA MET C 229 -33.49 -2.99 24.46
C MET C 229 -32.06 -3.17 23.90
N GLU C 230 -31.14 -3.64 24.74
CA GLU C 230 -29.73 -3.79 24.36
C GLU C 230 -29.30 -5.26 24.36
N PHE C 231 -28.69 -5.72 23.27
CA PHE C 231 -28.38 -7.12 23.15
C PHE C 231 -26.90 -7.44 23.12
N PHE C 232 -26.57 -8.56 23.76
CA PHE C 232 -25.21 -8.99 23.94
C PHE C 232 -25.11 -10.39 23.43
N TRP C 233 -23.89 -10.80 23.13
CA TRP C 233 -23.61 -12.14 22.63
C TRP C 233 -22.27 -12.67 23.08
N THR C 234 -22.10 -13.98 22.98
CA THR C 234 -20.81 -14.61 23.21
C THR C 234 -20.73 -15.93 22.43
N ILE C 235 -19.52 -16.38 22.19
CA ILE C 235 -19.24 -17.69 21.65
C ILE C 235 -18.90 -18.54 22.85
N LEU C 236 -19.77 -19.50 23.15
CA LEU C 236 -19.55 -20.41 24.25
C LEU C 236 -18.80 -21.58 23.68
N LYS C 237 -17.54 -21.69 24.10
CA LYS C 237 -16.71 -22.80 23.63
C LYS C 237 -17.33 -24.13 24.06
N SER C 238 -17.02 -25.17 23.28
CA SER C 238 -17.33 -26.54 23.65
C SER C 238 -16.76 -26.82 25.02
N ASN C 239 -17.57 -27.47 25.86
CA ASN C 239 -17.17 -27.89 27.19
C ASN C 239 -17.13 -26.76 28.21
N ASP C 240 -17.48 -25.56 27.80
CA ASP C 240 -17.58 -24.46 28.74
C ASP C 240 -19.03 -24.29 29.15
N ALA C 241 -19.27 -23.59 30.24
CA ALA C 241 -20.64 -23.33 30.69
C ALA C 241 -20.95 -21.83 30.70
N ILE C 242 -22.21 -21.47 30.53
CA ILE C 242 -22.58 -20.05 30.65
C ILE C 242 -23.59 -19.90 31.81
N ASN C 243 -23.38 -18.92 32.68
CA ASN C 243 -24.26 -18.75 33.83
C ASN C 243 -24.98 -17.41 33.88
N PHE C 244 -26.30 -17.44 34.01
CA PHE C 244 -27.06 -16.20 34.11
C PHE C 244 -27.61 -15.94 35.50
N GLU C 245 -27.43 -14.74 36.02
CA GLU C 245 -28.18 -14.37 37.22
C GLU C 245 -28.86 -13.02 37.02
N SER C 246 -30.18 -12.95 37.25
CA SER C 246 -30.89 -11.68 37.13
C SER C 246 -32.05 -11.53 38.09
N ASN C 247 -32.35 -10.29 38.47
CA ASN C 247 -33.55 -10.01 39.29
C ASN C 247 -34.44 -8.99 38.55
N GLY C 248 -34.25 -8.87 37.24
CA GLY C 248 -35.08 -8.01 36.41
C GLY C 248 -34.40 -7.48 35.17
N ASN C 249 -35.21 -7.00 34.22
CA ASN C 249 -34.75 -6.36 32.96
C ASN C 249 -33.99 -7.33 32.04
N PHE C 250 -34.03 -8.60 32.40
CA PHE C 250 -33.39 -9.67 31.68
C PHE C 250 -34.22 -10.12 30.46
N ILE C 251 -33.64 -10.02 29.27
CA ILE C 251 -34.22 -10.67 28.12
C ILE C 251 -33.39 -11.94 27.87
N ALA C 252 -33.96 -13.06 28.31
CA ALA C 252 -33.22 -14.32 28.47
C ALA C 252 -33.12 -15.05 27.16
N PRO C 253 -32.09 -15.86 27.00
CA PRO C 253 -31.96 -16.69 25.80
C PRO C 253 -33.02 -17.79 25.73
N GLU C 254 -33.61 -18.02 24.56
CA GLU C 254 -34.43 -19.21 24.32
C GLU C 254 -33.72 -20.16 23.36
N ASN C 255 -33.21 -19.60 22.26
CA ASN C 255 -32.45 -20.38 21.30
C ASN C 255 -31.04 -19.85 21.12
N ALA C 256 -30.16 -20.75 20.75
CA ALA C 256 -28.79 -20.42 20.47
C ALA C 256 -28.37 -21.19 19.23
N TYR C 257 -27.18 -20.90 18.73
CA TYR C 257 -26.75 -21.44 17.44
C TYR C 257 -25.47 -22.28 17.54
N LYS C 258 -25.53 -23.54 17.09
CA LYS C 258 -24.31 -24.33 16.99
C LYS C 258 -23.58 -23.92 15.72
N ILE C 259 -22.31 -23.60 15.86
CA ILE C 259 -21.50 -23.28 14.69
C ILE C 259 -21.05 -24.60 14.11
N VAL C 260 -21.79 -25.07 13.13
CA VAL C 260 -21.63 -26.40 12.58
C VAL C 260 -20.56 -26.50 11.49
N LYS C 261 -20.51 -25.50 10.61
CA LYS C 261 -19.58 -25.57 9.50
C LYS C 261 -18.89 -24.23 9.32
N LYS C 262 -17.56 -24.27 9.39
CA LYS C 262 -16.78 -23.06 9.22
C LYS C 262 -16.19 -23.02 7.81
N GLY C 263 -15.93 -21.84 7.28
CA GLY C 263 -15.38 -21.78 5.93
C GLY C 263 -15.18 -20.37 5.43
N ASP C 264 -14.90 -20.26 4.13
CA ASP C 264 -14.81 -18.95 3.49
C ASP C 264 -16.22 -18.50 3.18
N SER C 265 -16.54 -17.27 3.61
CA SER C 265 -17.86 -16.75 3.40
C SER C 265 -17.77 -15.23 3.46
N THR C 266 -18.85 -14.54 3.12
CA THR C 266 -18.81 -13.09 3.27
C THR C 266 -20.23 -12.61 3.44
N ILE C 267 -20.38 -11.34 3.75
CA ILE C 267 -21.69 -10.73 3.76
C ILE C 267 -21.67 -9.63 2.72
N MET C 268 -22.21 -9.96 1.55
CA MET C 268 -22.29 -9.04 0.45
C MET C 268 -23.43 -8.10 0.71
N LYS C 269 -23.24 -6.83 0.40
CA LYS C 269 -24.29 -5.86 0.44
C LYS C 269 -24.88 -5.65 -0.97
N SER C 270 -26.09 -6.13 -1.21
CA SER C 270 -26.66 -6.06 -2.53
C SER C 270 -28.18 -5.92 -2.53
N GLU C 271 -28.73 -5.17 -3.47
CA GLU C 271 -30.18 -5.04 -3.59
C GLU C 271 -30.74 -6.06 -4.56
N LEU C 272 -29.88 -6.91 -5.11
CA LEU C 272 -30.31 -7.97 -6.00
C LEU C 272 -31.07 -9.09 -5.28
N GLU C 273 -31.65 -9.97 -6.09
CA GLU C 273 -32.30 -11.18 -5.60
C GLU C 273 -31.81 -12.40 -6.37
N TYR C 274 -32.16 -13.59 -5.89
CA TYR C 274 -31.73 -14.85 -6.46
C TYR C 274 -32.05 -14.97 -7.94
N GLY C 275 -31.08 -15.37 -8.74
CA GLY C 275 -31.28 -15.49 -10.17
C GLY C 275 -31.23 -16.90 -10.70
N ASP C 276 -31.36 -17.87 -9.80
CA ASP C 276 -31.41 -19.29 -10.18
C ASP C 276 -30.27 -19.66 -11.11
N CYS C 277 -29.13 -19.00 -10.94
CA CYS C 277 -27.99 -19.25 -11.79
C CYS C 277 -26.90 -19.92 -10.97
N ASN C 278 -25.76 -20.15 -11.59
CA ASN C 278 -24.64 -20.76 -10.89
C ASN C 278 -23.32 -20.20 -11.37
N THR C 279 -22.39 -19.95 -10.45
CA THR C 279 -21.11 -19.34 -10.77
C THR C 279 -20.00 -19.81 -9.83
N LYS C 280 -18.76 -19.58 -10.25
CA LYS C 280 -17.58 -19.83 -9.41
C LYS C 280 -17.00 -18.48 -8.97
N CYS C 281 -17.70 -17.41 -9.33
CA CYS C 281 -17.25 -16.07 -8.96
C CYS C 281 -18.41 -15.09 -8.85
N GLN C 282 -18.64 -14.61 -7.64
CA GLN C 282 -19.77 -13.73 -7.37
C GLN C 282 -19.35 -12.34 -6.90
N THR C 283 -19.97 -11.32 -7.49
CA THR C 283 -19.80 -9.93 -7.05
C THR C 283 -21.20 -9.40 -6.67
N PRO C 284 -21.25 -8.29 -5.88
CA PRO C 284 -22.54 -7.80 -5.41
C PRO C 284 -23.51 -7.39 -6.51
N ILE C 285 -23.02 -7.14 -7.72
CA ILE C 285 -23.93 -6.68 -8.76
C ILE C 285 -24.06 -7.66 -9.91
N GLY C 286 -23.37 -8.80 -9.80
CA GLY C 286 -23.46 -9.81 -10.83
C GLY C 286 -22.35 -10.82 -10.76
N ALA C 287 -22.58 -11.96 -11.41
CA ALA C 287 -21.65 -13.09 -11.38
C ALA C 287 -20.68 -13.04 -12.56
N ILE C 288 -19.58 -13.80 -12.44
CA ILE C 288 -18.52 -13.73 -13.42
C ILE C 288 -18.20 -15.11 -13.97
N ASN C 289 -18.34 -15.24 -15.29
CA ASN C 289 -17.93 -16.44 -15.98
C ASN C 289 -16.92 -15.99 -17.02
N SER C 290 -15.65 -15.99 -16.61
CA SER C 290 -14.58 -15.44 -17.45
C SER C 290 -13.26 -16.16 -17.28
N SER C 291 -12.50 -16.25 -18.36
CA SER C 291 -11.17 -16.86 -18.28
C SER C 291 -10.11 -15.75 -18.23
N MET C 292 -10.55 -14.51 -18.40
CA MET C 292 -9.68 -13.33 -18.29
C MET C 292 -8.95 -13.27 -16.95
N PRO C 293 -7.71 -12.76 -16.97
CA PRO C 293 -6.91 -12.60 -15.75
C PRO C 293 -7.34 -11.37 -14.96
N PHE C 294 -8.07 -10.46 -15.60
CA PHE C 294 -8.53 -9.25 -14.94
C PHE C 294 -10.02 -9.01 -15.19
N HIS C 295 -10.63 -8.23 -14.30
CA HIS C 295 -12.01 -7.77 -14.47
C HIS C 295 -12.11 -6.45 -13.74
N ASN C 296 -13.18 -5.71 -14.03
CA ASN C 296 -13.38 -4.40 -13.41
C ASN C 296 -14.83 -4.24 -12.95
N ILE C 297 -15.46 -5.38 -12.62
CA ILE C 297 -16.89 -5.42 -12.34
C ILE C 297 -17.21 -4.78 -10.97
N HIS C 298 -16.54 -5.26 -9.95
CA HIS C 298 -16.74 -4.78 -8.58
C HIS C 298 -15.58 -5.28 -7.73
N PRO C 299 -15.10 -4.43 -6.84
CA PRO C 299 -13.94 -4.78 -6.01
C PRO C 299 -14.21 -5.87 -4.99
N LEU C 300 -15.44 -6.01 -4.49
CA LEU C 300 -15.73 -7.01 -3.44
C LEU C 300 -16.26 -8.30 -4.02
N THR C 301 -15.40 -9.27 -4.32
CA THR C 301 -15.89 -10.50 -4.95
C THR C 301 -15.76 -11.71 -4.03
N ILE C 302 -16.44 -12.79 -4.40
CA ILE C 302 -16.21 -14.07 -3.72
C ILE C 302 -16.23 -15.21 -4.74
N GLY C 303 -15.30 -16.16 -4.56
CA GLY C 303 -15.14 -17.29 -5.46
C GLY C 303 -13.75 -17.29 -6.08
N GLU C 304 -13.56 -18.12 -7.11
CA GLU C 304 -12.30 -18.12 -7.84
C GLU C 304 -12.38 -17.05 -8.93
N CYS C 305 -11.95 -15.83 -8.62
CA CYS C 305 -12.14 -14.68 -9.51
C CYS C 305 -10.89 -14.19 -10.24
N PRO C 306 -11.09 -13.43 -11.32
CA PRO C 306 -9.98 -12.66 -11.87
C PRO C 306 -9.60 -11.55 -10.90
N LYS C 307 -8.53 -10.83 -11.20
CA LYS C 307 -8.06 -9.78 -10.30
C LYS C 307 -8.72 -8.47 -10.66
N TYR C 308 -9.16 -7.72 -9.66
CA TYR C 308 -9.86 -6.46 -9.94
C TYR C 308 -8.94 -5.28 -10.25
N VAL C 309 -9.32 -4.50 -11.26
CA VAL C 309 -8.66 -3.25 -11.56
C VAL C 309 -9.76 -2.24 -11.85
N LYS C 310 -9.46 -0.96 -11.73
CA LYS C 310 -10.42 0.09 -12.02
C LYS C 310 -10.40 0.50 -13.52
N SER C 311 -9.55 -0.18 -14.30
CA SER C 311 -9.36 0.15 -15.72
C SER C 311 -10.60 -0.08 -16.59
N ASN C 312 -10.72 0.72 -17.65
CA ASN C 312 -11.78 0.54 -18.64
C ASN C 312 -11.34 -0.38 -19.75
N ARG C 313 -10.03 -0.47 -19.93
CA ARG C 313 -9.46 -1.22 -21.04
C ARG C 313 -8.08 -1.75 -20.67
N LEU C 314 -7.85 -3.03 -20.94
CA LEU C 314 -6.53 -3.61 -20.78
C LEU C 314 -6.20 -4.52 -21.93
N VAL C 315 -5.48 -3.99 -22.92
CA VAL C 315 -5.18 -4.76 -24.11
C VAL C 315 -3.69 -4.92 -24.37
N LEU C 316 -3.24 -6.16 -24.42
CA LEU C 316 -1.86 -6.49 -24.75
C LEU C 316 -1.65 -6.69 -26.24
N ALA C 317 -0.60 -6.06 -26.77
CA ALA C 317 -0.17 -6.30 -28.13
C ALA C 317 0.61 -7.61 -28.24
N THR C 318 0.16 -8.49 -29.14
CA THR C 318 0.85 -9.75 -29.38
C THR C 318 1.51 -9.74 -30.75
N GLY C 319 0.82 -9.18 -31.73
CA GLY C 319 1.37 -9.07 -33.07
C GLY C 319 2.13 -7.77 -33.26
N LEU C 320 2.35 -7.40 -34.53
CA LEU C 320 3.16 -6.24 -34.84
C LEU C 320 2.33 -5.11 -35.40
N ARG C 321 2.97 -3.95 -35.56
CA ARG C 321 2.28 -2.78 -36.07
C ARG C 321 1.77 -3.07 -37.47
N ASN C 322 0.52 -2.71 -37.73
CA ASN C 322 -0.13 -3.05 -38.98
C ASN C 322 0.01 -1.96 -40.03
N SER C 323 0.24 -2.36 -41.28
CA SER C 323 0.40 -1.40 -42.39
C SER C 323 -0.97 -0.94 -42.91
N PRO C 324 -1.19 0.39 -42.91
CA PRO C 324 -2.44 0.98 -43.40
C PRO C 324 -2.73 0.64 -44.87
N GLY D 1 9.98 2.30 -35.95
CA GLY D 1 10.19 2.05 -34.52
C GLY D 1 11.52 2.57 -34.04
N LEU D 2 12.09 1.94 -33.01
CA LEU D 2 13.38 2.35 -32.43
C LEU D 2 14.56 1.84 -33.26
N PHE D 3 14.28 1.54 -34.52
CA PHE D 3 15.21 0.88 -35.45
C PHE D 3 14.89 1.42 -36.86
N GLY D 4 13.59 1.54 -37.16
CA GLY D 4 13.14 2.09 -38.44
C GLY D 4 12.99 1.06 -39.53
N ALA D 5 12.43 -0.09 -39.15
CA ALA D 5 12.22 -1.19 -40.07
C ALA D 5 10.71 -1.35 -40.31
N ILE D 6 9.97 -1.77 -39.29
CA ILE D 6 8.51 -1.80 -39.39
C ILE D 6 7.99 -0.37 -39.58
N ALA D 7 7.43 -0.11 -40.76
CA ALA D 7 7.07 1.24 -41.22
C ALA D 7 8.27 2.20 -41.17
N GLY D 8 9.41 1.77 -41.72
CA GLY D 8 10.62 2.59 -41.75
C GLY D 8 11.18 2.73 -43.15
N PHE D 9 12.34 2.12 -43.42
CA PHE D 9 12.91 2.15 -44.78
C PHE D 9 12.37 0.99 -45.65
N ILE D 10 11.95 -0.11 -45.02
CA ILE D 10 11.21 -1.16 -45.74
C ILE D 10 9.71 -0.84 -45.60
N GLU D 11 9.21 -0.08 -46.57
CA GLU D 11 7.86 0.46 -46.57
C GLU D 11 6.73 -0.57 -46.71
N GLY D 12 6.05 -0.88 -45.61
CA GLY D 12 4.87 -1.72 -45.68
C GLY D 12 5.03 -3.16 -45.26
N GLY D 13 3.93 -3.74 -44.77
CA GLY D 13 3.91 -5.15 -44.45
C GLY D 13 3.22 -5.88 -45.58
N TRP D 14 3.41 -7.19 -45.63
CA TRP D 14 2.89 -7.98 -46.75
C TRP D 14 1.66 -8.76 -46.35
N GLN D 15 0.51 -8.28 -46.80
CA GLN D 15 -0.75 -8.93 -46.51
C GLN D 15 -0.77 -10.31 -47.14
N GLY D 16 0.02 -10.48 -48.19
CA GLY D 16 0.11 -11.74 -48.90
C GLY D 16 0.83 -12.83 -48.12
N MET D 17 1.73 -12.44 -47.22
CA MET D 17 2.43 -13.43 -46.41
C MET D 17 1.66 -13.70 -45.12
N VAL D 18 0.98 -14.84 -45.08
CA VAL D 18 0.06 -15.15 -43.99
C VAL D 18 0.50 -16.46 -43.29
N ASP D 19 1.72 -16.89 -43.55
CA ASP D 19 2.22 -18.13 -42.95
C ASP D 19 3.01 -17.89 -41.65
N GLY D 20 3.44 -16.64 -41.44
CA GLY D 20 4.24 -16.33 -40.27
C GLY D 20 4.27 -14.84 -39.95
N TRP D 21 5.27 -14.42 -39.20
CA TRP D 21 5.40 -13.02 -38.79
C TRP D 21 6.51 -12.31 -39.56
N TYR D 22 7.65 -12.97 -39.69
CA TYR D 22 8.78 -12.45 -40.46
C TYR D 22 9.21 -13.41 -41.57
N GLY D 23 9.48 -12.87 -42.76
CA GLY D 23 9.89 -13.72 -43.87
C GLY D 23 10.42 -12.98 -45.09
N TYR D 24 10.29 -13.63 -46.25
CA TYR D 24 10.88 -13.15 -47.49
C TYR D 24 9.90 -13.25 -48.66
N HIS D 25 10.04 -12.34 -49.63
CA HIS D 25 9.44 -12.55 -50.95
C HIS D 25 10.54 -12.65 -52.00
N HIS D 26 10.50 -13.72 -52.80
CA HIS D 26 11.50 -13.90 -53.86
C HIS D 26 10.87 -14.17 -55.22
N SER D 27 11.50 -13.60 -56.25
CA SER D 27 11.02 -13.72 -57.63
C SER D 27 12.20 -13.97 -58.58
N ASN D 28 12.25 -15.19 -59.11
CA ASN D 28 13.26 -15.59 -60.07
C ASN D 28 12.68 -16.31 -61.29
N GLU D 29 13.44 -17.27 -61.83
CA GLU D 29 13.02 -18.08 -62.97
C GLU D 29 11.97 -19.11 -62.59
N GLN D 30 11.93 -19.50 -61.33
CA GLN D 30 10.88 -20.38 -60.85
C GLN D 30 9.85 -19.53 -60.10
N GLY D 31 9.15 -18.67 -60.84
CA GLY D 31 8.06 -17.87 -60.29
C GLY D 31 8.39 -17.03 -59.06
N SER D 32 7.34 -16.58 -58.37
CA SER D 32 7.49 -15.82 -57.13
C SER D 32 6.88 -16.58 -55.97
N GLY D 33 6.99 -16.02 -54.76
CA GLY D 33 6.41 -16.64 -53.59
C GLY D 33 6.92 -16.13 -52.24
N TYR D 34 6.06 -16.18 -51.23
CA TYR D 34 6.41 -15.76 -49.89
C TYR D 34 6.85 -16.97 -49.08
N ALA D 35 7.79 -16.77 -48.16
CA ALA D 35 8.31 -17.86 -47.34
C ALA D 35 8.57 -17.35 -45.93
N ALA D 36 7.81 -17.84 -44.97
CA ALA D 36 7.93 -17.35 -43.61
C ALA D 36 9.19 -17.89 -42.99
N ASP D 37 9.98 -16.99 -42.40
CA ASP D 37 11.17 -17.43 -41.69
C ASP D 37 10.70 -18.10 -40.42
N LYS D 38 10.84 -19.42 -40.36
CA LYS D 38 10.32 -20.21 -39.25
C LYS D 38 11.13 -19.94 -38.00
N GLU D 39 12.43 -19.71 -38.19
CA GLU D 39 13.36 -19.64 -37.09
C GLU D 39 13.05 -18.48 -36.15
N SER D 40 13.01 -17.28 -36.72
CA SER D 40 12.83 -16.07 -35.91
C SER D 40 11.36 -15.79 -35.57
N THR D 41 10.43 -16.54 -36.17
CA THR D 41 9.00 -16.31 -35.92
C THR D 41 8.49 -17.12 -34.73
N GLN D 42 8.96 -18.36 -34.58
CA GLN D 42 8.61 -19.16 -33.42
C GLN D 42 9.28 -18.60 -32.17
N LYS D 43 10.54 -18.20 -32.29
CA LYS D 43 11.30 -17.65 -31.18
C LYS D 43 10.71 -16.33 -30.72
N ALA D 44 9.98 -15.66 -31.62
CA ALA D 44 9.32 -14.40 -31.31
C ALA D 44 7.98 -14.72 -30.67
N ILE D 45 7.39 -15.84 -31.09
CA ILE D 45 6.14 -16.34 -30.54
C ILE D 45 6.38 -16.86 -29.11
N ASP D 46 7.53 -17.50 -28.90
CA ASP D 46 7.90 -18.01 -27.59
C ASP D 46 7.95 -16.89 -26.58
N GLY D 47 8.68 -15.83 -26.93
CA GLY D 47 8.88 -14.68 -26.06
C GLY D 47 7.62 -13.89 -25.79
N VAL D 48 6.82 -13.68 -26.84
CA VAL D 48 5.56 -12.96 -26.73
C VAL D 48 4.54 -13.75 -25.91
N THR D 49 4.52 -15.07 -26.08
CA THR D 49 3.65 -15.92 -25.26
C THR D 49 4.08 -15.88 -23.81
N ASN D 50 5.40 -16.00 -23.57
CA ASN D 50 5.94 -15.94 -22.21
C ASN D 50 5.74 -14.61 -21.52
N LYS D 51 5.94 -13.53 -22.27
CA LYS D 51 5.72 -12.19 -21.75
C LYS D 51 4.30 -12.09 -21.21
N VAL D 52 3.34 -12.62 -21.97
CA VAL D 52 1.94 -12.55 -21.59
C VAL D 52 1.68 -13.48 -20.40
N ASN D 53 2.44 -14.56 -20.30
CA ASN D 53 2.27 -15.47 -19.16
C ASN D 53 3.00 -14.89 -17.93
N SER D 54 4.08 -14.14 -18.18
CA SER D 54 4.85 -13.48 -17.12
C SER D 54 4.05 -12.34 -16.50
N ILE D 55 3.30 -11.62 -17.34
CA ILE D 55 2.53 -10.47 -16.87
C ILE D 55 1.32 -10.93 -16.09
N ILE D 56 0.72 -12.05 -16.50
CA ILE D 56 -0.43 -12.55 -15.79
C ILE D 56 -0.01 -13.18 -14.46
N ASP D 57 1.11 -13.91 -14.46
CA ASP D 57 1.58 -14.59 -13.25
C ASP D 57 2.14 -13.64 -12.18
N LYS D 58 2.65 -12.48 -12.59
CA LYS D 58 3.17 -11.51 -11.64
C LYS D 58 2.04 -10.73 -10.99
N MET D 59 0.81 -10.94 -11.47
CA MET D 59 -0.35 -10.25 -10.91
C MET D 59 -1.22 -11.23 -10.16
N ASN D 60 -0.84 -12.51 -10.19
CA ASN D 60 -1.57 -13.55 -9.50
C ASN D 60 -1.60 -13.18 -8.03
N THR D 61 -0.45 -12.74 -7.55
CA THR D 61 -0.37 -12.23 -6.20
C THR D 61 -0.72 -10.74 -6.23
N GLN D 62 -1.99 -10.45 -5.96
CA GLN D 62 -2.47 -9.08 -6.01
C GLN D 62 -3.57 -8.90 -4.97
N PHE D 63 -3.65 -7.69 -4.44
CA PHE D 63 -4.57 -7.33 -3.36
C PHE D 63 -6.03 -7.69 -3.63
N GLU D 64 -6.69 -8.21 -2.60
CA GLU D 64 -8.11 -8.54 -2.66
C GLU D 64 -8.85 -7.83 -1.51
N ALA D 65 -9.82 -6.98 -1.87
CA ALA D 65 -10.57 -6.19 -0.90
C ALA D 65 -11.61 -7.05 -0.17
N VAL D 66 -11.88 -6.68 1.09
CA VAL D 66 -12.86 -7.36 1.92
C VAL D 66 -13.76 -6.33 2.52
N GLY D 67 -15.06 -6.61 2.57
CA GLY D 67 -16.00 -5.70 3.19
C GLY D 67 -15.84 -5.74 4.70
N ARG D 68 -15.57 -4.58 5.29
CA ARG D 68 -15.55 -4.47 6.73
C ARG D 68 -16.49 -3.36 7.07
N GLU D 69 -17.35 -3.61 8.04
CA GLU D 69 -18.32 -2.64 8.50
C GLU D 69 -17.87 -2.00 9.78
N PHE D 70 -18.28 -0.76 10.00
CA PHE D 70 -17.94 -0.05 11.22
C PHE D 70 -19.14 0.73 11.79
N ASN D 71 -19.21 0.88 13.10
CA ASN D 71 -20.32 1.64 13.63
C ASN D 71 -20.03 3.17 13.64
N ASN D 72 -20.98 3.95 14.13
CA ASN D 72 -20.89 5.39 13.97
C ASN D 72 -19.94 6.03 14.98
N LEU D 73 -19.40 5.27 15.93
CA LEU D 73 -18.30 5.86 16.70
C LEU D 73 -16.99 5.22 16.29
N GLU D 74 -16.96 4.75 15.04
CA GLU D 74 -15.76 4.19 14.44
C GLU D 74 -15.41 4.87 13.10
N ARG D 75 -15.54 6.18 13.03
CA ARG D 75 -15.46 6.83 11.73
C ARG D 75 -14.03 7.00 11.22
N ARG D 76 -13.09 7.19 12.15
CA ARG D 76 -11.66 7.18 11.84
C ARG D 76 -11.19 5.83 11.26
N ILE D 77 -11.51 4.72 11.90
CA ILE D 77 -11.02 3.45 11.36
C ILE D 77 -11.80 3.06 10.12
N GLU D 78 -13.05 3.49 10.00
CA GLU D 78 -13.78 3.28 8.76
C GLU D 78 -13.10 4.00 7.61
N ASN D 79 -12.65 5.21 7.90
CA ASN D 79 -11.96 6.01 6.93
C ASN D 79 -10.57 5.46 6.58
N LEU D 80 -9.84 5.04 7.60
CA LEU D 80 -8.56 4.38 7.42
C LEU D 80 -8.74 3.16 6.52
N ASN D 81 -9.78 2.38 6.79
CA ASN D 81 -10.02 1.17 6.04
C ASN D 81 -10.36 1.42 4.57
N LYS D 82 -11.14 2.47 4.31
CA LYS D 82 -11.51 2.83 2.95
C LYS D 82 -10.27 3.28 2.16
N LYS D 83 -9.48 4.17 2.76
CA LYS D 83 -8.30 4.65 2.10
C LYS D 83 -7.29 3.54 1.82
N MET D 84 -7.18 2.61 2.75
CA MET D 84 -6.27 1.51 2.58
C MET D 84 -6.65 0.60 1.40
N GLU D 85 -7.92 0.22 1.32
CA GLU D 85 -8.36 -0.65 0.23
C GLU D 85 -8.38 0.12 -1.11
N ASP D 86 -8.85 1.37 -1.11
CA ASP D 86 -8.73 2.16 -2.34
C ASP D 86 -7.26 2.34 -2.68
N GLY D 87 -6.42 2.45 -1.65
CA GLY D 87 -4.99 2.63 -1.85
C GLY D 87 -4.41 1.47 -2.63
N PHE D 88 -4.70 0.25 -2.21
CA PHE D 88 -4.15 -0.90 -2.91
C PHE D 88 -4.77 -1.13 -4.30
N LEU D 89 -6.03 -0.77 -4.49
CA LEU D 89 -6.64 -0.92 -5.80
C LEU D 89 -6.03 0.09 -6.77
N ASP D 90 -5.75 1.30 -6.30
CA ASP D 90 -5.11 2.28 -7.19
C ASP D 90 -3.72 1.82 -7.59
N VAL D 91 -2.96 1.25 -6.65
CA VAL D 91 -1.62 0.79 -6.94
C VAL D 91 -1.61 -0.29 -8.01
N TRP D 92 -2.47 -1.28 -7.86
CA TRP D 92 -2.47 -2.41 -8.76
C TRP D 92 -3.08 -2.05 -10.12
N THR D 93 -3.98 -1.08 -10.13
CA THR D 93 -4.49 -0.58 -11.39
C THR D 93 -3.38 0.13 -12.13
N TYR D 94 -2.65 0.98 -11.43
CA TYR D 94 -1.47 1.60 -12.01
C TYR D 94 -0.53 0.51 -12.51
N ASN D 95 -0.21 -0.47 -11.66
CA ASN D 95 0.74 -1.52 -12.03
C ASN D 95 0.32 -2.27 -13.29
N ALA D 96 -0.96 -2.56 -13.41
CA ALA D 96 -1.45 -3.39 -14.49
C ALA D 96 -1.45 -2.60 -15.78
N GLU D 97 -1.91 -1.35 -15.69
CA GLU D 97 -1.96 -0.46 -16.82
C GLU D 97 -0.58 -0.13 -17.34
N LEU D 98 0.30 0.24 -16.42
CA LEU D 98 1.63 0.69 -16.78
C LEU D 98 2.48 -0.45 -17.30
N LEU D 99 2.25 -1.65 -16.80
CA LEU D 99 3.04 -2.77 -17.28
C LEU D 99 2.59 -3.09 -18.70
N VAL D 100 1.28 -2.96 -18.96
CA VAL D 100 0.73 -3.21 -20.28
C VAL D 100 1.18 -2.14 -21.31
N LEU D 101 1.09 -0.87 -20.96
CA LEU D 101 1.64 0.16 -21.84
C LEU D 101 3.14 -0.01 -22.06
N MET D 102 3.92 -0.30 -21.02
CA MET D 102 5.36 -0.43 -21.17
C MET D 102 5.75 -1.65 -21.97
N GLU D 103 5.02 -2.75 -21.81
CA GLU D 103 5.38 -3.97 -22.53
C GLU D 103 4.84 -3.96 -23.95
N ASN D 104 3.78 -3.21 -24.17
CA ASN D 104 3.26 -3.07 -25.53
C ASN D 104 4.31 -2.44 -26.45
N GLU D 105 4.87 -1.32 -26.00
CA GLU D 105 5.86 -0.59 -26.79
C GLU D 105 7.11 -1.43 -26.99
N ARG D 106 7.51 -2.16 -25.97
CA ARG D 106 8.66 -3.05 -26.08
C ARG D 106 8.35 -4.16 -27.08
N THR D 107 7.08 -4.57 -27.13
CA THR D 107 6.66 -5.64 -28.03
C THR D 107 6.70 -5.18 -29.49
N LEU D 108 6.38 -3.90 -29.72
CA LEU D 108 6.49 -3.33 -31.06
C LEU D 108 7.97 -3.16 -31.48
N ASP D 109 8.82 -2.77 -30.55
CA ASP D 109 10.26 -2.62 -30.79
C ASP D 109 10.96 -3.98 -30.88
N PHE D 110 10.28 -5.03 -30.43
CA PHE D 110 10.82 -6.39 -30.52
C PHE D 110 10.59 -6.91 -31.94
N HIS D 111 9.38 -6.68 -32.45
CA HIS D 111 9.03 -7.00 -33.82
C HIS D 111 9.86 -6.18 -34.80
N ASP D 112 10.00 -4.90 -34.47
CA ASP D 112 10.77 -3.96 -35.24
C ASP D 112 12.20 -4.52 -35.38
N SER D 113 12.77 -4.96 -34.27
CA SER D 113 14.13 -5.49 -34.24
C SER D 113 14.29 -6.77 -35.05
N ASN D 114 13.39 -7.72 -34.86
CA ASN D 114 13.48 -8.98 -35.58
C ASN D 114 13.44 -8.80 -37.11
N VAL D 115 12.80 -7.73 -37.55
CA VAL D 115 12.79 -7.39 -38.97
C VAL D 115 14.20 -6.93 -39.36
N LYS D 116 14.87 -6.25 -38.42
CA LYS D 116 16.23 -5.78 -38.63
C LYS D 116 17.23 -6.93 -38.56
N ASN D 117 16.98 -7.94 -37.73
CA ASN D 117 17.92 -9.06 -37.62
C ASN D 117 17.90 -9.92 -38.86
N LEU D 118 16.72 -9.99 -39.48
CA LEU D 118 16.52 -10.85 -40.63
C LEU D 118 17.04 -10.16 -41.87
N TYR D 119 17.00 -8.84 -41.86
CA TYR D 119 17.51 -8.07 -42.99
C TYR D 119 19.04 -8.07 -42.96
N ASP D 120 19.60 -7.88 -41.77
CA ASP D 120 21.05 -7.89 -41.62
C ASP D 120 21.61 -9.29 -41.76
N LYS D 121 20.78 -10.30 -41.50
CA LYS D 121 21.19 -11.70 -41.66
C LYS D 121 21.49 -11.95 -43.13
N VAL D 122 20.65 -11.38 -43.98
CA VAL D 122 20.79 -11.49 -45.43
C VAL D 122 21.90 -10.58 -45.93
N ARG D 123 21.98 -9.38 -45.38
CA ARG D 123 22.96 -8.39 -45.82
C ARG D 123 24.39 -8.87 -45.61
N LEU D 124 24.61 -9.74 -44.64
CA LEU D 124 25.96 -10.25 -44.38
C LEU D 124 26.33 -11.47 -45.18
N GLN D 125 25.33 -12.21 -45.61
CA GLN D 125 25.59 -13.39 -46.43
C GLN D 125 25.87 -12.98 -47.86
N LEU D 126 25.14 -11.97 -48.33
CA LEU D 126 25.23 -11.55 -49.73
C LEU D 126 26.44 -10.64 -49.96
N ARG D 127 26.58 -9.60 -49.16
CA ARG D 127 27.70 -8.67 -49.27
C ARG D 127 27.78 -8.03 -50.67
N ASP D 128 28.94 -8.10 -51.32
CA ASP D 128 29.11 -7.43 -52.61
C ASP D 128 28.61 -8.28 -53.78
N ASN D 129 28.02 -9.42 -53.45
CA ASN D 129 27.44 -10.31 -54.45
C ASN D 129 25.99 -9.97 -54.80
N ALA D 130 25.45 -8.93 -54.16
CA ALA D 130 24.10 -8.48 -54.45
C ALA D 130 23.98 -6.99 -54.22
N LYS D 131 23.06 -6.36 -54.93
CA LYS D 131 22.85 -4.93 -54.75
C LYS D 131 21.66 -4.69 -53.85
N GLU D 132 21.83 -3.78 -52.89
CA GLU D 132 20.79 -3.41 -51.96
C GLU D 132 19.94 -2.28 -52.52
N LEU D 133 18.72 -2.61 -52.91
CA LEU D 133 17.86 -1.66 -53.61
C LEU D 133 17.43 -0.52 -52.69
N GLY D 134 17.45 -0.76 -51.39
CA GLY D 134 17.12 0.25 -50.41
C GLY D 134 15.63 0.33 -50.13
N ASN D 135 14.92 -0.75 -50.45
CA ASN D 135 13.50 -0.85 -50.11
C ASN D 135 13.25 -2.12 -49.31
N GLY D 136 14.34 -2.70 -48.79
CA GLY D 136 14.26 -3.93 -48.04
C GLY D 136 14.54 -5.15 -48.91
N CYS D 137 14.76 -4.90 -50.21
CA CYS D 137 14.96 -5.98 -51.17
C CYS D 137 16.43 -6.08 -51.59
N PHE D 138 16.81 -7.25 -52.09
CA PHE D 138 18.15 -7.46 -52.65
C PHE D 138 18.09 -8.02 -54.09
N GLU D 139 18.86 -7.42 -55.00
CA GLU D 139 18.96 -7.91 -56.38
C GLU D 139 20.27 -8.66 -56.61
N PHE D 140 20.17 -9.95 -56.87
CA PHE D 140 21.32 -10.82 -57.07
C PHE D 140 22.19 -10.42 -58.28
N TYR D 141 23.50 -10.61 -58.15
CA TYR D 141 24.40 -10.46 -59.29
C TYR D 141 24.55 -11.81 -60.00
N HIS D 142 23.67 -12.75 -59.65
CA HIS D 142 23.61 -14.05 -60.33
C HIS D 142 22.18 -14.60 -60.35
N ARG D 143 22.00 -15.78 -60.89
CA ARG D 143 20.68 -16.40 -60.90
C ARG D 143 20.55 -17.27 -59.66
N CYS D 144 19.42 -17.15 -58.97
CA CYS D 144 19.25 -17.84 -57.70
C CYS D 144 18.01 -18.73 -57.73
N ASP D 145 18.25 -20.03 -57.90
CA ASP D 145 17.21 -21.05 -57.96
C ASP D 145 16.57 -21.30 -56.59
N ASN D 146 15.54 -22.14 -56.58
CA ASN D 146 14.77 -22.43 -55.37
C ASN D 146 15.57 -23.20 -54.31
N GLU D 147 16.86 -23.42 -54.57
CA GLU D 147 17.72 -24.03 -53.57
C GLU D 147 18.78 -23.04 -53.13
N CYS D 148 19.05 -22.04 -53.97
CA CYS D 148 19.96 -20.97 -53.58
C CYS D 148 19.29 -20.04 -52.58
N MET D 149 18.03 -19.72 -52.82
CA MET D 149 17.32 -18.82 -51.93
C MET D 149 16.86 -19.51 -50.65
N GLU D 150 16.66 -20.84 -50.71
CA GLU D 150 16.37 -21.57 -49.48
C GLU D 150 17.62 -21.59 -48.61
N SER D 151 18.79 -21.47 -49.24
CA SER D 151 20.07 -21.52 -48.54
C SER D 151 20.42 -20.22 -47.82
N VAL D 152 19.93 -19.10 -48.34
CA VAL D 152 20.19 -17.79 -47.73
C VAL D 152 19.25 -17.60 -46.53
N ARG D 153 18.10 -18.26 -46.59
CA ARG D 153 17.10 -18.19 -45.54
C ARG D 153 17.57 -18.92 -44.27
N ASN D 154 18.30 -20.02 -44.44
CA ASN D 154 18.74 -20.80 -43.27
C ASN D 154 20.23 -20.62 -42.98
N GLY D 155 20.81 -19.54 -43.49
CA GLY D 155 22.18 -19.18 -43.17
C GLY D 155 23.24 -20.09 -43.76
N THR D 156 22.89 -20.80 -44.83
CA THR D 156 23.80 -21.76 -45.44
C THR D 156 24.59 -21.14 -46.60
N TYR D 157 24.11 -20.00 -47.10
CA TYR D 157 24.68 -19.30 -48.27
C TYR D 157 26.20 -19.36 -48.40
N ASP D 158 26.68 -19.87 -49.53
CA ASP D 158 28.11 -19.93 -49.80
C ASP D 158 28.50 -18.75 -50.68
N TYR D 159 29.31 -17.86 -50.11
CA TYR D 159 29.68 -16.62 -50.78
C TYR D 159 30.68 -16.82 -51.94
N PRO D 160 31.77 -17.60 -51.72
CA PRO D 160 32.70 -17.76 -52.85
C PRO D 160 32.11 -18.50 -54.06
N GLN D 161 31.10 -19.35 -53.84
CA GLN D 161 30.47 -20.12 -54.91
C GLN D 161 29.81 -19.19 -55.95
N TYR D 162 29.62 -17.92 -55.59
CA TYR D 162 29.05 -16.96 -56.52
C TYR D 162 29.95 -15.73 -56.60
N SER D 163 31.10 -15.79 -55.93
CA SER D 163 32.02 -14.66 -55.84
C SER D 163 32.51 -14.21 -57.22
N GLU D 164 32.95 -15.17 -58.03
CA GLU D 164 33.53 -14.87 -59.33
C GLU D 164 32.45 -14.35 -60.30
N GLU D 165 31.34 -15.07 -60.38
CA GLU D 165 30.19 -14.70 -61.22
C GLU D 165 29.61 -13.30 -60.96
N ALA D 166 29.60 -12.92 -59.69
CA ALA D 166 29.02 -11.64 -59.28
C ALA D 166 29.87 -10.47 -59.72
N ARG D 167 31.19 -10.63 -59.63
CA ARG D 167 32.13 -9.58 -60.04
C ARG D 167 31.95 -9.18 -61.49
N LEU D 168 31.78 -10.17 -62.36
CA LEU D 168 31.60 -9.93 -63.79
C LEU D 168 30.30 -9.18 -64.04
N LYS D 169 29.25 -9.56 -63.32
CA LYS D 169 27.95 -8.92 -63.47
C LYS D 169 28.07 -7.47 -63.01
N ARG D 170 28.97 -7.21 -62.07
CA ARG D 170 29.21 -5.85 -61.59
C ARG D 170 30.02 -5.00 -62.58
N GLU D 171 30.88 -5.65 -63.34
CA GLU D 171 31.70 -4.97 -64.33
C GLU D 171 30.96 -4.79 -65.65
N GLU D 172 30.05 -5.71 -65.94
CA GLU D 172 29.20 -5.63 -67.13
C GLU D 172 28.37 -4.35 -67.05
N ILE D 173 27.85 -4.07 -65.85
CA ILE D 173 27.11 -2.84 -65.59
C ILE D 173 28.07 -1.65 -65.54
N SER D 174 29.32 -1.93 -65.15
CA SER D 174 30.38 -0.90 -65.15
C SER D 174 31.12 -0.91 -66.48
N GLY D 175 30.38 -1.23 -67.55
CA GLY D 175 30.90 -1.25 -68.90
C GLY D 175 29.85 -0.87 -69.94
N ASP E 2 44.78 -15.93 -52.31
CA ASP E 2 44.51 -16.75 -51.13
C ASP E 2 44.29 -15.89 -49.88
N PRO E 3 43.44 -16.38 -48.96
CA PRO E 3 43.07 -15.67 -47.72
C PRO E 3 44.23 -14.99 -46.99
N GLY E 4 44.09 -13.69 -46.76
CA GLY E 4 45.12 -12.88 -46.13
C GLY E 4 44.90 -12.58 -44.66
N ASP E 5 45.05 -11.32 -44.26
CA ASP E 5 45.02 -10.95 -42.84
C ASP E 5 43.59 -10.72 -42.35
N GLN E 6 43.33 -11.06 -41.09
CA GLN E 6 41.96 -11.04 -40.53
C GLN E 6 41.86 -10.52 -39.10
N ILE E 7 40.81 -9.74 -38.85
CA ILE E 7 40.46 -9.31 -37.50
C ILE E 7 39.00 -9.68 -37.23
N CYS E 8 38.69 -10.05 -35.98
CA CYS E 8 37.33 -10.41 -35.62
C CYS E 8 36.87 -9.61 -34.41
N ILE E 9 35.57 -9.31 -34.36
CA ILE E 9 34.98 -8.63 -33.22
C ILE E 9 34.18 -9.67 -32.44
N GLY E 10 34.45 -9.79 -31.14
CA GLY E 10 33.82 -10.83 -30.35
C GLY E 10 33.62 -10.52 -28.87
N TYR E 11 32.96 -11.42 -28.16
CA TYR E 11 32.62 -11.16 -26.77
C TYR E 11 33.00 -12.32 -25.87
N HIS E 12 32.88 -12.11 -24.56
CA HIS E 12 33.34 -13.06 -23.57
C HIS E 12 32.43 -14.28 -23.43
N ALA E 13 33.00 -15.41 -23.03
CA ALA E 13 32.25 -16.62 -22.72
C ALA E 13 33.01 -17.40 -21.66
N ASN E 14 32.36 -18.38 -21.04
CA ASN E 14 33.02 -19.25 -20.05
C ASN E 14 32.21 -20.51 -19.75
N ASN E 15 32.52 -21.17 -18.64
CA ASN E 15 31.83 -22.41 -18.27
C ASN E 15 30.78 -22.16 -17.17
N SER E 16 30.13 -20.99 -17.24
CA SER E 16 29.15 -20.63 -16.22
C SER E 16 27.80 -21.29 -16.48
N THR E 17 27.14 -21.70 -15.40
CA THR E 17 25.83 -22.34 -15.47
C THR E 17 24.83 -21.46 -14.74
N GLU E 18 25.29 -20.26 -14.38
CA GLU E 18 24.46 -19.25 -13.76
C GLU E 18 23.33 -18.89 -14.71
N GLN E 19 22.08 -19.03 -14.24
CA GLN E 19 20.89 -18.76 -15.04
C GLN E 19 20.13 -17.52 -14.55
N VAL E 20 19.52 -16.80 -15.49
CA VAL E 20 18.66 -15.69 -15.15
C VAL E 20 17.33 -15.81 -15.89
N ASP E 21 16.39 -14.95 -15.51
CA ASP E 21 15.10 -14.87 -16.18
C ASP E 21 14.91 -13.46 -16.69
N THR E 22 14.11 -13.33 -17.74
CA THR E 22 13.62 -12.05 -18.19
C THR E 22 12.14 -12.20 -18.38
N ILE E 23 11.52 -11.16 -18.90
CA ILE E 23 10.08 -11.17 -19.14
C ILE E 23 9.77 -12.16 -20.26
N MET E 24 10.67 -12.22 -21.24
CA MET E 24 10.43 -13.01 -22.44
C MET E 24 11.06 -14.40 -22.43
N GLU E 25 12.13 -14.55 -21.67
CA GLU E 25 12.91 -15.80 -21.70
C GLU E 25 13.18 -16.38 -20.33
N LYS E 26 13.04 -17.70 -20.24
CA LYS E 26 13.28 -18.42 -19.01
C LYS E 26 14.62 -19.16 -19.07
N ASN E 27 15.23 -19.34 -17.90
CA ASN E 27 16.46 -20.11 -17.72
C ASN E 27 17.60 -19.72 -18.68
N VAL E 28 17.82 -18.40 -18.85
CA VAL E 28 18.86 -17.91 -19.74
C VAL E 28 20.23 -17.97 -19.08
N THR E 29 21.17 -18.64 -19.75
CA THR E 29 22.50 -18.80 -19.18
C THR E 29 23.33 -17.57 -19.46
N VAL E 30 23.95 -17.06 -18.40
CA VAL E 30 24.72 -15.83 -18.44
C VAL E 30 26.16 -16.09 -17.98
N THR E 31 27.10 -15.20 -18.30
CA THR E 31 28.49 -15.37 -17.89
C THR E 31 28.68 -14.97 -16.42
N HIS E 32 28.02 -13.87 -16.03
CA HIS E 32 28.09 -13.35 -14.66
C HIS E 32 26.69 -12.94 -14.16
N ALA E 33 26.33 -13.44 -12.99
CA ALA E 33 25.08 -13.08 -12.34
C ALA E 33 25.35 -12.69 -10.91
N GLN E 34 24.37 -12.08 -10.25
CA GLN E 34 24.53 -11.72 -8.85
C GLN E 34 23.26 -12.04 -8.06
N ASP E 35 23.34 -13.06 -7.22
CA ASP E 35 22.25 -13.40 -6.32
C ASP E 35 22.07 -12.22 -5.38
N ILE E 36 20.85 -11.74 -5.25
CA ILE E 36 20.62 -10.63 -4.35
C ILE E 36 19.66 -11.00 -3.23
N LEU E 37 19.40 -12.29 -3.08
CA LEU E 37 18.41 -12.75 -2.10
C LEU E 37 18.99 -13.76 -1.10
N GLU E 38 19.06 -13.34 0.15
CA GLU E 38 19.47 -14.22 1.21
C GLU E 38 18.38 -15.26 1.47
N LYS E 39 18.78 -16.52 1.52
CA LYS E 39 17.81 -17.60 1.66
C LYS E 39 18.11 -18.49 2.86
N THR E 40 19.09 -18.11 3.68
CA THR E 40 19.48 -18.95 4.80
C THR E 40 19.57 -18.17 6.10
N HIS E 41 19.24 -18.84 7.20
CA HIS E 41 19.33 -18.25 8.54
C HIS E 41 19.96 -19.30 9.49
N ASN E 42 20.36 -18.90 10.69
CA ASN E 42 21.08 -19.81 11.57
C ASN E 42 20.17 -20.64 12.48
N GLY E 43 18.86 -20.43 12.34
CA GLY E 43 17.88 -21.16 13.11
C GLY E 43 17.97 -20.91 14.60
N LYS E 44 18.63 -19.83 14.98
CA LYS E 44 18.86 -19.54 16.39
C LYS E 44 18.48 -18.12 16.81
N LEU E 45 18.16 -17.94 18.10
CA LEU E 45 17.94 -16.63 18.68
C LEU E 45 19.23 -16.06 19.24
N CYS E 46 19.66 -14.91 18.71
CA CYS E 46 20.97 -14.37 19.02
C CYS E 46 20.89 -13.04 19.76
N ASN E 47 22.04 -12.53 20.18
CA ASN E 47 22.09 -11.18 20.71
C ASN E 47 21.86 -10.23 19.55
N LEU E 48 21.47 -9.01 19.84
CA LEU E 48 21.36 -8.01 18.80
C LEU E 48 22.49 -7.02 19.08
N ASP E 49 23.49 -6.99 18.20
CA ASP E 49 24.79 -6.44 18.56
C ASP E 49 25.19 -6.93 19.94
N GLY E 50 25.51 -6.02 20.85
CA GLY E 50 25.99 -6.48 22.14
C GLY E 50 24.92 -7.04 23.06
N VAL E 51 23.64 -6.81 22.73
CA VAL E 51 22.64 -6.91 23.79
C VAL E 51 21.76 -8.16 23.70
N LYS E 52 21.75 -8.91 24.80
CA LYS E 52 20.97 -10.12 24.85
C LYS E 52 19.47 -9.82 24.87
N PRO E 53 18.70 -10.67 24.17
CA PRO E 53 17.25 -10.58 24.29
C PRO E 53 16.74 -10.98 25.67
N LEU E 54 15.56 -10.47 26.02
CA LEU E 54 14.82 -10.98 27.16
C LEU E 54 13.97 -12.11 26.65
N ILE E 55 14.42 -13.33 26.93
CA ILE E 55 13.68 -14.53 26.58
C ILE E 55 12.88 -15.01 27.78
N LEU E 56 11.60 -14.72 27.74
CA LEU E 56 10.65 -15.31 28.66
C LEU E 56 10.62 -16.77 28.19
N ARG E 57 10.40 -17.72 29.09
CA ARG E 57 10.42 -19.11 28.62
C ARG E 57 9.00 -19.53 28.35
N ASP E 58 8.39 -20.03 29.41
CA ASP E 58 7.00 -20.42 29.41
C ASP E 58 6.24 -19.33 30.18
N CYS E 59 6.86 -18.15 30.26
CA CYS E 59 6.19 -17.00 30.86
C CYS E 59 5.71 -16.06 29.76
N SER E 60 4.53 -15.49 30.01
CA SER E 60 3.94 -14.43 29.20
C SER E 60 4.37 -13.06 29.72
N VAL E 61 4.16 -12.01 28.93
CA VAL E 61 4.45 -10.68 29.40
C VAL E 61 3.65 -10.41 30.68
N ALA E 62 2.37 -10.75 30.69
CA ALA E 62 1.60 -10.57 31.92
C ALA E 62 2.24 -11.33 33.10
N GLY E 63 2.69 -12.55 32.87
CA GLY E 63 3.29 -13.31 33.96
C GLY E 63 4.49 -12.58 34.54
N TRP E 64 5.41 -12.20 33.66
CA TRP E 64 6.57 -11.44 34.05
C TRP E 64 6.16 -10.16 34.82
N LEU E 65 5.34 -9.30 34.24
CA LEU E 65 5.10 -8.02 34.89
C LEU E 65 4.26 -8.11 36.17
N LEU E 66 3.29 -9.02 36.21
CA LEU E 66 2.51 -9.15 37.42
C LEU E 66 3.31 -9.96 38.46
N GLY E 67 4.17 -10.83 38.00
CA GLY E 67 4.94 -11.62 38.93
C GLY E 67 4.22 -12.91 39.31
N ASN E 68 3.71 -13.60 38.28
CA ASN E 68 3.30 -14.96 38.42
C ASN E 68 4.48 -15.64 39.09
N PRO E 69 4.22 -16.35 40.20
CA PRO E 69 5.28 -16.97 40.98
C PRO E 69 6.14 -17.94 40.16
N MET E 70 5.60 -18.47 39.07
CA MET E 70 6.37 -19.36 38.22
C MET E 70 7.34 -18.59 37.34
N CYS E 71 7.40 -17.28 37.52
CA CYS E 71 8.16 -16.43 36.63
C CYS E 71 9.24 -15.64 37.37
N ASP E 72 9.57 -16.05 38.58
CA ASP E 72 10.49 -15.26 39.41
C ASP E 72 11.88 -15.05 38.80
N GLU E 73 12.21 -15.83 37.76
CA GLU E 73 13.43 -15.61 36.97
C GLU E 73 13.50 -14.16 36.44
N PHE E 74 12.34 -13.53 36.25
CA PHE E 74 12.27 -12.25 35.57
C PHE E 74 11.92 -11.12 36.52
N LEU E 75 12.11 -11.39 37.81
CA LEU E 75 11.81 -10.40 38.83
C LEU E 75 12.65 -9.15 38.64
N ASN E 76 13.85 -9.28 38.10
CA ASN E 76 14.71 -8.12 37.89
C ASN E 76 15.56 -8.34 36.64
N VAL E 77 14.98 -8.07 35.49
CA VAL E 77 15.66 -8.32 34.24
C VAL E 77 16.63 -7.18 33.86
N PRO E 78 17.74 -7.53 33.22
CA PRO E 78 18.62 -6.50 32.67
C PRO E 78 18.00 -5.86 31.43
N GLU E 79 18.66 -4.82 30.94
CA GLU E 79 18.33 -4.23 29.68
C GLU E 79 18.25 -5.29 28.60
N TRP E 80 17.24 -5.20 27.73
CA TRP E 80 17.11 -6.14 26.61
C TRP E 80 17.18 -5.46 25.22
N SER E 81 17.39 -6.29 24.20
CA SER E 81 17.42 -5.84 22.81
C SER E 81 16.04 -6.04 22.20
N TYR E 82 15.46 -7.19 22.52
CA TYR E 82 14.10 -7.52 22.17
C TYR E 82 13.55 -8.55 23.12
N ILE E 83 12.25 -8.78 23.03
CA ILE E 83 11.57 -9.71 23.92
C ILE E 83 11.07 -10.88 23.08
N VAL E 84 11.29 -12.09 23.59
CA VAL E 84 10.84 -13.29 22.92
C VAL E 84 9.77 -13.96 23.78
N GLU E 85 8.62 -14.20 23.18
CA GLU E 85 7.52 -14.78 23.90
C GLU E 85 7.07 -16.00 23.12
N LYS E 86 6.70 -17.05 23.83
CA LYS E 86 6.19 -18.22 23.16
C LYS E 86 4.79 -17.92 22.68
N ILE E 87 4.33 -18.70 21.71
CA ILE E 87 3.03 -18.54 21.06
C ILE E 87 1.89 -18.78 22.05
N ASN E 88 2.06 -19.78 22.91
CA ASN E 88 1.08 -20.08 23.95
C ASN E 88 1.73 -20.30 25.32
N PRO E 89 2.12 -19.20 25.98
CA PRO E 89 2.83 -19.20 27.27
C PRO E 89 2.07 -19.93 28.37
N ALA E 90 2.76 -20.72 29.19
CA ALA E 90 2.05 -21.45 30.22
C ALA E 90 1.79 -20.61 31.46
N ASN E 91 2.74 -19.79 31.86
CA ASN E 91 2.54 -19.03 33.09
C ASN E 91 2.14 -17.59 32.78
N ASP E 92 0.83 -17.40 32.62
CA ASP E 92 0.25 -16.13 32.22
C ASP E 92 -0.32 -15.58 33.50
N LEU E 93 -1.64 -15.41 33.55
CA LEU E 93 -2.25 -15.06 34.82
C LEU E 93 -2.52 -16.36 35.56
N CYS E 94 -1.75 -16.63 36.61
CA CYS E 94 -1.95 -17.85 37.38
C CYS E 94 -3.37 -17.88 37.97
N TYR E 95 -3.78 -16.84 38.68
CA TYR E 95 -5.17 -16.69 39.09
C TYR E 95 -6.00 -16.21 37.89
N PRO E 96 -7.09 -16.90 37.59
CA PRO E 96 -7.89 -16.62 36.38
C PRO E 96 -8.43 -15.19 36.27
N GLY E 97 -8.45 -14.67 35.06
CA GLY E 97 -8.91 -13.30 34.91
C GLY E 97 -8.37 -12.65 33.66
N ASN E 98 -8.19 -11.35 33.71
CA ASN E 98 -7.67 -10.71 32.52
C ASN E 98 -6.89 -9.44 32.82
N PHE E 99 -6.07 -9.08 31.85
CA PHE E 99 -5.28 -7.87 31.88
C PHE E 99 -5.92 -6.82 30.97
N ASN E 100 -6.38 -5.74 31.55
CA ASN E 100 -7.03 -4.69 30.76
C ASN E 100 -6.04 -3.94 29.83
N ASP E 101 -6.44 -3.69 28.59
CA ASP E 101 -5.57 -3.01 27.62
C ASP E 101 -4.20 -3.71 27.47
N TYR E 102 -4.25 -5.03 27.50
CA TYR E 102 -3.04 -5.82 27.45
C TYR E 102 -2.26 -5.57 26.16
N GLU E 103 -2.96 -5.52 25.05
CA GLU E 103 -2.31 -5.36 23.76
C GLU E 103 -1.71 -3.95 23.61
N GLU E 104 -2.31 -2.96 24.25
CA GLU E 104 -1.74 -1.62 24.26
C GLU E 104 -0.49 -1.57 25.15
N LEU E 105 -0.52 -2.30 26.26
CA LEU E 105 0.67 -2.42 27.11
C LEU E 105 1.80 -3.14 26.36
N LYS E 106 1.47 -4.25 25.70
CA LYS E 106 2.48 -4.97 24.95
C LYS E 106 3.11 -4.07 23.90
N HIS E 107 2.29 -3.23 23.28
CA HIS E 107 2.76 -2.32 22.23
C HIS E 107 3.58 -1.21 22.85
N LEU E 108 3.18 -0.74 24.03
CA LEU E 108 4.04 0.19 24.75
C LEU E 108 5.40 -0.42 25.05
N LEU E 109 5.38 -1.69 25.43
CA LEU E 109 6.56 -2.47 25.74
C LEU E 109 7.53 -2.63 24.58
N SER E 110 7.02 -2.50 23.35
CA SER E 110 7.84 -2.71 22.18
C SER E 110 8.69 -1.49 21.96
N ARG E 111 8.46 -0.49 22.80
CA ARG E 111 9.24 0.72 22.73
C ARG E 111 10.10 0.91 23.96
N ILE E 112 10.24 -0.14 24.76
CA ILE E 112 11.02 -0.08 25.97
C ILE E 112 12.09 -1.16 25.94
N ASN E 113 13.31 -0.80 26.33
CA ASN E 113 14.44 -1.75 26.43
C ASN E 113 14.86 -2.08 27.86
N HIS E 114 14.42 -1.29 28.84
CA HIS E 114 14.85 -1.49 30.22
C HIS E 114 13.94 -0.89 31.29
N PHE E 115 13.52 -1.77 32.21
CA PHE E 115 12.81 -1.38 33.44
C PHE E 115 13.76 -1.44 34.63
N GLU E 116 13.50 -0.59 35.63
CA GLU E 116 14.08 -0.82 36.93
C GLU E 116 12.93 -0.93 37.91
N LYS E 117 12.76 -2.13 38.46
CA LYS E 117 11.64 -2.40 39.33
C LYS E 117 11.94 -1.83 40.70
N ILE E 118 10.99 -1.12 41.29
CA ILE E 118 11.17 -0.59 42.63
C ILE E 118 9.92 -0.81 43.45
N GLN E 119 10.10 -0.83 44.78
CA GLN E 119 8.99 -1.08 45.70
C GLN E 119 8.33 0.22 46.08
N ILE E 120 7.04 0.34 45.82
CA ILE E 120 6.34 1.59 46.12
C ILE E 120 5.46 1.44 47.37
N THR E 121 5.05 0.22 47.67
CA THR E 121 4.34 -0.07 48.90
C THR E 121 4.79 -1.40 49.45
N PRO E 122 5.50 -1.36 50.58
CA PRO E 122 5.94 -2.56 51.31
C PRO E 122 4.76 -3.39 51.81
N LYS E 123 4.89 -4.71 51.77
CA LYS E 123 3.85 -5.65 52.20
C LYS E 123 3.51 -5.42 53.67
N ASN E 124 4.46 -4.80 54.38
CA ASN E 124 4.38 -4.50 55.81
C ASN E 124 3.82 -3.12 56.15
N SER E 125 3.08 -2.48 55.24
CA SER E 125 2.55 -1.15 55.54
C SER E 125 1.04 -1.19 55.85
N TRP E 126 0.46 -2.37 55.71
CA TRP E 126 -0.96 -2.53 55.91
C TRP E 126 -1.22 -2.96 57.36
N SER E 127 -1.42 -1.98 58.23
CA SER E 127 -1.54 -2.24 59.67
C SER E 127 -2.98 -2.57 60.07
N ASP E 128 -3.92 -2.20 59.21
CA ASP E 128 -5.32 -2.53 59.45
C ASP E 128 -5.84 -3.55 58.45
N HIS E 129 -4.96 -4.13 57.64
CA HIS E 129 -5.39 -5.13 56.66
C HIS E 129 -4.45 -6.32 56.60
N GLU E 130 -5.00 -7.47 56.25
CA GLU E 130 -4.19 -8.65 56.01
C GLU E 130 -3.60 -8.55 54.62
N ALA E 131 -2.29 -8.75 54.51
CA ALA E 131 -1.64 -8.59 53.23
C ALA E 131 -1.05 -9.91 52.79
N SER E 132 -1.82 -10.97 52.96
CA SER E 132 -1.28 -12.29 52.66
C SER E 132 -2.23 -13.16 51.88
N GLY E 133 -3.18 -12.53 51.20
CA GLY E 133 -4.10 -13.28 50.36
C GLY E 133 -3.35 -14.06 49.29
N VAL E 134 -3.72 -15.33 49.15
CA VAL E 134 -3.00 -16.27 48.31
C VAL E 134 -4.00 -17.21 47.68
N SER E 135 -3.53 -18.04 46.75
CA SER E 135 -4.41 -18.97 46.07
C SER E 135 -3.70 -20.19 45.58
N SER E 136 -4.43 -21.29 45.54
CA SER E 136 -3.91 -22.53 45.02
C SER E 136 -3.62 -22.43 43.52
N ALA E 137 -4.30 -21.51 42.85
CA ALA E 137 -4.09 -21.34 41.42
C ALA E 137 -2.74 -20.72 41.13
N CYS E 138 -2.17 -20.11 42.17
CA CYS E 138 -0.88 -19.43 42.09
C CYS E 138 0.16 -20.02 43.03
N PRO E 139 0.58 -21.26 42.75
CA PRO E 139 1.50 -21.95 43.66
C PRO E 139 2.95 -21.47 43.55
N TYR E 140 3.69 -21.44 44.67
CA TYR E 140 5.11 -21.11 44.63
C TYR E 140 5.98 -22.34 44.83
N GLN E 141 6.24 -22.70 46.09
CA GLN E 141 7.08 -23.85 46.36
C GLN E 141 6.28 -24.90 47.12
N GLY E 142 5.20 -25.37 46.50
CA GLY E 142 4.31 -26.32 47.12
C GLY E 142 3.13 -25.66 47.80
N ARG E 143 3.34 -24.47 48.35
CA ARG E 143 2.26 -23.81 49.08
C ARG E 143 1.51 -22.83 48.16
N SER E 144 0.38 -22.33 48.66
CA SER E 144 -0.45 -21.42 47.88
C SER E 144 0.16 -20.03 47.93
N SER E 145 0.33 -19.41 46.78
CA SER E 145 1.00 -18.12 46.80
C SER E 145 0.19 -17.10 46.02
N PHE E 146 0.88 -16.11 45.45
CA PHE E 146 0.24 -15.02 44.74
C PHE E 146 1.25 -14.26 43.89
N PHE E 147 0.74 -13.42 42.99
CA PHE E 147 1.59 -12.48 42.26
C PHE E 147 2.47 -11.66 43.20
N ARG E 148 3.70 -11.38 42.80
CA ARG E 148 4.62 -10.72 43.71
C ARG E 148 4.58 -9.21 43.66
N ASN E 149 4.08 -8.64 42.56
CA ASN E 149 4.21 -7.21 42.41
C ASN E 149 2.94 -6.53 42.85
N VAL E 150 1.95 -7.34 43.20
CA VAL E 150 0.68 -6.86 43.74
C VAL E 150 0.31 -7.63 44.99
N VAL E 151 -0.53 -7.03 45.82
CA VAL E 151 -0.90 -7.66 47.09
C VAL E 151 -2.41 -7.82 47.27
N TRP E 152 -2.80 -9.05 47.63
CA TRP E 152 -4.18 -9.39 47.92
C TRP E 152 -4.54 -9.05 49.36
N LEU E 153 -5.30 -7.97 49.53
CA LEU E 153 -5.68 -7.49 50.85
C LEU E 153 -7.06 -7.97 51.27
N THR E 154 -7.12 -8.48 52.50
CA THR E 154 -8.35 -8.99 53.09
C THR E 154 -8.62 -8.31 54.42
N LYS E 155 -9.80 -8.52 54.99
CA LYS E 155 -10.15 -7.91 56.27
C LYS E 155 -9.25 -8.41 57.40
N LYS E 156 -8.97 -7.52 58.36
CA LYS E 156 -8.22 -7.85 59.58
C LYS E 156 -9.16 -7.75 60.76
N ASP E 157 -9.03 -8.71 61.68
CA ASP E 157 -10.04 -8.95 62.72
C ASP E 157 -11.34 -9.26 61.98
N ASN E 158 -12.35 -8.40 62.10
CA ASN E 158 -13.56 -8.56 61.27
C ASN E 158 -13.98 -7.25 60.60
N ALA E 159 -12.98 -6.50 60.12
CA ALA E 159 -13.20 -5.19 59.51
C ALA E 159 -12.30 -4.92 58.31
N TYR E 160 -12.77 -4.07 57.40
CA TYR E 160 -11.97 -3.56 56.28
C TYR E 160 -12.14 -2.05 56.24
N PRO E 161 -11.27 -1.33 56.98
CA PRO E 161 -11.33 0.13 56.95
C PRO E 161 -11.07 0.66 55.56
N THR E 162 -11.68 1.79 55.25
CA THR E 162 -11.44 2.44 53.99
C THR E 162 -9.97 2.86 53.90
N ILE E 163 -9.31 2.41 52.84
CA ILE E 163 -7.94 2.74 52.53
C ILE E 163 -7.85 4.07 51.78
N LYS E 164 -7.00 4.97 52.26
CA LYS E 164 -6.65 6.18 51.53
C LYS E 164 -5.15 6.21 51.49
N ARG E 165 -4.60 5.73 50.38
CA ARG E 165 -3.18 5.51 50.21
C ARG E 165 -2.68 6.25 48.96
N SER E 166 -1.49 6.83 49.03
CA SER E 166 -1.01 7.70 47.96
C SER E 166 0.45 7.44 47.67
N TYR E 167 0.88 7.71 46.44
CA TYR E 167 2.28 7.55 46.05
C TYR E 167 2.69 8.60 45.02
N ASN E 168 3.75 9.33 45.33
CA ASN E 168 4.29 10.34 44.44
C ASN E 168 5.49 9.79 43.65
N ASN E 169 5.48 9.94 42.34
CA ASN E 169 6.63 9.49 41.56
C ASN E 169 7.75 10.52 41.66
N THR E 170 8.62 10.38 42.64
CA THR E 170 9.71 11.33 42.82
C THR E 170 10.86 10.98 41.90
N ASN E 171 10.82 9.76 41.32
CA ASN E 171 11.83 9.37 40.35
C ASN E 171 11.73 10.19 39.09
N GLN E 172 12.84 10.22 38.37
CA GLN E 172 12.96 11.04 37.20
C GLN E 172 12.22 10.39 36.06
N GLU E 173 12.18 9.08 36.10
CA GLU E 173 11.62 8.30 35.01
C GLU E 173 10.15 7.95 35.25
N ASP E 174 9.43 7.66 34.17
CA ASP E 174 8.03 7.28 34.28
C ASP E 174 7.88 5.90 34.85
N LEU E 175 6.81 5.73 35.63
CA LEU E 175 6.45 4.46 36.25
C LEU E 175 5.30 3.74 35.58
N LEU E 176 5.52 2.49 35.20
CA LEU E 176 4.41 1.57 34.92
C LEU E 176 3.92 1.05 36.24
N VAL E 177 2.72 1.44 36.61
CA VAL E 177 2.12 1.00 37.86
C VAL E 177 0.97 0.00 37.55
N LEU E 178 0.93 -1.12 38.25
CA LEU E 178 -0.09 -2.15 38.00
C LEU E 178 -0.95 -2.40 39.24
N TRP E 179 -2.23 -2.64 39.03
CA TRP E 179 -3.07 -3.01 40.16
C TRP E 179 -4.22 -3.87 39.70
N GLY E 180 -5.03 -4.31 40.65
CA GLY E 180 -6.10 -5.22 40.33
C GLY E 180 -7.29 -5.10 41.24
N ILE E 181 -8.33 -5.83 40.84
CA ILE E 181 -9.56 -5.97 41.58
C ILE E 181 -9.96 -7.44 41.52
N HIS E 182 -10.45 -7.96 42.65
CA HIS E 182 -10.91 -9.35 42.72
C HIS E 182 -12.43 -9.41 42.63
N HIS E 183 -12.91 -10.24 41.72
CA HIS E 183 -14.33 -10.50 41.58
C HIS E 183 -14.72 -11.80 42.27
N PRO E 184 -15.34 -11.72 43.46
CA PRO E 184 -15.81 -12.91 44.19
C PRO E 184 -16.97 -13.65 43.51
N ASN E 185 -17.35 -14.79 44.07
CA ASN E 185 -18.38 -15.65 43.48
C ASN E 185 -19.78 -15.44 44.07
N ASP E 186 -19.83 -15.02 45.32
CA ASP E 186 -21.10 -14.87 46.03
C ASP E 186 -20.97 -13.83 47.13
N ALA E 187 -22.10 -13.33 47.65
CA ALA E 187 -22.07 -12.28 48.66
C ALA E 187 -21.39 -12.76 49.93
N THR E 188 -21.33 -14.08 50.12
CA THR E 188 -20.73 -14.63 51.32
C THR E 188 -19.22 -14.60 51.20
N GLU E 189 -18.72 -15.05 50.05
CA GLU E 189 -17.28 -14.95 49.80
C GLU E 189 -16.84 -13.49 49.95
N GLN E 190 -17.65 -12.56 49.45
CA GLN E 190 -17.38 -11.14 49.56
C GLN E 190 -17.17 -10.70 51.02
N THR E 191 -18.04 -11.17 51.90
CA THR E 191 -17.97 -10.82 53.32
C THR E 191 -16.85 -11.58 54.05
N ARG E 192 -16.60 -12.82 53.66
CA ARG E 192 -15.53 -13.60 54.29
C ARG E 192 -14.17 -12.94 54.08
N LEU E 193 -14.04 -12.21 52.96
CA LEU E 193 -12.76 -11.64 52.54
C LEU E 193 -12.62 -10.17 52.83
N TYR E 194 -13.68 -9.38 52.69
CA TYR E 194 -13.51 -7.93 52.79
C TYR E 194 -14.51 -7.30 53.75
N GLN E 195 -15.31 -8.17 54.41
CA GLN E 195 -16.35 -7.73 55.36
C GLN E 195 -17.45 -6.91 54.68
N ASN E 196 -17.10 -5.75 54.14
CA ASN E 196 -18.10 -4.89 53.49
C ASN E 196 -18.80 -5.53 52.28
N PRO E 197 -20.12 -5.35 52.22
CA PRO E 197 -20.91 -5.93 51.13
C PRO E 197 -20.76 -5.11 49.84
N THR E 198 -20.74 -3.78 49.96
CA THR E 198 -20.69 -2.89 48.81
C THR E 198 -19.39 -2.08 48.71
N THR E 199 -18.55 -2.48 47.76
CA THR E 199 -17.19 -1.93 47.70
C THR E 199 -16.84 -1.24 46.41
N TYR E 200 -15.71 -0.56 46.43
CA TYR E 200 -15.20 0.16 45.28
C TYR E 200 -13.68 0.29 45.33
N ILE E 201 -13.12 0.67 44.21
CA ILE E 201 -11.72 1.09 44.13
C ILE E 201 -11.65 2.39 43.35
N SER E 202 -11.06 3.41 43.97
CA SER E 202 -10.85 4.68 43.28
C SER E 202 -9.39 4.78 42.93
N VAL E 203 -9.10 5.20 41.71
CA VAL E 203 -7.73 5.44 41.30
C VAL E 203 -7.64 6.80 40.66
N GLY E 204 -6.78 7.65 41.21
CA GLY E 204 -6.64 9.01 40.74
C GLY E 204 -5.19 9.32 40.39
N THR E 205 -5.01 10.19 39.41
CA THR E 205 -3.70 10.54 38.89
C THR E 205 -3.92 11.92 38.31
N SER E 206 -2.95 12.54 37.66
CA SER E 206 -3.25 13.81 37.03
C SER E 206 -4.21 13.70 35.80
N THR E 207 -4.23 12.53 35.17
CA THR E 207 -5.05 12.23 33.98
C THR E 207 -6.07 11.08 34.18
N LEU E 208 -5.86 10.29 35.22
CA LEU E 208 -6.69 9.10 35.47
C LEU E 208 -7.68 9.41 36.58
N ASN E 209 -8.95 9.04 36.36
CA ASN E 209 -10.01 9.19 37.35
C ASN E 209 -10.87 7.94 37.29
N GLN E 210 -10.32 6.85 37.80
CA GLN E 210 -10.91 5.54 37.65
C GLN E 210 -11.74 5.09 38.88
N LYS E 211 -12.91 4.51 38.65
CA LYS E 211 -13.66 3.84 39.71
C LYS E 211 -14.05 2.39 39.39
N LEU E 212 -13.59 1.44 40.19
CA LEU E 212 -13.89 0.04 39.95
C LEU E 212 -14.88 -0.47 41.00
N VAL E 213 -15.77 -1.35 40.57
CA VAL E 213 -16.67 -2.03 41.48
C VAL E 213 -16.61 -3.49 41.10
N PRO E 214 -16.55 -4.39 42.10
CA PRO E 214 -16.46 -5.84 41.89
C PRO E 214 -17.73 -6.39 41.23
N LYS E 215 -17.59 -7.40 40.41
CA LYS E 215 -18.74 -8.04 39.81
C LYS E 215 -18.94 -9.42 40.47
N ILE E 216 -19.87 -9.49 41.41
CA ILE E 216 -20.08 -10.73 42.18
C ILE E 216 -21.04 -11.66 41.44
N ALA E 217 -20.52 -12.77 40.91
CA ALA E 217 -21.32 -13.61 40.01
C ALA E 217 -20.87 -15.08 39.88
N THR E 218 -21.77 -15.94 39.40
CA THR E 218 -21.43 -17.33 39.17
C THR E 218 -20.76 -17.50 37.81
N ARG E 219 -19.58 -18.13 37.80
CA ARG E 219 -18.87 -18.33 36.53
C ARG E 219 -18.29 -19.73 36.41
N SER E 220 -17.81 -20.06 35.23
CA SER E 220 -17.08 -21.31 35.04
C SER E 220 -15.88 -21.39 35.97
N LYS E 221 -15.59 -22.60 36.44
CA LYS E 221 -14.38 -22.90 37.18
C LYS E 221 -13.23 -22.86 36.18
N VAL E 222 -12.20 -22.09 36.50
CA VAL E 222 -10.97 -22.08 35.73
C VAL E 222 -9.88 -22.35 36.72
N LYS E 223 -9.06 -23.37 36.44
CA LYS E 223 -8.08 -23.88 37.40
C LYS E 223 -8.78 -24.16 38.72
N GLY E 224 -10.00 -24.69 38.65
CA GLY E 224 -10.74 -24.96 39.86
C GLY E 224 -11.30 -23.72 40.51
N LEU E 225 -11.09 -22.56 39.89
CA LEU E 225 -11.60 -21.32 40.48
C LEU E 225 -12.65 -20.68 39.59
N SER E 226 -13.69 -20.20 40.25
CA SER E 226 -14.77 -19.51 39.61
C SER E 226 -14.59 -18.00 39.83
N GLY E 227 -13.78 -17.64 40.81
CA GLY E 227 -13.45 -16.24 41.04
C GLY E 227 -12.56 -15.68 39.95
N ARG E 228 -12.55 -14.36 39.83
CA ARG E 228 -11.75 -13.72 38.79
C ARG E 228 -11.00 -12.57 39.32
N MET E 229 -9.90 -12.35 38.65
CA MET E 229 -9.01 -11.26 39.00
C MET E 229 -8.77 -10.38 37.75
N GLU E 230 -9.10 -9.11 37.88
CA GLU E 230 -9.00 -8.22 36.72
C GLU E 230 -7.96 -7.15 37.01
N PHE E 231 -6.96 -7.01 36.13
CA PHE E 231 -5.82 -6.11 36.37
C PHE E 231 -5.72 -4.86 35.46
N PHE E 232 -5.25 -3.77 36.05
CA PHE E 232 -5.19 -2.47 35.37
C PHE E 232 -3.79 -1.88 35.43
N TRP E 233 -3.49 -0.98 34.52
CA TRP E 233 -2.17 -0.36 34.50
C TRP E 233 -2.23 1.09 34.10
N THR E 234 -1.24 1.85 34.52
CA THR E 234 -1.14 3.23 34.09
C THR E 234 0.32 3.59 34.07
N ILE E 235 0.65 4.61 33.28
CA ILE E 235 2.02 5.14 33.30
C ILE E 235 1.98 6.37 34.18
N LEU E 236 2.64 6.34 35.33
CA LEU E 236 2.68 7.52 36.18
C LEU E 236 3.85 8.42 35.79
N LYS E 237 3.55 9.61 35.25
CA LYS E 237 4.61 10.53 34.84
C LYS E 237 5.45 10.93 36.06
N SER E 238 6.71 11.32 35.82
CA SER E 238 7.56 11.85 36.85
C SER E 238 6.88 13.04 37.54
N ASN E 239 6.96 13.06 38.86
CA ASN E 239 6.42 14.11 39.72
C ASN E 239 4.87 14.10 39.84
N ASP E 240 4.21 13.11 39.26
CA ASP E 240 2.78 12.99 39.46
C ASP E 240 2.55 12.01 40.61
N ALA E 241 1.37 12.07 41.20
CA ALA E 241 1.04 11.14 42.28
C ALA E 241 -0.15 10.27 41.91
N ILE E 242 -0.20 9.06 42.46
CA ILE E 242 -1.33 8.17 42.22
C ILE E 242 -2.10 7.87 43.49
N ASN E 243 -3.41 8.09 43.47
CA ASN E 243 -4.21 7.92 44.67
C ASN E 243 -5.16 6.74 44.58
N PHE E 244 -5.05 5.83 45.54
CA PHE E 244 -5.92 4.67 45.68
C PHE E 244 -6.79 4.86 46.90
N GLU E 245 -8.10 4.74 46.73
CA GLU E 245 -9.03 4.64 47.86
C GLU E 245 -9.92 3.43 47.63
N SER E 246 -9.95 2.53 48.61
CA SER E 246 -10.75 1.32 48.48
C SER E 246 -11.31 0.83 49.81
N ASN E 247 -12.45 0.16 49.74
CA ASN E 247 -13.06 -0.47 50.90
C ASN E 247 -13.28 -1.96 50.65
N GLY E 248 -12.51 -2.51 49.71
CA GLY E 248 -12.56 -3.94 49.44
C GLY E 248 -12.20 -4.37 48.02
N ASN E 249 -11.92 -5.67 47.85
CA ASN E 249 -11.66 -6.25 46.53
C ASN E 249 -10.45 -5.63 45.82
N PHE E 250 -9.67 -4.84 46.55
CA PHE E 250 -8.46 -4.18 46.07
C PHE E 250 -7.24 -5.09 46.08
N ILE E 251 -6.68 -5.33 44.91
CA ILE E 251 -5.39 -5.98 44.80
C ILE E 251 -4.33 -4.89 44.59
N ALA E 252 -3.68 -4.43 45.66
CA ALA E 252 -2.88 -3.19 45.63
C ALA E 252 -1.46 -3.42 45.09
N PRO E 253 -0.84 -2.35 44.54
CA PRO E 253 0.54 -2.41 44.03
C PRO E 253 1.60 -2.63 45.12
N GLU E 254 2.57 -3.50 44.88
CA GLU E 254 3.75 -3.53 45.74
C GLU E 254 4.96 -2.97 44.95
N ASN E 255 5.12 -3.47 43.72
CA ASN E 255 6.21 -3.05 42.86
C ASN E 255 5.73 -2.38 41.58
N ALA E 256 6.53 -1.44 41.09
CA ALA E 256 6.25 -0.72 39.88
C ALA E 256 7.54 -0.69 39.08
N TYR E 257 7.47 -0.26 37.82
CA TYR E 257 8.62 -0.30 36.93
C TYR E 257 9.00 1.10 36.47
N LYS E 258 10.26 1.47 36.68
CA LYS E 258 10.82 2.70 36.13
C LYS E 258 11.20 2.47 34.68
N ILE E 259 10.72 3.35 33.80
CA ILE E 259 11.13 3.27 32.41
C ILE E 259 12.50 3.96 32.26
N VAL E 260 13.51 3.13 32.15
CA VAL E 260 14.88 3.57 32.17
C VAL E 260 15.35 3.92 30.76
N LYS E 261 15.00 3.06 29.81
CA LYS E 261 15.43 3.22 28.45
C LYS E 261 14.36 2.90 27.40
N LYS E 262 14.02 3.89 26.56
CA LYS E 262 13.13 3.61 25.41
C LYS E 262 13.99 3.40 24.15
N GLY E 263 13.46 2.71 23.16
CA GLY E 263 14.26 2.43 21.97
C GLY E 263 13.55 1.56 20.96
N ASP E 264 14.31 1.06 20.00
CA ASP E 264 13.79 0.12 19.03
C ASP E 264 13.76 -1.29 19.63
N SER E 265 12.57 -1.86 19.63
CA SER E 265 12.41 -3.18 20.21
C SER E 265 11.15 -3.83 19.66
N THR E 266 10.98 -5.08 19.99
CA THR E 266 9.83 -5.81 19.52
C THR E 266 9.49 -6.91 20.51
N ILE E 267 8.34 -7.54 20.29
CA ILE E 267 7.97 -8.74 21.02
C ILE E 267 7.81 -9.81 19.96
N MET E 268 8.82 -10.65 19.81
CA MET E 268 8.78 -11.74 18.82
C MET E 268 7.99 -12.94 19.32
N LYS E 269 7.25 -13.57 18.42
CA LYS E 269 6.60 -14.84 18.72
C LYS E 269 7.47 -15.96 18.15
N SER E 270 8.15 -16.67 19.05
CA SER E 270 9.08 -17.73 18.67
C SER E 270 9.11 -18.83 19.74
N GLU E 271 9.20 -20.10 19.31
CA GLU E 271 9.31 -21.19 20.27
C GLU E 271 10.77 -21.56 20.45
N LEU E 272 11.65 -20.87 19.73
CA LEU E 272 13.10 -21.07 19.80
C LEU E 272 13.64 -20.59 21.15
N GLU E 273 14.89 -20.94 21.44
CA GLU E 273 15.52 -20.43 22.65
C GLU E 273 16.93 -19.93 22.36
N TYR E 274 17.52 -19.29 23.36
CA TYR E 274 18.82 -18.65 23.23
C TYR E 274 19.88 -19.59 22.68
N GLY E 275 20.59 -19.14 21.65
CA GLY E 275 21.59 -19.97 20.99
C GLY E 275 23.00 -19.44 21.16
N ASP E 276 23.18 -18.58 22.16
CA ASP E 276 24.49 -18.02 22.53
C ASP E 276 25.26 -17.46 21.35
N CYS E 277 24.52 -16.95 20.36
CA CYS E 277 25.15 -16.44 19.16
C CYS E 277 24.96 -14.95 19.14
N ASN E 278 25.44 -14.30 18.08
CA ASN E 278 25.27 -12.88 18.03
C ASN E 278 25.08 -12.44 16.60
N THR E 279 24.13 -11.52 16.39
CA THR E 279 23.75 -11.13 15.04
C THR E 279 23.30 -9.67 15.00
N LYS E 280 23.25 -9.10 13.79
CA LYS E 280 22.76 -7.75 13.64
C LYS E 280 21.37 -7.77 12.95
N CYS E 281 20.84 -8.97 12.74
CA CYS E 281 19.51 -9.11 12.15
C CYS E 281 18.86 -10.40 12.63
N GLN E 282 17.76 -10.26 13.37
CA GLN E 282 17.06 -11.40 13.97
C GLN E 282 15.67 -11.56 13.42
N THR E 283 15.31 -12.80 13.08
CA THR E 283 13.93 -13.11 12.73
C THR E 283 13.45 -14.16 13.75
N PRO E 284 12.13 -14.31 13.93
CA PRO E 284 11.63 -15.25 14.94
C PRO E 284 12.04 -16.69 14.68
N ILE E 285 12.54 -17.00 13.49
CA ILE E 285 12.88 -18.40 13.17
C ILE E 285 14.39 -18.58 12.97
N GLY E 286 15.15 -17.50 13.08
CA GLY E 286 16.60 -17.57 12.97
C GLY E 286 17.24 -16.23 12.64
N ALA E 287 18.53 -16.10 12.91
CA ALA E 287 19.23 -14.85 12.69
C ALA E 287 19.89 -14.85 11.32
N ILE E 288 20.22 -13.64 10.87
CA ILE E 288 20.73 -13.40 9.53
C ILE E 288 22.07 -12.62 9.53
N ASN E 289 23.09 -13.19 8.90
CA ASN E 289 24.33 -12.46 8.64
C ASN E 289 24.55 -12.51 7.14
N SER E 290 24.06 -11.49 6.44
CA SER E 290 24.05 -11.52 4.99
C SER E 290 24.34 -10.13 4.43
N SER E 291 25.01 -10.10 3.29
CA SER E 291 25.33 -8.86 2.59
C SER E 291 24.32 -8.58 1.47
N MET E 292 23.44 -9.55 1.23
CA MET E 292 22.36 -9.41 0.26
C MET E 292 21.42 -8.24 0.59
N PRO E 293 20.86 -7.60 -0.44
CA PRO E 293 19.92 -6.51 -0.23
C PRO E 293 18.53 -7.02 0.14
N PHE E 294 18.30 -8.30 -0.15
CA PHE E 294 17.00 -8.92 0.09
C PHE E 294 17.13 -10.21 0.87
N HIS E 295 16.03 -10.61 1.50
CA HIS E 295 15.94 -11.90 2.13
C HIS E 295 14.50 -12.36 2.14
N ASN E 296 14.29 -13.66 2.36
CA ASN E 296 12.95 -14.21 2.33
C ASN E 296 12.72 -15.13 3.51
N ILE E 297 13.41 -14.84 4.60
CA ILE E 297 13.38 -15.68 5.78
C ILE E 297 12.05 -15.51 6.53
N HIS E 298 11.74 -14.27 6.91
CA HIS E 298 10.55 -13.97 7.69
C HIS E 298 10.32 -12.47 7.61
N PRO E 299 9.04 -12.05 7.53
CA PRO E 299 8.68 -10.62 7.42
C PRO E 299 8.95 -9.84 8.72
N LEU E 300 8.94 -10.50 9.88
CA LEU E 300 9.11 -9.81 11.15
C LEU E 300 10.58 -9.86 11.64
N THR E 301 11.36 -8.85 11.28
CA THR E 301 12.76 -8.80 11.68
C THR E 301 13.01 -7.59 12.56
N ILE E 302 14.13 -7.62 13.28
CA ILE E 302 14.57 -6.44 14.00
C ILE E 302 16.08 -6.37 13.86
N GLY E 303 16.59 -5.16 13.63
CA GLY E 303 18.01 -4.95 13.44
C GLY E 303 18.32 -4.34 12.08
N GLU E 304 19.60 -4.37 11.73
CA GLU E 304 20.05 -3.90 10.44
C GLU E 304 19.87 -5.03 9.43
N CYS E 305 18.68 -5.08 8.83
CA CYS E 305 18.31 -6.20 7.96
C CYS E 305 18.26 -5.87 6.49
N PRO E 306 18.32 -6.92 5.63
CA PRO E 306 17.95 -6.76 4.23
C PRO E 306 16.45 -6.54 4.10
N LYS E 307 15.94 -6.28 2.91
CA LYS E 307 14.52 -6.04 2.72
C LYS E 307 13.82 -7.37 2.48
N TYR E 308 12.65 -7.59 3.11
CA TYR E 308 11.96 -8.87 2.95
C TYR E 308 11.10 -8.92 1.68
N VAL E 309 11.21 -10.03 0.95
CA VAL E 309 10.34 -10.28 -0.19
C VAL E 309 9.95 -11.75 -0.15
N LYS E 310 8.86 -12.07 -0.84
CA LYS E 310 8.32 -13.43 -0.89
C LYS E 310 8.92 -14.30 -2.00
N SER E 311 9.89 -13.75 -2.71
CA SER E 311 10.52 -14.45 -3.84
C SER E 311 11.23 -15.72 -3.42
N ASN E 312 11.29 -16.70 -4.33
CA ASN E 312 12.09 -17.89 -4.08
C ASN E 312 13.50 -17.71 -4.62
N ARG E 313 13.65 -16.82 -5.62
CA ARG E 313 14.93 -16.56 -6.27
C ARG E 313 14.99 -15.15 -6.85
N LEU E 314 16.07 -14.43 -6.57
CA LEU E 314 16.26 -13.11 -7.14
C LEU E 314 17.70 -12.95 -7.67
N VAL E 315 17.88 -13.17 -8.97
CA VAL E 315 19.23 -13.14 -9.55
C VAL E 315 19.33 -12.08 -10.64
N LEU E 316 20.27 -11.17 -10.48
CA LEU E 316 20.53 -10.14 -11.50
C LEU E 316 21.56 -10.58 -12.53
N ALA E 317 21.27 -10.40 -13.80
CA ALA E 317 22.28 -10.62 -14.83
C ALA E 317 23.24 -9.44 -14.82
N THR E 318 24.54 -9.72 -14.72
CA THR E 318 25.53 -8.65 -14.82
C THR E 318 26.31 -8.79 -16.13
N GLY E 319 26.64 -10.04 -16.49
CA GLY E 319 27.32 -10.33 -17.75
C GLY E 319 26.35 -10.61 -18.87
N LEU E 320 26.83 -11.27 -19.93
CA LEU E 320 26.03 -11.52 -21.13
C LEU E 320 25.65 -13.00 -21.31
N ARG E 321 24.80 -13.30 -22.29
CA ARG E 321 24.34 -14.66 -22.57
C ARG E 321 25.52 -15.56 -22.93
N ASN E 322 25.53 -16.80 -22.44
CA ASN E 322 26.70 -17.66 -22.63
C ASN E 322 26.65 -18.49 -23.93
N SER E 323 27.80 -18.51 -24.62
CA SER E 323 27.98 -19.16 -25.92
C SER E 323 28.33 -20.64 -25.90
N PRO E 324 27.51 -21.46 -26.58
CA PRO E 324 27.74 -22.90 -26.71
C PRO E 324 29.08 -23.24 -27.39
N GLY F 1 18.81 -10.93 -29.72
CA GLY F 1 18.66 -9.64 -29.05
C GLY F 1 17.92 -8.60 -29.88
N LEU F 2 18.24 -7.32 -29.68
CA LEU F 2 17.55 -6.22 -30.36
C LEU F 2 18.01 -5.88 -31.80
N PHE F 3 18.77 -6.77 -32.45
CA PHE F 3 19.35 -6.52 -33.79
C PHE F 3 20.14 -7.72 -34.31
N GLY F 4 20.47 -8.67 -33.42
CA GLY F 4 21.19 -9.86 -33.84
C GLY F 4 22.72 -9.94 -33.83
N ALA F 5 23.38 -9.51 -32.75
CA ALA F 5 24.85 -9.58 -32.68
C ALA F 5 25.35 -10.65 -31.68
N ILE F 6 25.13 -10.46 -30.37
CA ILE F 6 25.43 -11.52 -29.39
C ILE F 6 24.55 -12.74 -29.63
N ALA F 7 25.18 -13.86 -30.00
CA ALA F 7 24.47 -15.05 -30.50
C ALA F 7 23.58 -14.62 -31.67
N GLY F 8 24.18 -13.85 -32.58
CA GLY F 8 23.49 -13.32 -33.75
C GLY F 8 24.20 -13.62 -35.05
N PHE F 9 24.82 -12.59 -35.64
CA PHE F 9 25.54 -12.79 -36.89
C PHE F 9 26.95 -13.34 -36.62
N ILE F 10 27.52 -12.98 -35.49
CA ILE F 10 28.75 -13.60 -35.01
C ILE F 10 28.37 -14.72 -34.05
N GLU F 11 28.14 -15.91 -34.61
CA GLU F 11 27.67 -17.03 -33.81
C GLU F 11 28.76 -17.53 -32.84
N GLY F 12 28.59 -17.17 -31.58
CA GLY F 12 29.45 -17.63 -30.51
C GLY F 12 30.41 -16.59 -29.95
N GLY F 13 30.67 -16.76 -28.65
CA GLY F 13 31.63 -15.96 -27.92
C GLY F 13 32.92 -16.73 -27.74
N TRP F 14 33.96 -16.03 -27.32
CA TRP F 14 35.28 -16.62 -27.23
C TRP F 14 35.68 -16.98 -25.80
N GLN F 15 35.64 -18.27 -25.47
CA GLN F 15 36.06 -18.68 -24.14
C GLN F 15 37.54 -18.37 -23.94
N GLY F 16 38.26 -18.31 -25.05
CA GLY F 16 39.69 -18.04 -25.03
C GLY F 16 40.01 -16.61 -24.63
N MET F 17 39.02 -15.72 -24.82
CA MET F 17 39.19 -14.31 -24.46
C MET F 17 38.83 -14.06 -23.00
N VAL F 18 39.84 -13.84 -22.17
CA VAL F 18 39.68 -13.76 -20.71
C VAL F 18 40.13 -12.41 -20.13
N ASP F 19 40.37 -11.40 -20.96
CA ASP F 19 40.84 -10.11 -20.45
C ASP F 19 39.71 -9.10 -20.24
N GLY F 20 38.57 -9.33 -20.88
CA GLY F 20 37.45 -8.39 -20.81
C GLY F 20 36.11 -8.94 -21.28
N TRP F 21 35.19 -8.04 -21.66
CA TRP F 21 33.86 -8.44 -22.10
C TRP F 21 33.70 -8.34 -23.61
N TYR F 22 34.16 -7.23 -24.17
CA TYR F 22 34.12 -6.99 -25.60
C TYR F 22 35.55 -6.77 -26.12
N GLY F 23 35.88 -7.40 -27.23
CA GLY F 23 37.23 -7.26 -27.76
C GLY F 23 37.48 -7.77 -29.16
N TYR F 24 38.72 -8.17 -29.40
CA TYR F 24 39.17 -8.52 -30.73
C TYR F 24 39.99 -9.82 -30.77
N HIS F 25 39.93 -10.50 -31.91
CA HIS F 25 40.89 -11.54 -32.26
C HIS F 25 41.66 -11.03 -33.46
N HIS F 26 42.98 -11.18 -33.45
CA HIS F 26 43.78 -10.68 -34.55
C HIS F 26 44.63 -11.80 -35.11
N SER F 27 44.81 -11.80 -36.43
CA SER F 27 45.64 -12.81 -37.07
C SER F 27 46.44 -12.16 -38.20
N ASN F 28 47.74 -11.99 -37.97
CA ASN F 28 48.65 -11.47 -39.00
C ASN F 28 49.95 -12.27 -39.10
N GLU F 29 51.04 -11.58 -39.41
CA GLU F 29 52.36 -12.22 -39.57
C GLU F 29 52.92 -12.66 -38.23
N GLN F 30 52.54 -11.96 -37.17
CA GLN F 30 52.98 -12.28 -35.82
C GLN F 30 51.88 -13.00 -35.06
N GLY F 31 51.61 -14.24 -35.49
CA GLY F 31 50.66 -15.12 -34.84
C GLY F 31 49.25 -14.58 -34.63
N SER F 32 48.51 -15.25 -33.76
CA SER F 32 47.16 -14.87 -33.40
C SER F 32 47.09 -14.50 -31.92
N GLY F 33 45.92 -14.06 -31.45
CA GLY F 33 45.74 -13.69 -30.06
C GLY F 33 44.48 -12.88 -29.78
N TYR F 34 43.95 -12.99 -28.56
CA TYR F 34 42.75 -12.24 -28.17
C TYR F 34 43.12 -10.94 -27.45
N ALA F 35 42.36 -9.88 -27.68
CA ALA F 35 42.64 -8.59 -27.05
C ALA F 35 41.35 -7.79 -26.75
N ALA F 36 41.06 -7.60 -25.47
CA ALA F 36 39.84 -6.93 -25.02
C ALA F 36 39.85 -5.41 -25.19
N ASP F 37 38.74 -4.86 -25.69
CA ASP F 37 38.60 -3.40 -25.75
C ASP F 37 38.46 -2.86 -24.34
N LYS F 38 39.45 -2.13 -23.86
CA LYS F 38 39.42 -1.70 -22.47
C LYS F 38 38.33 -0.66 -22.21
N GLU F 39 38.17 0.27 -23.13
CA GLU F 39 37.29 1.41 -22.89
C GLU F 39 35.80 1.07 -22.81
N SER F 40 35.28 0.36 -23.79
CA SER F 40 33.83 0.12 -23.85
C SER F 40 33.36 -0.99 -22.90
N THR F 41 34.29 -1.75 -22.33
CA THR F 41 33.90 -2.77 -21.37
C THR F 41 33.88 -2.12 -20.01
N GLN F 42 34.80 -1.18 -19.83
CA GLN F 42 34.85 -0.41 -18.60
C GLN F 42 33.57 0.43 -18.52
N LYS F 43 33.16 1.00 -19.65
CA LYS F 43 31.95 1.80 -19.69
C LYS F 43 30.71 0.93 -19.45
N ALA F 44 30.85 -0.36 -19.76
CA ALA F 44 29.76 -1.32 -19.60
C ALA F 44 29.75 -1.88 -18.18
N ILE F 45 30.93 -2.01 -17.58
CA ILE F 45 31.01 -2.48 -16.20
C ILE F 45 30.47 -1.38 -15.28
N ASP F 46 30.76 -0.12 -15.61
CA ASP F 46 30.28 1.02 -14.85
C ASP F 46 28.76 1.04 -14.82
N GLY F 47 28.16 0.91 -15.99
CA GLY F 47 26.71 0.97 -16.12
C GLY F 47 25.98 -0.17 -15.44
N VAL F 48 26.52 -1.38 -15.59
CA VAL F 48 25.93 -2.56 -14.95
C VAL F 48 26.11 -2.43 -13.44
N THR F 49 27.25 -1.92 -12.98
CA THR F 49 27.42 -1.70 -11.55
C THR F 49 26.43 -0.64 -11.02
N ASN F 50 26.30 0.49 -11.72
CA ASN F 50 25.36 1.54 -11.29
C ASN F 50 23.92 1.04 -11.29
N LYS F 51 23.55 0.29 -12.31
CA LYS F 51 22.23 -0.33 -12.37
C LYS F 51 21.95 -1.16 -11.13
N VAL F 52 22.97 -1.89 -10.68
CA VAL F 52 22.86 -2.78 -9.52
C VAL F 52 22.79 -2.00 -8.22
N ASN F 53 23.44 -0.84 -8.17
CA ASN F 53 23.36 0.02 -6.98
C ASN F 53 22.07 0.82 -7.01
N SER F 54 21.57 1.09 -8.21
CA SER F 54 20.31 1.82 -8.38
C SER F 54 19.12 1.00 -7.93
N ILE F 55 19.17 -0.29 -8.22
CA ILE F 55 18.04 -1.17 -7.94
C ILE F 55 17.91 -1.47 -6.45
N ILE F 56 19.03 -1.55 -5.75
CA ILE F 56 19.04 -1.78 -4.32
C ILE F 56 18.64 -0.51 -3.57
N ASP F 57 19.12 0.64 -4.06
CA ASP F 57 18.80 1.91 -3.42
C ASP F 57 17.34 2.29 -3.61
N LYS F 58 16.69 1.77 -4.66
CA LYS F 58 15.27 2.02 -4.89
C LYS F 58 14.39 1.20 -3.97
N MET F 59 14.99 0.29 -3.22
CA MET F 59 14.21 -0.55 -2.31
C MET F 59 14.58 -0.26 -0.87
N ASN F 60 15.52 0.64 -0.63
CA ASN F 60 15.95 0.92 0.73
C ASN F 60 14.79 1.45 1.57
N THR F 61 14.07 2.40 1.00
CA THR F 61 12.86 2.89 1.63
C THR F 61 11.71 2.02 1.11
N GLN F 62 11.37 1.02 1.91
CA GLN F 62 10.38 0.01 1.56
C GLN F 62 9.69 -0.44 2.85
N PHE F 63 8.43 -0.86 2.75
CA PHE F 63 7.60 -1.23 3.91
C PHE F 63 8.23 -2.27 4.84
N GLU F 64 8.09 -2.05 6.14
CA GLU F 64 8.61 -2.97 7.14
C GLU F 64 7.48 -3.40 8.07
N ALA F 65 7.20 -4.70 8.10
CA ALA F 65 6.09 -5.23 8.88
C ALA F 65 6.38 -5.19 10.38
N VAL F 66 5.34 -4.96 11.16
CA VAL F 66 5.45 -4.97 12.61
C VAL F 66 4.36 -5.86 13.21
N GLY F 67 4.75 -6.69 14.17
CA GLY F 67 3.81 -7.55 14.84
C GLY F 67 2.94 -6.69 15.74
N ARG F 68 1.63 -6.77 15.55
CA ARG F 68 0.71 -6.07 16.43
C ARG F 68 -0.21 -7.09 16.99
N GLU F 69 -0.53 -6.99 18.27
CA GLU F 69 -1.45 -7.95 18.85
C GLU F 69 -2.86 -7.34 18.87
N PHE F 70 -3.88 -8.19 18.76
CA PHE F 70 -5.27 -7.74 18.86
C PHE F 70 -6.07 -8.73 19.71
N ASN F 71 -7.07 -8.24 20.44
CA ASN F 71 -7.81 -9.17 21.28
C ASN F 71 -8.96 -9.83 20.50
N ASN F 72 -9.75 -10.68 21.15
CA ASN F 72 -10.74 -11.47 20.43
C ASN F 72 -11.99 -10.64 20.07
N LEU F 73 -12.07 -9.41 20.55
CA LEU F 73 -13.13 -8.52 20.08
C LEU F 73 -12.59 -7.38 19.20
N GLU F 74 -11.45 -7.64 18.56
CA GLU F 74 -10.86 -6.70 17.63
C GLU F 74 -10.52 -7.42 16.33
N ARG F 75 -11.40 -8.29 15.86
CA ARG F 75 -11.01 -9.16 14.76
C ARG F 75 -11.04 -8.43 13.44
N ARG F 76 -11.90 -7.42 13.33
CA ARG F 76 -11.92 -6.55 12.14
C ARG F 76 -10.61 -5.77 11.89
N ILE F 77 -10.09 -5.09 12.90
CA ILE F 77 -8.87 -4.31 12.68
C ILE F 77 -7.66 -5.25 12.55
N GLU F 78 -7.73 -6.42 13.21
CA GLU F 78 -6.71 -7.44 13.05
C GLU F 78 -6.62 -7.90 11.60
N ASN F 79 -7.78 -8.05 10.97
CA ASN F 79 -7.84 -8.42 9.56
C ASN F 79 -7.37 -7.22 8.69
N LEU F 80 -7.79 -6.02 9.08
CA LEU F 80 -7.28 -4.82 8.44
C LEU F 80 -5.75 -4.79 8.49
N ASN F 81 -5.16 -5.04 9.66
CA ASN F 81 -3.71 -4.95 9.83
C ASN F 81 -2.97 -5.99 9.01
N LYS F 82 -3.52 -7.19 9.00
CA LYS F 82 -2.92 -8.28 8.26
C LYS F 82 -2.99 -8.03 6.76
N LYS F 83 -4.18 -7.64 6.28
CA LYS F 83 -4.38 -7.40 4.87
C LYS F 83 -3.50 -6.26 4.37
N MET F 84 -3.34 -5.26 5.22
CA MET F 84 -2.47 -4.14 4.94
C MET F 84 -0.99 -4.53 4.87
N GLU F 85 -0.54 -5.34 5.83
CA GLU F 85 0.85 -5.75 5.84
C GLU F 85 1.16 -6.74 4.73
N ASP F 86 0.30 -7.73 4.53
CA ASP F 86 0.51 -8.61 3.41
C ASP F 86 0.41 -7.81 2.11
N GLY F 87 -0.43 -6.77 2.12
CA GLY F 87 -0.61 -5.97 0.92
C GLY F 87 0.68 -5.35 0.44
N PHE F 88 1.39 -4.70 1.34
CA PHE F 88 2.65 -4.06 1.01
C PHE F 88 3.76 -5.06 0.66
N LEU F 89 3.70 -6.25 1.24
CA LEU F 89 4.71 -7.27 0.94
C LEU F 89 4.51 -7.83 -0.47
N ASP F 90 3.26 -8.02 -0.87
CA ASP F 90 2.96 -8.51 -2.21
C ASP F 90 3.38 -7.45 -3.21
N VAL F 91 3.08 -6.19 -2.88
CA VAL F 91 3.43 -5.07 -3.73
C VAL F 91 4.93 -4.99 -3.94
N TRP F 92 5.70 -5.04 -2.86
CA TRP F 92 7.14 -4.90 -3.01
C TRP F 92 7.76 -6.16 -3.60
N THR F 93 7.15 -7.31 -3.35
CA THR F 93 7.64 -8.53 -3.98
C THR F 93 7.46 -8.39 -5.49
N TYR F 94 6.30 -7.90 -5.90
CA TYR F 94 6.05 -7.63 -7.30
C TYR F 94 7.11 -6.67 -7.84
N ASN F 95 7.30 -5.53 -7.17
CA ASN F 95 8.27 -4.53 -7.61
C ASN F 95 9.70 -5.03 -7.77
N ALA F 96 10.11 -5.90 -6.87
CA ALA F 96 11.48 -6.39 -6.86
C ALA F 96 11.66 -7.39 -7.98
N GLU F 97 10.68 -8.27 -8.12
CA GLU F 97 10.73 -9.30 -9.16
C GLU F 97 10.67 -8.62 -10.53
N LEU F 98 9.75 -7.69 -10.70
CA LEU F 98 9.53 -7.10 -12.02
C LEU F 98 10.70 -6.24 -12.46
N LEU F 99 11.35 -5.58 -11.54
CA LEU F 99 12.48 -4.73 -11.90
C LEU F 99 13.67 -5.57 -12.32
N VAL F 100 13.85 -6.71 -11.66
CA VAL F 100 14.93 -7.63 -11.99
C VAL F 100 14.70 -8.22 -13.37
N LEU F 101 13.49 -8.69 -13.64
CA LEU F 101 13.15 -9.22 -14.95
C LEU F 101 13.33 -8.16 -16.03
N MET F 102 12.86 -6.95 -15.75
CA MET F 102 12.90 -5.87 -16.72
C MET F 102 14.33 -5.40 -16.99
N GLU F 103 15.16 -5.40 -15.95
CA GLU F 103 16.53 -4.94 -16.13
C GLU F 103 17.45 -6.06 -16.64
N ASN F 104 17.07 -7.31 -16.38
CA ASN F 104 17.82 -8.44 -16.92
C ASN F 104 17.82 -8.40 -18.44
N GLU F 105 16.64 -8.25 -19.03
CA GLU F 105 16.51 -8.19 -20.48
C GLU F 105 17.23 -6.99 -21.08
N ARG F 106 17.16 -5.86 -20.39
CA ARG F 106 17.84 -4.66 -20.86
C ARG F 106 19.35 -4.83 -20.77
N THR F 107 19.83 -5.56 -19.76
CA THR F 107 21.27 -5.76 -19.61
C THR F 107 21.77 -6.62 -20.76
N LEU F 108 20.97 -7.59 -21.18
CA LEU F 108 21.33 -8.43 -22.30
C LEU F 108 21.31 -7.67 -23.63
N ASP F 109 20.33 -6.79 -23.82
CA ASP F 109 20.24 -6.00 -25.04
C ASP F 109 21.28 -4.90 -25.07
N PHE F 110 21.86 -4.62 -23.90
CA PHE F 110 22.93 -3.63 -23.73
C PHE F 110 24.29 -4.19 -24.11
N HIS F 111 24.57 -5.41 -23.66
CA HIS F 111 25.77 -6.11 -24.06
C HIS F 111 25.74 -6.34 -25.55
N ASP F 112 24.55 -6.71 -26.01
CA ASP F 112 24.29 -6.96 -27.40
C ASP F 112 24.70 -5.74 -28.21
N SER F 113 24.24 -4.57 -27.78
CA SER F 113 24.52 -3.33 -28.49
C SER F 113 25.99 -2.97 -28.51
N ASN F 114 26.65 -3.08 -27.36
CA ASN F 114 28.06 -2.75 -27.29
C ASN F 114 28.89 -3.59 -28.25
N VAL F 115 28.42 -4.79 -28.56
CA VAL F 115 29.07 -5.63 -29.56
C VAL F 115 28.86 -5.11 -30.98
N LYS F 116 27.66 -4.59 -31.27
CA LYS F 116 27.39 -4.04 -32.60
C LYS F 116 27.98 -2.65 -32.83
N ASN F 117 28.02 -1.83 -31.78
CA ASN F 117 28.56 -0.49 -31.87
C ASN F 117 30.07 -0.51 -32.05
N LEU F 118 30.68 -1.55 -31.53
CA LEU F 118 32.13 -1.73 -31.62
C LEU F 118 32.42 -2.25 -33.02
N TYR F 119 31.43 -2.95 -33.58
CA TYR F 119 31.52 -3.52 -34.91
C TYR F 119 31.39 -2.46 -36.01
N ASP F 120 30.45 -1.54 -35.86
CA ASP F 120 30.30 -0.46 -36.83
C ASP F 120 31.47 0.53 -36.67
N LYS F 121 32.09 0.51 -35.49
CA LYS F 121 33.27 1.34 -35.22
C LYS F 121 34.44 0.93 -36.10
N VAL F 122 34.68 -0.37 -36.19
CA VAL F 122 35.77 -0.89 -37.01
C VAL F 122 35.33 -0.87 -38.47
N ARG F 123 34.07 -1.20 -38.74
CA ARG F 123 33.52 -1.21 -40.09
C ARG F 123 33.57 0.16 -40.75
N LEU F 124 33.60 1.21 -39.94
CA LEU F 124 33.70 2.59 -40.44
C LEU F 124 35.14 3.05 -40.60
N GLN F 125 36.05 2.44 -39.84
CA GLN F 125 37.46 2.77 -39.96
C GLN F 125 38.10 2.09 -41.17
N LEU F 126 37.70 0.85 -41.41
CA LEU F 126 38.29 0.02 -42.47
C LEU F 126 37.70 0.36 -43.84
N ARG F 127 36.37 0.29 -43.94
CA ARG F 127 35.67 0.56 -45.19
C ARG F 127 36.16 -0.40 -46.29
N ASP F 128 36.63 0.16 -47.39
CA ASP F 128 37.05 -0.65 -48.55
C ASP F 128 38.48 -1.21 -48.42
N ASN F 129 39.10 -1.04 -47.26
CA ASN F 129 40.44 -1.60 -47.02
C ASN F 129 40.40 -3.05 -46.55
N ALA F 130 39.19 -3.58 -46.39
CA ALA F 130 38.99 -4.98 -45.99
C ALA F 130 37.66 -5.52 -46.48
N LYS F 131 37.56 -6.84 -46.58
CA LYS F 131 36.29 -7.47 -46.92
C LYS F 131 35.62 -7.98 -45.65
N GLU F 132 34.34 -7.64 -45.51
CA GLU F 132 33.55 -8.02 -44.34
C GLU F 132 32.93 -9.41 -44.53
N LEU F 133 33.49 -10.42 -43.86
CA LEU F 133 33.07 -11.80 -44.09
C LEU F 133 31.65 -12.08 -43.63
N GLY F 134 31.16 -11.30 -42.68
CA GLY F 134 29.80 -11.48 -42.22
C GLY F 134 29.68 -12.50 -41.12
N ASN F 135 30.78 -12.76 -40.43
CA ASN F 135 30.78 -13.61 -39.25
C ASN F 135 31.39 -12.86 -38.06
N GLY F 136 31.46 -11.53 -38.20
CA GLY F 136 32.03 -10.69 -37.18
C GLY F 136 33.47 -10.37 -37.50
N CYS F 137 33.97 -10.93 -38.60
CA CYS F 137 35.36 -10.75 -38.96
C CYS F 137 35.57 -9.79 -40.13
N PHE F 138 36.78 -9.25 -40.20
CA PHE F 138 37.21 -8.42 -41.32
C PHE F 138 38.49 -8.99 -41.90
N GLU F 139 38.52 -9.20 -43.22
CA GLU F 139 39.74 -9.68 -43.84
C GLU F 139 40.42 -8.53 -44.60
N PHE F 140 41.58 -8.11 -44.11
CA PHE F 140 42.29 -6.96 -44.63
C PHE F 140 42.74 -7.14 -46.09
N TYR F 141 42.64 -6.06 -46.87
CA TYR F 141 43.18 -6.05 -48.23
C TYR F 141 44.62 -5.55 -48.23
N HIS F 142 45.21 -5.52 -47.04
CA HIS F 142 46.61 -5.20 -46.89
C HIS F 142 47.13 -6.00 -45.70
N ARG F 143 48.42 -5.84 -45.39
CA ARG F 143 48.95 -6.50 -44.22
C ARG F 143 48.93 -5.56 -43.03
N CYS F 144 48.46 -6.08 -41.90
CA CYS F 144 48.28 -5.27 -40.71
C CYS F 144 49.07 -5.89 -39.57
N ASP F 145 50.24 -5.34 -39.31
CA ASP F 145 51.11 -5.84 -38.24
C ASP F 145 50.48 -5.51 -36.89
N ASN F 146 51.10 -6.01 -35.82
CA ASN F 146 50.56 -5.85 -34.48
C ASN F 146 50.58 -4.39 -34.00
N GLU F 147 50.98 -3.48 -34.89
CA GLU F 147 50.99 -2.05 -34.59
C GLU F 147 49.95 -1.32 -35.44
N CYS F 148 49.61 -1.93 -36.57
CA CYS F 148 48.52 -1.43 -37.41
C CYS F 148 47.16 -1.77 -36.78
N MET F 149 47.07 -2.96 -36.20
CA MET F 149 45.83 -3.42 -35.57
C MET F 149 45.60 -2.77 -34.20
N GLU F 150 46.66 -2.32 -33.57
CA GLU F 150 46.52 -1.57 -32.33
C GLU F 150 45.80 -0.26 -32.66
N SER F 151 45.96 0.18 -33.90
CA SER F 151 45.41 1.44 -34.38
C SER F 151 43.91 1.38 -34.63
N VAL F 152 43.40 0.21 -35.00
CA VAL F 152 41.98 0.09 -35.27
C VAL F 152 41.18 -0.04 -33.97
N ARG F 153 41.82 -0.60 -32.94
CA ARG F 153 41.18 -0.86 -31.66
C ARG F 153 40.91 0.42 -30.86
N ASN F 154 41.87 1.35 -30.91
CA ASN F 154 41.76 2.59 -30.15
C ASN F 154 41.51 3.81 -31.04
N GLY F 155 41.03 3.56 -32.24
CA GLY F 155 40.64 4.65 -33.13
C GLY F 155 41.79 5.43 -33.74
N THR F 156 42.97 4.82 -33.79
CA THR F 156 44.17 5.47 -34.30
C THR F 156 44.37 5.17 -35.79
N TYR F 157 43.70 4.11 -36.26
CA TYR F 157 43.80 3.62 -37.64
C TYR F 157 43.95 4.70 -38.71
N ASP F 158 45.01 4.61 -39.50
CA ASP F 158 45.21 5.51 -40.63
C ASP F 158 44.76 4.85 -41.94
N TYR F 159 43.69 5.38 -42.53
CA TYR F 159 43.09 4.80 -43.73
C TYR F 159 43.87 5.05 -45.03
N PRO F 160 44.31 6.31 -45.28
CA PRO F 160 45.05 6.49 -46.53
C PRO F 160 46.38 5.73 -46.53
N GLN F 161 46.95 5.52 -45.35
CA GLN F 161 48.22 4.83 -45.20
C GLN F 161 48.18 3.39 -45.72
N TYR F 162 46.97 2.87 -45.92
CA TYR F 162 46.76 1.54 -46.46
C TYR F 162 45.75 1.51 -47.61
N SER F 163 45.30 2.68 -48.05
CA SER F 163 44.27 2.78 -49.10
C SER F 163 44.68 2.11 -50.42
N GLU F 164 45.86 2.48 -50.90
CA GLU F 164 46.35 2.04 -52.21
C GLU F 164 46.70 0.55 -52.28
N GLU F 165 47.44 0.05 -51.28
CA GLU F 165 47.80 -1.36 -51.19
C GLU F 165 46.55 -2.23 -51.30
N ALA F 166 45.48 -1.76 -50.68
CA ALA F 166 44.20 -2.45 -50.65
C ALA F 166 43.47 -2.35 -52.00
N ARG F 167 43.50 -1.17 -52.62
CA ARG F 167 42.86 -0.98 -53.92
C ARG F 167 43.45 -1.95 -54.94
N LEU F 168 44.76 -2.14 -54.86
CA LEU F 168 45.45 -3.04 -55.78
C LEU F 168 44.95 -4.47 -55.64
N LYS F 169 44.74 -4.91 -54.40
CA LYS F 169 44.33 -6.30 -54.14
C LYS F 169 42.93 -6.67 -54.62
N ARG F 170 41.98 -5.72 -54.61
CA ARG F 170 40.64 -6.00 -55.11
C ARG F 170 40.67 -6.00 -56.65
N GLU F 171 41.60 -5.24 -57.21
CA GLU F 171 41.78 -5.16 -58.65
C GLU F 171 42.63 -6.34 -59.16
N GLU F 172 43.55 -6.82 -58.33
CA GLU F 172 44.36 -7.98 -58.69
C GLU F 172 43.49 -9.22 -58.89
N ILE F 173 42.56 -9.43 -57.96
CA ILE F 173 41.65 -10.56 -58.06
C ILE F 173 40.60 -10.27 -59.14
N SER F 174 40.28 -8.99 -59.33
CA SER F 174 39.36 -8.55 -60.37
C SER F 174 40.10 -8.18 -61.67
N GLY F 175 41.21 -8.87 -61.94
CA GLY F 175 41.99 -8.63 -63.14
C GLY F 175 42.66 -9.89 -63.65
C1 NAG G . -40.15 17.19 18.49
C2 NAG G . -40.82 15.84 18.75
C3 NAG G . -41.76 15.44 17.60
C4 NAG G . -42.55 16.62 17.02
C5 NAG G . -41.70 17.88 16.93
C6 NAG G . -42.49 19.11 16.55
C7 NAG G . -39.69 14.18 20.14
C8 NAG G . -38.66 13.09 20.17
N2 NAG G . -39.84 14.80 18.97
O3 NAG G . -42.69 14.53 18.18
O4 NAG G . -42.97 16.25 15.71
O5 NAG G . -41.09 18.14 18.19
O6 NAG G . -43.54 19.40 17.46
O7 NAG G . -40.35 14.48 21.13
C1 FUL G . -43.00 13.36 17.41
C2 FUL G . -42.73 12.09 18.19
O2 FUL G . -43.05 12.22 19.59
C3 FUL G . -43.54 10.97 17.55
O3 FUL G . -43.20 9.72 18.15
C4 FUL G . -43.26 10.86 16.00
O4 FUL G . -42.08 10.09 15.76
C5 FUL G . -43.18 12.27 15.30
C6 FUL G . -42.54 12.25 13.92
O5 FUL G . -42.48 13.27 16.11
C1 NAG G . -44.40 16.35 15.55
C2 NAG G . -44.69 15.99 14.11
C3 NAG G . -46.18 16.17 13.81
C4 NAG G . -47.02 15.41 14.84
C5 NAG G . -46.59 15.76 16.26
C6 NAG G . -47.28 14.92 17.31
C7 NAG G . -42.85 16.28 12.52
C8 NAG G . -42.11 17.24 11.63
N2 NAG G . -43.89 16.79 13.19
O3 NAG G . -46.43 15.65 12.51
O4 NAG G . -48.41 15.72 14.68
O5 NAG G . -45.18 15.54 16.41
O6 NAG G . -46.80 15.22 18.61
O7 NAG G . -42.53 15.08 12.63
C1 FUC G . -44.62 19.95 16.68
C2 FUC G . -45.90 20.22 17.53
C3 FUC G . -45.75 21.51 18.35
C4 FUC G . -45.42 22.70 17.40
C5 FUC G . -44.11 22.39 16.65
C6 FUC G . -43.68 23.46 15.65
O2 FUC G . -46.27 19.09 18.36
O3 FUC G . -46.95 21.82 19.04
O4 FUC G . -46.50 22.90 16.46
O5 FUC G . -44.22 21.12 15.92
C1 GAL H . -20.14 28.38 50.46
C2 GAL H . -18.86 28.59 49.57
C3 GAL H . -17.54 28.50 50.41
C4 GAL H . -17.61 29.31 51.75
C5 GAL H . -19.00 29.10 52.45
C6 GAL H . -19.25 29.98 53.70
O1 GAL H . -21.37 28.51 49.72
O2 GAL H . -18.77 27.62 48.52
O3 GAL H . -16.40 29.02 49.70
O4 GAL H . -17.37 30.68 51.51
O5 GAL H . -20.12 29.32 51.55
O6 GAL H . -20.46 29.60 54.37
C1 NAG H . -15.48 27.94 49.42
C2 NAG H . -14.93 28.04 47.99
C3 NAG H . -13.96 26.89 47.71
C4 NAG H . -12.87 26.85 48.77
C5 NAG H . -13.51 26.73 50.15
C6 NAG H . -12.50 26.72 51.29
C7 NAG H . -16.57 29.20 46.57
C8 NAG H . -17.66 29.04 45.55
N2 NAG H . -16.01 28.07 47.01
O3 NAG H . -13.41 27.03 46.40
O4 NAG H . -11.97 25.75 48.56
O5 NAG H . -14.37 27.86 50.37
O6 NAG H . -11.66 27.87 51.29
O7 NAG H . -16.23 30.31 46.98
C1 GAL H . -10.82 26.19 47.82
C2 GAL H . -9.53 25.48 48.30
C3 GAL H . -8.30 25.79 47.39
C4 GAL H . -8.65 25.66 45.88
C5 GAL H . -9.92 26.47 45.63
C6 GAL H . -10.50 26.52 44.23
O2 GAL H . -9.20 25.88 49.61
O3 GAL H . -7.24 24.91 47.65
O4 GAL H . -8.85 24.30 45.54
O5 GAL H . -10.99 25.97 46.43
O6 GAL H . -11.49 27.54 44.25
C1 SIA H . -11.87 27.72 41.88
C2 SIA H . -12.51 27.44 43.23
C3 SIA H . -13.52 28.55 43.55
C4 SIA H . -14.75 28.46 42.67
C5 SIA H . -15.38 27.11 42.86
C6 SIA H . -14.39 26.02 42.52
C7 SIA H . -15.00 24.67 42.87
C8 SIA H . -14.03 23.55 42.62
C9 SIA H . -14.76 22.23 42.61
C10 SIA H . -17.69 26.49 42.43
C11 SIA H . -18.83 26.47 41.44
N5 SIA H . -16.55 27.03 42.00
O1A SIA H . -11.72 26.77 41.08
O1B SIA H . -11.52 28.90 41.60
O4 SIA H . -15.70 29.47 43.02
O6 SIA H . -13.12 26.15 43.20
O7 SIA H . -15.39 24.66 44.24
O8 SIA H . -13.35 23.75 41.37
O9 SIA H . -13.81 21.17 42.50
O10 SIA H . -17.78 26.03 43.54
C1 NAG I . -19.15 -28.87 31.01
C2 NAG I . -18.25 -28.61 32.19
C3 NAG I . -17.08 -29.58 32.21
C4 NAG I . -17.48 -31.02 31.93
C5 NAG I . -18.55 -31.15 30.85
C6 NAG I . -19.22 -32.51 30.82
C7 NAG I . -18.14 -26.32 33.07
C8 NAG I . -17.52 -24.95 32.91
N2 NAG I . -17.78 -27.24 32.17
O3 NAG I . -16.51 -29.50 33.52
O4 NAG I . -16.32 -31.69 31.44
O5 NAG I . -19.60 -30.19 31.05
O6 NAG I . -19.44 -33.00 32.14
O7 NAG I . -18.94 -26.58 33.98
C1 FUL I . -15.10 -29.24 33.54
C2 FUL I . -14.71 -27.81 33.94
O2 FUL I . -15.58 -27.24 34.96
C3 FUL I . -13.27 -27.90 34.44
O3 FUL I . -12.79 -26.60 34.82
C4 FUL I . -12.31 -28.51 33.33
O4 FUL I . -11.96 -27.54 32.36
C5 FUL I . -12.93 -29.76 32.63
C6 FUL I . -12.29 -30.10 31.27
O5 FUL I . -14.38 -29.65 32.40
C1 NAG I . -15.76 -32.70 32.32
C2 NAG I . -14.77 -33.48 31.49
C3 NAG I . -14.26 -34.67 32.30
C4 NAG I . -13.68 -34.20 33.63
C5 NAG I . -14.68 -33.31 34.37
C6 NAG I . -14.08 -32.68 35.61
C7 NAG I . -14.76 -33.87 29.06
C8 NAG I . -15.52 -34.41 27.90
N2 NAG I . -15.37 -33.94 30.25
O3 NAG I . -13.25 -35.34 31.56
O4 NAG I . -13.35 -35.32 34.45
O5 NAG I . -15.12 -32.24 33.52
O6 NAG I . -15.02 -31.90 36.35
O7 NAG I . -13.64 -33.38 28.93
C1 GAL J . -50.71 -2.53 35.23
C2 GAL J . -50.54 -2.48 33.70
C3 GAL J . -50.76 -1.04 33.14
C4 GAL J . -52.11 -0.38 33.71
C5 GAL J . -52.37 -0.74 35.22
C6 GAL J . -53.87 -0.57 35.64
O1 GAL J . -50.47 -3.85 35.76
O2 GAL J . -49.23 -2.92 33.29
O3 GAL J . -50.83 -1.02 31.67
O4 GAL J . -53.26 -0.74 32.95
O5 GAL J . -52.03 -2.11 35.57
O6 GAL J . -54.21 -1.31 36.83
C1 NAG J . -49.75 -0.28 31.02
C2 NAG J . -49.68 -0.78 29.57
C3 NAG J . -48.83 0.14 28.69
C4 NAG J . -49.19 1.62 28.89
C5 NAG J . -49.21 1.95 30.38
C6 NAG J . -49.71 3.35 30.62
C7 NAG J . -49.91 -3.24 29.59
C8 NAG J . -49.17 -4.54 29.53
N2 NAG J . -49.15 -2.13 29.51
O3 NAG J . -49.07 -0.22 27.34
O4 NAG J . -48.21 2.47 28.33
O5 NAG J . -50.11 1.08 31.05
O6 NAG J . -50.55 3.75 29.55
O7 NAG J . -51.12 -3.18 29.71
C1 GAL J . -48.24 2.71 26.90
C2 GAL J . -47.61 4.09 26.65
C3 GAL J . -47.42 4.35 25.14
C4 GAL J . -46.53 3.22 24.55
C5 GAL J . -47.19 1.88 24.87
C6 GAL J . -46.37 0.63 24.55
O2 GAL J . -48.38 5.14 27.23
O3 GAL J . -46.77 5.59 24.90
O4 GAL J . -45.22 3.24 25.14
O5 GAL J . -47.44 1.75 26.27
O6 GAL J . -47.06 -0.50 25.09
C1 SIA J . -45.60 -1.92 23.78
C2 SIA J . -46.30 -1.70 25.11
C3 SIA J . -47.25 -2.87 25.37
C4 SIA J . -46.56 -4.16 25.78
C5 SIA J . -45.61 -3.93 26.94
C6 SIA J . -44.68 -2.78 26.58
C7 SIA J . -43.72 -2.37 27.68
C8 SIA J . -42.93 -1.13 27.25
C9 SIA J . -41.85 -0.89 28.29
C10 SIA J . -44.46 -5.57 28.37
C11 SIA J . -43.64 -6.81 28.37
N5 SIA J . -44.82 -5.13 27.16
O1A SIA J . -46.30 -2.10 22.75
O1B SIA J . -44.35 -1.96 23.72
O4 SIA J . -47.55 -5.12 26.13
O6 SIA J . -45.34 -1.58 26.14
O7 SIA J . -44.49 -2.12 28.88
O8 SIA J . -42.38 -1.30 25.93
O9 SIA J . -40.72 -0.18 27.78
O10 SIA J . -44.79 -5.02 29.41
C1 NAG K . 5.13 15.08 44.27
C2 NAG K . 4.23 16.31 44.28
C3 NAG K . 5.06 17.60 44.12
C4 NAG K . 6.38 17.58 44.90
C5 NAG K . 7.04 16.20 44.99
C6 NAG K . 8.06 16.12 46.11
C7 NAG K . 1.91 16.07 43.52
C8 NAG K . 1.00 16.04 42.33
N2 NAG K . 3.22 16.24 43.25
O3 NAG K . 4.28 18.66 44.65
O4 NAG K . 7.31 18.39 44.19
O5 NAG K . 6.06 15.19 45.26
O6 NAG K . 7.79 17.05 47.15
O7 NAG K . 1.51 15.93 44.66
C1 FUL K . 3.97 19.73 43.73
C2 FUL K . 2.53 19.68 43.23
O2 FUL K . 1.59 19.39 44.28
C3 FUL K . 2.20 21.03 42.58
O3 FUL K . 0.90 20.98 41.98
C4 FUL K . 3.25 21.42 41.47
O4 FUL K . 3.01 20.68 40.29
C5 FUL K . 4.73 21.19 41.97
C6 FUL K . 5.79 21.22 40.86
O5 FUL K . 4.90 19.92 42.69
C1 NAG K . 7.68 19.64 44.81
C2 NAG K . 8.49 20.44 43.80
C3 NAG K . 8.98 21.75 44.42
C4 NAG K . 7.83 22.51 45.08
C5 NAG K . 7.02 21.59 45.99
C6 NAG K . 5.77 22.23 46.54
C7 NAG K . 9.72 19.25 42.04
C8 NAG K . 10.95 18.45 41.71
N2 NAG K . 9.61 19.66 43.31
O3 NAG K . 9.56 22.56 43.40
O4 NAG K . 8.33 23.58 45.87
O5 NAG K . 6.60 20.42 45.26
O6 NAG K . 4.92 21.27 47.15
O7 NAG K . 8.87 19.51 41.20
C1 GAL L . -14.47 -18.67 57.81
C2 GAL L . -13.24 -19.27 57.12
C3 GAL L . -13.69 -19.99 55.84
C4 GAL L . -14.56 -21.20 56.28
C5 GAL L . -15.72 -20.73 57.20
C6 GAL L . -16.47 -21.87 57.92
O1 GAL L . -14.10 -17.83 58.90
O2 GAL L . -12.25 -18.29 56.81
O3 GAL L . -12.61 -20.48 55.04
O4 GAL L . -13.77 -22.19 56.92
O5 GAL L . -15.33 -19.76 58.26
O6 GAL L . -17.84 -21.55 58.05
C1 NAG L . -12.98 -20.58 53.64
C2 NAG L . -11.75 -20.61 52.74
C3 NAG L . -12.19 -20.72 51.28
C4 NAG L . -13.07 -21.95 51.09
C5 NAG L . -14.26 -21.91 52.04
C6 NAG L . -15.04 -23.19 52.03
C7 NAG L . -9.61 -19.54 53.33
C8 NAG L . -8.87 -18.24 53.49
N2 NAG L . -10.89 -19.46 52.93
O3 NAG L . -11.05 -20.83 50.44
O4 NAG L . -13.57 -22.00 49.74
O5 NAG L . -13.79 -21.74 53.40
O6 NAG L . -14.15 -24.30 51.90
O7 NAG L . -9.07 -20.63 53.56
C1 GAL L . -12.95 -23.01 48.94
C2 GAL L . -13.98 -23.47 47.85
C3 GAL L . -13.36 -24.33 46.74
C4 GAL L . -12.10 -23.65 46.14
C5 GAL L . -11.14 -23.26 47.26
C6 GAL L . -9.99 -22.33 46.84
O2 GAL L . -15.10 -24.21 48.39
O3 GAL L . -14.29 -24.49 45.69
O4 GAL L . -12.47 -22.48 45.38
O5 GAL L . -11.76 -22.49 48.33
O6 GAL L . -9.46 -21.76 48.04
C1 SIA L . -7.67 -20.72 46.75
C2 SIA L . -8.62 -20.59 47.92
C3 SIA L . -7.80 -20.53 49.21
C4 SIA L . -7.29 -19.16 49.61
C5 SIA L . -8.31 -18.06 49.44
C6 SIA L . -8.96 -18.15 48.07
C7 SIA L . -10.07 -17.13 47.83
C8 SIA L . -10.77 -17.44 46.51
C9 SIA L . -11.30 -16.16 45.90
C10 SIA L . -8.17 -15.74 50.17
C11 SIA L . -7.44 -14.42 50.14
N5 SIA L . -7.65 -16.76 49.50
O1A SIA L . -6.79 -21.63 46.79
O1B SIA L . -7.81 -19.91 45.79
O4 SIA L . -6.89 -19.25 50.98
O6 SIA L . -9.45 -19.44 47.70
O7 SIA L . -11.04 -17.11 48.88
O8 SIA L . -9.88 -18.10 45.61
O9 SIA L . -12.29 -16.49 44.90
O10 SIA L . -9.21 -15.87 50.79
C1 NAG M . 25.65 14.39 -9.60
C2 NAG M . 26.76 13.81 -8.70
C3 NAG M . 26.71 14.43 -7.29
C4 NAG M . 26.66 15.95 -7.37
C5 NAG M . 25.51 16.39 -8.28
C6 NAG M . 25.43 17.88 -8.46
C7 NAG M . 27.52 11.53 -9.23
C8 NAG M . 27.25 10.07 -9.04
N2 NAG M . 26.67 12.36 -8.61
O3 NAG M . 27.83 14.01 -6.54
O4 NAG M . 26.47 16.52 -6.08
O5 NAG M . 25.70 15.83 -9.59
O6 NAG M . 26.06 18.58 -7.39
O7 NAG M . 28.45 11.95 -9.92
C1 NAG N . 14.17 -23.64 -15.50
C2 NAG N . 12.72 -24.17 -15.55
C3 NAG N . 12.23 -24.46 -14.13
C4 NAG N . 13.18 -25.41 -13.41
C5 NAG N . 14.59 -24.84 -13.42
C6 NAG N . 15.61 -25.79 -12.82
C7 NAG N . 10.72 -23.58 -16.86
C8 NAG N . 9.95 -22.47 -17.51
N2 NAG N . 11.85 -23.24 -16.23
O3 NAG N . 10.92 -25.03 -14.18
O4 NAG N . 12.74 -25.62 -12.08
O5 NAG N . 15.01 -24.59 -14.77
O6 NAG N . 16.89 -25.64 -13.39
O7 NAG N . 10.34 -24.75 -16.89
#